data_2BYZ
#
_entry.id   2BYZ
#
_cell.length_a   59.100
_cell.length_b   139.250
_cell.length_c   212.060
_cell.angle_alpha   90.00
_cell.angle_beta   90.00
_cell.angle_gamma   90.00
#
_symmetry.space_group_name_H-M   'P 21 21 21'
#
loop_
_entity.id
_entity.type
_entity.pdbx_description
1 polymer '3-OXOACYL-[ACYL-CARRIER-PROTEIN] SYNTHASE I'
2 non-polymer 'AMMONIUM ION'
3 non-polymer 'LAURIC ACID'
4 water water
#
_entity_poly.entity_id   1
_entity_poly.type   'polypeptide(L)'
_entity_poly.pdbx_seq_one_letter_code
;MRGSHHHHHHGSMKRAVITGLGIVSSIGNNQQEVLASLREGRSGITFSQELKDSGMRSHVWGNVKLDTTGLIDRKVVRFM
SDASIYAFLSMEQAIADAGLSPEAYQNNPRVGLIAGSGGGSPRFQVFGADAMRGPRGLKAVGPYVVTKAMASGVSACLAT
PFKIHGVNYSISSACATSAHCIGNAVEQIQLGKQDIVFAGGGEELCWEMACEFDAMGALSTKYNDTPEKASRTYDAHRDG
FVIAGGGGMVVVEELEHALARGAHIYAEIVGYGATSDGADMVAPSGEGAVRCMKMAMHGVDTPIDYLNSQGTSTPVGDVK
ELAAIREVFGDKSPAISATKAMTGHSLGAAGVQEAIYSLLMLEHGFIAPSINIEELDEQAAGLNIVTETTDRELTTVMSN
SFGFGGTNATLVMRKLKD
;
_entity_poly.pdbx_strand_id   A,B,C,D
#
loop_
_chem_comp.id
_chem_comp.type
_chem_comp.name
_chem_comp.formula
DAO non-polymer 'LAURIC ACID' 'C12 H24 O2'
NH4 non-polymer 'AMMONIUM ION' 'H4 N 1'
#
# COMPACT_ATOMS: atom_id res chain seq x y z
N MET A 13 -13.80 22.63 30.63
CA MET A 13 -15.18 23.01 30.23
C MET A 13 -16.23 21.97 30.64
N LYS A 14 -17.47 22.20 30.23
CA LYS A 14 -18.58 21.31 30.56
C LYS A 14 -18.36 19.90 30.01
N ARG A 15 -18.86 18.91 30.73
CA ARG A 15 -18.72 17.52 30.31
C ARG A 15 -20.08 17.03 29.81
N ALA A 16 -20.08 16.21 28.76
CA ALA A 16 -21.33 15.70 28.20
C ALA A 16 -21.44 14.18 28.36
N VAL A 17 -22.59 13.74 28.85
CA VAL A 17 -22.83 12.31 29.07
C VAL A 17 -24.13 11.86 28.39
N ILE A 18 -24.23 10.56 28.14
CA ILE A 18 -25.44 10.00 27.52
C ILE A 18 -26.29 9.43 28.64
N THR A 19 -27.53 9.90 28.73
CA THR A 19 -28.44 9.47 29.79
C THR A 19 -29.66 8.71 29.30
N GLY A 20 -29.77 8.52 28.00
CA GLY A 20 -30.91 7.80 27.48
C GLY A 20 -30.67 7.43 26.03
N LEU A 21 -31.26 6.34 25.60
CA LEU A 21 -31.11 5.93 24.22
C LEU A 21 -32.38 5.30 23.69
N GLY A 22 -32.50 5.28 22.36
CA GLY A 22 -33.68 4.73 21.73
C GLY A 22 -33.27 4.26 20.36
N ILE A 23 -33.85 3.18 19.88
CA ILE A 23 -33.44 2.68 18.59
C ILE A 23 -34.48 1.84 17.86
N VAL A 24 -34.50 1.96 16.54
CA VAL A 24 -35.38 1.20 15.66
C VAL A 24 -34.42 0.74 14.58
N SER A 25 -34.06 -0.53 14.61
CA SER A 25 -33.11 -1.05 13.63
C SER A 25 -33.48 -2.41 13.09
N SER A 26 -32.74 -2.84 12.08
CA SER A 26 -32.97 -4.14 11.45
C SER A 26 -32.78 -5.29 12.44
N ILE A 27 -32.14 -5.02 13.58
CA ILE A 27 -31.93 -6.07 14.57
C ILE A 27 -32.68 -5.87 15.88
N GLY A 28 -33.66 -4.98 15.88
CA GLY A 28 -34.42 -4.74 17.11
C GLY A 28 -35.17 -3.42 17.14
N ASN A 29 -36.34 -3.43 17.78
CA ASN A 29 -37.17 -2.24 17.88
C ASN A 29 -37.05 -1.52 19.23
N ASN A 30 -36.08 -1.94 20.03
CA ASN A 30 -35.79 -1.31 21.32
C ASN A 30 -34.44 -1.84 21.77
N GLN A 31 -33.87 -1.25 22.81
CA GLN A 31 -32.54 -1.69 23.25
C GLN A 31 -32.45 -3.12 23.76
N GLN A 32 -33.55 -3.68 24.24
CA GLN A 32 -33.55 -5.06 24.71
C GLN A 32 -33.45 -6.03 23.53
N GLU A 33 -34.23 -5.79 22.48
CA GLU A 33 -34.21 -6.65 21.32
C GLU A 33 -32.85 -6.56 20.64
N VAL A 34 -32.30 -5.35 20.60
CA VAL A 34 -30.99 -5.11 20.00
C VAL A 34 -29.90 -5.82 20.79
N LEU A 35 -29.97 -5.71 22.12
CA LEU A 35 -28.98 -6.34 22.98
C LEU A 35 -28.91 -7.84 22.66
N ALA A 36 -30.07 -8.47 22.58
CA ALA A 36 -30.15 -9.90 22.30
C ALA A 36 -29.54 -10.24 20.95
N SER A 37 -29.86 -9.46 19.91
CA SER A 37 -29.32 -9.72 18.58
C SER A 37 -27.80 -9.63 18.57
N LEU A 38 -27.26 -8.62 19.24
CA LEU A 38 -25.81 -8.42 19.29
C LEU A 38 -25.09 -9.57 19.99
N ARG A 39 -25.65 -10.04 21.11
CA ARG A 39 -25.04 -11.14 21.84
C ARG A 39 -25.09 -12.42 21.03
N GLU A 40 -26.15 -12.58 20.24
CA GLU A 40 -26.33 -13.78 19.45
C GLU A 40 -25.75 -13.73 18.04
N GLY A 41 -25.26 -12.56 17.64
CA GLY A 41 -24.71 -12.41 16.31
C GLY A 41 -25.81 -12.63 15.28
N ARG A 42 -27.03 -12.21 15.61
CA ARG A 42 -28.18 -12.36 14.73
C ARG A 42 -28.24 -11.34 13.60
N SER A 43 -28.38 -11.85 12.38
CA SER A 43 -28.47 -10.99 11.21
C SER A 43 -29.84 -10.34 11.09
N GLY A 44 -29.87 -9.10 10.61
CA GLY A 44 -31.13 -8.42 10.43
C GLY A 44 -31.41 -8.23 8.95
N ILE A 45 -30.65 -8.93 8.11
CA ILE A 45 -30.79 -8.82 6.66
C ILE A 45 -31.76 -9.85 6.07
N THR A 46 -32.59 -9.39 5.14
CA THR A 46 -33.56 -10.27 4.49
C THR A 46 -33.63 -10.02 3.00
N PHE A 47 -34.30 -10.92 2.28
CA PHE A 47 -34.46 -10.78 0.84
C PHE A 47 -35.52 -9.69 0.59
N SER A 48 -35.30 -8.84 -0.41
CA SER A 48 -36.24 -7.78 -0.71
C SER A 48 -36.83 -7.91 -2.11
N GLN A 49 -38.11 -8.24 -2.18
CA GLN A 49 -38.77 -8.38 -3.48
C GLN A 49 -38.83 -6.99 -4.12
N GLU A 50 -38.97 -5.97 -3.28
CA GLU A 50 -39.05 -4.59 -3.78
C GLU A 50 -37.79 -4.23 -4.57
N LEU A 51 -36.63 -4.51 -4.00
CA LEU A 51 -35.39 -4.19 -4.69
C LEU A 51 -35.28 -4.99 -6.00
N LYS A 52 -35.61 -6.28 -5.94
CA LYS A 52 -35.55 -7.11 -7.15
C LYS A 52 -36.50 -6.58 -8.23
N ASP A 53 -37.75 -6.31 -7.87
CA ASP A 53 -38.73 -5.81 -8.82
C ASP A 53 -38.33 -4.47 -9.44
N SER A 54 -37.51 -3.70 -8.73
CA SER A 54 -37.08 -2.38 -9.22
C SER A 54 -36.03 -2.46 -10.32
N GLY A 55 -35.46 -3.64 -10.53
CA GLY A 55 -34.45 -3.82 -11.55
C GLY A 55 -33.03 -3.79 -11.03
N MET A 56 -32.89 -3.79 -9.71
CA MET A 56 -31.58 -3.77 -9.07
C MET A 56 -30.90 -5.13 -9.11
N ARG A 57 -29.60 -5.14 -8.83
CA ARG A 57 -28.80 -6.36 -8.80
C ARG A 57 -28.70 -6.82 -7.36
N SER A 58 -28.79 -5.87 -6.43
CA SER A 58 -28.75 -6.16 -5.00
C SER A 58 -30.19 -6.39 -4.56
N HIS A 59 -30.47 -7.58 -4.02
CA HIS A 59 -31.82 -7.94 -3.59
C HIS A 59 -31.91 -8.21 -2.09
N VAL A 60 -31.06 -7.55 -1.31
CA VAL A 60 -31.07 -7.74 0.13
C VAL A 60 -31.02 -6.42 0.87
N TRP A 61 -31.58 -6.38 2.08
CA TRP A 61 -31.56 -5.15 2.87
C TRP A 61 -31.83 -5.40 4.35
N GLY A 62 -31.44 -4.42 5.16
CA GLY A 62 -31.68 -4.51 6.59
C GLY A 62 -32.94 -3.68 6.82
N ASN A 63 -34.09 -4.35 6.80
CA ASN A 63 -35.37 -3.68 6.98
C ASN A 63 -35.86 -3.61 8.43
N VAL A 64 -36.63 -2.58 8.74
CA VAL A 64 -37.19 -2.45 10.08
C VAL A 64 -38.40 -3.37 10.07
N LYS A 65 -38.41 -4.34 10.97
CA LYS A 65 -39.52 -5.29 11.06
C LYS A 65 -40.54 -4.73 12.03
N LEU A 66 -41.38 -3.81 11.56
CA LEU A 66 -42.37 -3.23 12.43
C LEU A 66 -43.33 -2.36 11.63
N ASP A 67 -44.61 -2.47 11.95
CA ASP A 67 -45.62 -1.67 11.27
C ASP A 67 -45.83 -0.45 12.16
N THR A 68 -45.36 0.70 11.69
CA THR A 68 -45.46 1.95 12.45
C THR A 68 -46.84 2.59 12.44
N THR A 69 -47.75 2.00 11.69
CA THR A 69 -49.11 2.53 11.59
C THR A 69 -49.76 2.78 12.95
N GLY A 70 -50.23 4.00 13.17
CA GLY A 70 -50.89 4.33 14.42
C GLY A 70 -50.01 4.52 15.65
N LEU A 71 -48.69 4.49 15.48
CA LEU A 71 -47.81 4.67 16.62
C LEU A 71 -47.57 6.15 16.88
N ILE A 72 -47.93 6.98 15.90
CA ILE A 72 -47.76 8.43 16.02
C ILE A 72 -49.08 9.13 15.71
N ASP A 73 -49.41 10.17 16.46
CA ASP A 73 -50.65 10.91 16.23
C ASP A 73 -50.81 11.24 14.74
N ARG A 74 -52.02 11.02 14.22
CA ARG A 74 -52.32 11.28 12.82
C ARG A 74 -51.94 12.67 12.32
N LYS A 75 -52.22 13.69 13.13
CA LYS A 75 -51.92 15.06 12.75
C LYS A 75 -50.43 15.36 12.78
N VAL A 76 -49.67 14.46 13.39
CA VAL A 76 -48.23 14.63 13.48
C VAL A 76 -47.52 13.86 12.38
N VAL A 77 -47.87 12.58 12.24
CA VAL A 77 -47.24 11.73 11.24
C VAL A 77 -47.57 12.12 9.80
N ARG A 78 -48.60 12.92 9.60
CA ARG A 78 -48.97 13.33 8.26
C ARG A 78 -47.88 14.17 7.59
N PHE A 79 -47.00 14.78 8.38
CA PHE A 79 -45.91 15.59 7.84
C PHE A 79 -44.60 14.78 7.71
N MET A 80 -44.58 13.56 8.22
CA MET A 80 -43.36 12.76 8.25
C MET A 80 -43.09 11.67 7.21
N SER A 81 -41.81 11.50 6.90
CA SER A 81 -41.36 10.46 5.98
C SER A 81 -40.87 9.34 6.91
N ASP A 82 -40.44 8.21 6.37
CA ASP A 82 -39.96 7.10 7.21
C ASP A 82 -38.77 7.47 8.08
N ALA A 83 -37.83 8.25 7.54
CA ALA A 83 -36.67 8.63 8.33
C ALA A 83 -37.13 9.29 9.63
N SER A 84 -38.08 10.21 9.50
CA SER A 84 -38.60 10.93 10.67
C SER A 84 -39.38 10.02 11.61
N ILE A 85 -40.14 9.08 11.05
CA ILE A 85 -40.91 8.15 11.87
C ILE A 85 -39.95 7.34 12.75
N TYR A 86 -38.94 6.74 12.13
CA TYR A 86 -37.95 5.94 12.86
C TYR A 86 -37.26 6.77 13.96
N ALA A 87 -36.87 8.00 13.63
CA ALA A 87 -36.20 8.84 14.61
C ALA A 87 -37.17 9.22 15.73
N PHE A 88 -38.42 9.53 15.37
CA PHE A 88 -39.45 9.90 16.34
C PHE A 88 -39.67 8.80 17.38
N LEU A 89 -39.82 7.58 16.91
CA LEU A 89 -40.02 6.44 17.78
C LEU A 89 -38.78 6.23 18.64
N SER A 90 -37.60 6.45 18.05
CA SER A 90 -36.35 6.29 18.80
C SER A 90 -36.29 7.34 19.90
N MET A 91 -36.74 8.56 19.60
CA MET A 91 -36.71 9.62 20.59
C MET A 91 -37.68 9.35 21.73
N GLU A 92 -38.85 8.76 21.41
CA GLU A 92 -39.79 8.44 22.48
C GLU A 92 -39.12 7.50 23.46
N GLN A 93 -38.43 6.50 22.92
CA GLN A 93 -37.72 5.53 23.74
C GLN A 93 -36.65 6.20 24.60
N ALA A 94 -35.86 7.07 23.97
CA ALA A 94 -34.77 7.77 24.64
C ALA A 94 -35.27 8.65 25.80
N ILE A 95 -36.39 9.33 25.56
CA ILE A 95 -36.99 10.18 26.58
C ILE A 95 -37.38 9.35 27.79
N ALA A 96 -38.04 8.23 27.53
CA ALA A 96 -38.46 7.33 28.61
C ALA A 96 -37.24 6.74 29.31
N ASP A 97 -36.25 6.33 28.55
CA ASP A 97 -35.04 5.74 29.11
C ASP A 97 -34.28 6.74 29.99
N ALA A 98 -34.32 8.02 29.62
CA ALA A 98 -33.65 9.07 30.39
C ALA A 98 -34.53 9.53 31.55
N GLY A 99 -35.76 9.05 31.59
CA GLY A 99 -36.67 9.42 32.66
C GLY A 99 -37.02 10.90 32.65
N LEU A 100 -37.16 11.47 31.45
CA LEU A 100 -37.49 12.88 31.33
C LEU A 100 -38.99 13.10 31.17
N SER A 101 -39.60 13.80 32.12
CA SER A 101 -41.02 14.09 32.06
C SER A 101 -41.21 15.27 31.11
N PRO A 102 -42.44 15.47 30.61
CA PRO A 102 -42.70 16.58 29.69
C PRO A 102 -42.25 17.93 30.26
N GLU A 103 -42.60 18.17 31.52
CA GLU A 103 -42.26 19.43 32.18
C GLU A 103 -40.75 19.61 32.29
N ALA A 104 -40.01 18.52 32.19
CA ALA A 104 -38.55 18.58 32.30
C ALA A 104 -37.82 18.96 31.01
N TYR A 105 -38.38 18.59 29.86
CA TYR A 105 -37.71 18.88 28.60
C TYR A 105 -38.47 19.73 27.58
N GLN A 106 -39.79 19.81 27.72
CA GLN A 106 -40.61 20.59 26.78
C GLN A 106 -40.63 22.08 27.10
N ASN A 107 -40.80 22.89 26.06
CA ASN A 107 -40.86 24.35 26.19
C ASN A 107 -39.70 24.85 27.05
N ASN A 108 -38.53 24.28 26.83
CA ASN A 108 -37.34 24.64 27.59
C ASN A 108 -36.22 25.11 26.66
N PRO A 109 -35.88 26.39 26.72
CA PRO A 109 -34.82 26.98 25.88
C PRO A 109 -33.47 26.28 25.97
N ARG A 110 -33.22 25.57 27.08
CA ARG A 110 -31.94 24.89 27.23
C ARG A 110 -31.96 23.42 26.81
N VAL A 111 -33.03 23.03 26.15
CA VAL A 111 -33.18 21.67 25.65
C VAL A 111 -33.34 21.77 24.14
N GLY A 112 -32.43 21.14 23.40
CA GLY A 112 -32.49 21.20 21.96
C GLY A 112 -32.50 19.84 21.27
N LEU A 113 -32.42 19.86 19.95
CA LEU A 113 -32.44 18.63 19.16
C LEU A 113 -31.63 18.76 17.88
N ILE A 114 -30.68 17.84 17.69
CA ILE A 114 -29.85 17.82 16.51
C ILE A 114 -29.88 16.41 15.96
N ALA A 115 -30.56 16.24 14.83
CA ALA A 115 -30.71 14.94 14.22
C ALA A 115 -30.97 15.10 12.74
N GLY A 116 -30.44 14.19 11.93
CA GLY A 116 -30.67 14.30 10.50
C GLY A 116 -30.70 12.97 9.79
N SER A 117 -30.69 13.04 8.46
CA SER A 117 -30.70 11.86 7.63
C SER A 117 -29.71 12.08 6.49
N GLY A 118 -29.38 11.01 5.80
CA GLY A 118 -28.45 11.11 4.69
C GLY A 118 -29.05 11.66 3.41
N GLY A 119 -30.27 11.24 3.09
CA GLY A 119 -30.89 11.73 1.87
C GLY A 119 -32.32 12.21 1.99
N GLY A 120 -32.71 12.65 3.17
CA GLY A 120 -34.08 13.14 3.37
C GLY A 120 -35.08 12.05 3.04
N SER A 121 -35.80 12.23 1.93
CA SER A 121 -36.75 11.21 1.51
C SER A 121 -36.87 11.11 0.01
N PRO A 122 -36.04 10.28 -0.61
CA PRO A 122 -36.13 10.14 -2.06
C PRO A 122 -37.51 9.66 -2.46
N ARG A 123 -38.11 8.79 -1.63
CA ARG A 123 -39.44 8.28 -1.96
C ARG A 123 -40.47 9.39 -2.14
N PHE A 124 -40.52 10.34 -1.21
CA PHE A 124 -41.50 11.41 -1.37
C PHE A 124 -41.11 12.48 -2.38
N GLN A 125 -39.82 12.58 -2.72
CA GLN A 125 -39.41 13.54 -3.73
C GLN A 125 -39.91 12.98 -5.06
N VAL A 126 -39.70 11.68 -5.26
CA VAL A 126 -40.13 11.03 -6.48
C VAL A 126 -41.66 10.99 -6.55
N PHE A 127 -42.29 10.83 -5.39
CA PHE A 127 -43.74 10.81 -5.31
C PHE A 127 -44.32 12.12 -5.83
N GLY A 128 -43.80 13.23 -5.31
CA GLY A 128 -44.27 14.54 -5.71
C GLY A 128 -44.15 14.76 -7.22
N ALA A 129 -42.98 14.45 -7.77
CA ALA A 129 -42.74 14.63 -9.20
C ALA A 129 -43.63 13.72 -10.05
N ASP A 130 -43.85 12.50 -9.56
CA ASP A 130 -44.70 11.54 -10.26
C ASP A 130 -46.15 12.02 -10.28
N ALA A 131 -46.64 12.46 -9.12
CA ALA A 131 -48.01 12.95 -9.00
C ALA A 131 -48.22 14.22 -9.82
N MET A 132 -47.25 15.12 -9.75
CA MET A 132 -47.33 16.38 -10.47
C MET A 132 -47.48 16.16 -11.96
N ARG A 133 -46.86 15.10 -12.46
CA ARG A 133 -46.91 14.78 -13.89
C ARG A 133 -48.14 13.97 -14.29
N GLY A 134 -48.98 13.66 -13.31
CA GLY A 134 -50.20 12.91 -13.57
C GLY A 134 -51.38 13.78 -13.95
N PRO A 135 -52.57 13.18 -14.11
CA PRO A 135 -53.78 13.92 -14.48
C PRO A 135 -54.36 14.82 -13.38
N ARG A 136 -53.89 14.62 -12.15
CA ARG A 136 -54.35 15.41 -11.01
C ARG A 136 -53.45 16.61 -10.71
N GLY A 137 -52.20 16.53 -11.13
CA GLY A 137 -51.27 17.62 -10.91
C GLY A 137 -51.12 17.96 -9.43
N LEU A 138 -51.14 19.25 -9.11
CA LEU A 138 -50.99 19.72 -7.74
C LEU A 138 -51.87 19.00 -6.72
N LYS A 139 -53.09 18.65 -7.11
CA LYS A 139 -54.02 17.96 -6.23
C LYS A 139 -53.50 16.59 -5.79
N ALA A 140 -52.74 15.92 -6.66
CA ALA A 140 -52.20 14.61 -6.31
C ALA A 140 -51.02 14.75 -5.37
N VAL A 141 -50.27 15.83 -5.52
CA VAL A 141 -49.10 16.07 -4.69
C VAL A 141 -49.48 16.24 -3.22
N GLY A 142 -50.45 17.10 -2.95
CA GLY A 142 -50.85 17.33 -1.58
C GLY A 142 -49.93 18.34 -0.91
N PRO A 143 -50.30 18.85 0.26
CA PRO A 143 -49.50 19.84 0.99
C PRO A 143 -48.54 19.32 2.06
N TYR A 144 -48.18 18.03 1.99
CA TYR A 144 -47.28 17.48 2.99
C TYR A 144 -45.94 16.99 2.47
N VAL A 145 -45.73 17.10 1.17
CA VAL A 145 -44.49 16.62 0.58
C VAL A 145 -43.21 17.36 1.00
N VAL A 146 -43.30 18.66 1.20
CA VAL A 146 -42.12 19.44 1.58
C VAL A 146 -41.50 18.99 2.91
N THR A 147 -42.31 18.86 3.95
CA THR A 147 -41.80 18.45 5.24
C THR A 147 -41.29 17.02 5.24
N LYS A 148 -41.77 16.21 4.30
CA LYS A 148 -41.31 14.83 4.22
C LYS A 148 -40.01 14.72 3.42
N ALA A 149 -39.94 15.46 2.31
CA ALA A 149 -38.77 15.42 1.43
C ALA A 149 -37.57 16.29 1.78
N MET A 150 -37.77 17.41 2.47
CA MET A 150 -36.65 18.29 2.82
C MET A 150 -35.60 17.59 3.67
N ALA A 151 -34.34 18.04 3.52
CA ALA A 151 -33.23 17.44 4.23
C ALA A 151 -33.32 17.51 5.75
N SER A 152 -33.98 18.54 6.27
CA SER A 152 -34.11 18.72 7.70
C SER A 152 -35.37 18.05 8.26
N GLY A 153 -36.01 17.25 7.44
CA GLY A 153 -37.22 16.56 7.86
C GLY A 153 -37.14 15.94 9.24
N VAL A 154 -36.05 15.21 9.49
CA VAL A 154 -35.86 14.54 10.78
C VAL A 154 -35.84 15.48 11.99
N SER A 155 -35.19 16.62 11.87
CA SER A 155 -35.18 17.55 13.00
C SER A 155 -36.50 18.31 13.11
N ALA A 156 -37.00 18.80 11.98
CA ALA A 156 -38.25 19.55 11.95
C ALA A 156 -39.45 18.77 12.50
N CYS A 157 -39.56 17.52 12.07
CA CYS A 157 -40.66 16.65 12.48
C CYS A 157 -40.60 16.16 13.92
N LEU A 158 -39.47 16.38 14.59
CA LEU A 158 -39.34 15.94 15.97
C LEU A 158 -39.39 17.14 16.91
N ALA A 159 -38.66 18.20 16.56
CA ALA A 159 -38.62 19.41 17.38
C ALA A 159 -40.00 19.98 17.63
N THR A 160 -40.83 20.02 16.58
CA THR A 160 -42.18 20.57 16.69
C THR A 160 -43.08 19.78 17.66
N PRO A 161 -43.29 18.47 17.41
CA PRO A 161 -44.15 17.72 18.33
C PRO A 161 -43.60 17.55 19.75
N PHE A 162 -42.30 17.44 19.92
CA PHE A 162 -41.76 17.29 21.27
C PHE A 162 -41.61 18.61 22.01
N LYS A 163 -42.14 19.68 21.43
CA LYS A 163 -42.08 21.01 22.05
C LYS A 163 -40.66 21.46 22.39
N ILE A 164 -39.73 21.23 21.47
CA ILE A 164 -38.34 21.62 21.68
C ILE A 164 -38.19 23.13 21.47
N HIS A 165 -37.55 23.82 22.42
CA HIS A 165 -37.35 25.27 22.31
C HIS A 165 -35.89 25.67 22.12
N GLY A 166 -34.98 24.74 22.34
CA GLY A 166 -33.57 25.05 22.18
C GLY A 166 -33.11 24.96 20.75
N VAL A 167 -31.91 24.43 20.55
CA VAL A 167 -31.35 24.31 19.21
C VAL A 167 -32.21 23.34 18.38
N ASN A 168 -32.32 23.59 17.09
CA ASN A 168 -33.14 22.74 16.24
C ASN A 168 -32.70 22.76 14.79
N TYR A 169 -31.98 21.72 14.38
CA TYR A 169 -31.53 21.58 13.00
C TYR A 169 -30.93 20.21 12.78
N SER A 170 -30.63 19.92 11.52
CA SER A 170 -30.06 18.64 11.13
C SER A 170 -28.65 18.82 10.61
N ILE A 171 -27.81 17.83 10.87
CA ILE A 171 -26.47 17.88 10.33
C ILE A 171 -26.49 16.74 9.32
N SER A 172 -26.02 17.02 8.12
CA SER A 172 -25.99 16.01 7.06
C SER A 172 -24.56 15.83 6.64
N SER A 173 -24.14 14.57 6.52
CA SER A 173 -22.79 14.26 6.11
C SER A 173 -22.75 12.81 5.68
N ALA A 174 -23.67 12.45 4.80
CA ALA A 174 -23.74 11.11 4.27
C ALA A 174 -23.75 10.08 5.40
N CYS A 175 -22.87 9.09 5.31
CA CYS A 175 -22.81 8.04 6.32
C CYS A 175 -22.22 8.43 7.67
N ALA A 176 -21.89 9.71 7.86
CA ALA A 176 -21.33 10.16 9.14
C ALA A 176 -22.36 11.05 9.84
N THR A 177 -23.44 11.33 9.13
CA THR A 177 -24.53 12.18 9.60
C THR A 177 -24.89 12.14 11.09
N SER A 178 -25.42 11.03 11.58
CA SER A 178 -25.82 10.98 12.97
C SER A 178 -24.65 11.02 13.95
N ALA A 179 -23.45 10.71 13.45
CA ALA A 179 -22.27 10.76 14.30
C ALA A 179 -21.92 12.24 14.53
N HIS A 180 -21.99 13.05 13.48
CA HIS A 180 -21.71 14.47 13.62
C HIS A 180 -22.83 15.12 14.45
N CYS A 181 -24.05 14.60 14.35
CA CYS A 181 -25.15 15.16 15.12
C CYS A 181 -24.82 15.02 16.60
N ILE A 182 -24.36 13.85 17.00
CA ILE A 182 -24.01 13.61 18.40
C ILE A 182 -22.86 14.52 18.83
N GLY A 183 -21.85 14.63 17.98
CA GLY A 183 -20.71 15.47 18.29
C GLY A 183 -21.08 16.94 18.43
N ASN A 184 -21.99 17.40 17.58
CA ASN A 184 -22.42 18.79 17.64
C ASN A 184 -23.18 19.01 18.94
N ALA A 185 -23.96 18.02 19.35
CA ALA A 185 -24.71 18.12 20.60
C ALA A 185 -23.73 18.29 21.75
N VAL A 186 -22.63 17.55 21.72
CA VAL A 186 -21.63 17.66 22.78
C VAL A 186 -21.11 19.10 22.78
N GLU A 187 -20.89 19.65 21.59
CA GLU A 187 -20.39 21.02 21.48
C GLU A 187 -21.35 22.03 22.10
N GLN A 188 -22.65 21.83 21.91
CA GLN A 188 -23.63 22.75 22.50
C GLN A 188 -23.52 22.73 24.02
N ILE A 189 -23.28 21.54 24.56
CA ILE A 189 -23.13 21.42 26.00
C ILE A 189 -21.83 22.06 26.46
N GLN A 190 -20.76 21.83 25.69
CA GLN A 190 -19.45 22.39 26.03
C GLN A 190 -19.47 23.91 25.96
N LEU A 191 -20.26 24.45 25.05
CA LEU A 191 -20.38 25.91 24.90
C LEU A 191 -21.30 26.49 25.97
N GLY A 192 -21.88 25.60 26.78
CA GLY A 192 -22.78 26.03 27.83
C GLY A 192 -24.10 26.56 27.31
N LYS A 193 -24.41 26.28 26.05
CA LYS A 193 -25.64 26.74 25.44
C LYS A 193 -26.86 25.86 25.72
N GLN A 194 -26.64 24.59 26.01
CA GLN A 194 -27.75 23.66 26.28
C GLN A 194 -27.39 22.70 27.41
N ASP A 195 -28.41 22.23 28.13
CA ASP A 195 -28.20 21.28 29.21
C ASP A 195 -28.50 19.88 28.66
N ILE A 196 -29.39 19.83 27.68
CA ILE A 196 -29.76 18.57 27.07
C ILE A 196 -29.96 18.77 25.59
N VAL A 197 -29.47 17.82 24.80
CA VAL A 197 -29.66 17.85 23.36
C VAL A 197 -29.91 16.42 22.91
N PHE A 198 -31.06 16.20 22.29
CA PHE A 198 -31.40 14.88 21.76
C PHE A 198 -30.67 14.83 20.42
N ALA A 199 -29.87 13.79 20.22
CA ALA A 199 -29.11 13.67 19.00
C ALA A 199 -29.24 12.29 18.37
N GLY A 200 -29.31 12.26 17.04
CA GLY A 200 -29.43 10.99 16.36
C GLY A 200 -29.82 11.19 14.91
N GLY A 201 -30.65 10.31 14.40
CA GLY A 201 -31.06 10.42 13.02
C GLY A 201 -31.91 9.26 12.58
N GLY A 202 -32.33 9.29 11.32
CA GLY A 202 -33.13 8.22 10.78
C GLY A 202 -32.87 8.15 9.29
N GLU A 203 -33.26 7.06 8.67
CA GLU A 203 -33.08 6.90 7.24
C GLU A 203 -34.13 5.95 6.71
N GLU A 204 -34.78 6.32 5.62
CA GLU A 204 -35.80 5.43 5.05
C GLU A 204 -35.09 4.37 4.21
N LEU A 205 -35.83 3.32 3.87
CA LEU A 205 -35.31 2.22 3.07
C LEU A 205 -36.24 2.09 1.87
N CYS A 206 -35.71 2.29 0.68
CA CYS A 206 -36.55 2.24 -0.52
C CYS A 206 -35.71 2.02 -1.76
N TRP A 207 -36.30 1.46 -2.82
CA TRP A 207 -35.53 1.24 -4.05
C TRP A 207 -35.15 2.58 -4.66
N GLU A 208 -35.97 3.61 -4.46
CA GLU A 208 -35.70 4.94 -5.02
C GLU A 208 -34.29 5.41 -4.65
N MET A 209 -33.87 5.13 -3.42
CA MET A 209 -32.55 5.53 -2.96
C MET A 209 -31.52 4.44 -3.19
N ALA A 210 -31.90 3.20 -2.93
CA ALA A 210 -30.99 2.07 -3.09
C ALA A 210 -30.45 1.89 -4.50
N CYS A 211 -31.29 2.09 -5.52
CA CYS A 211 -30.82 1.89 -6.89
C CYS A 211 -29.65 2.78 -7.25
N GLU A 212 -29.58 3.98 -6.67
CA GLU A 212 -28.48 4.90 -6.93
C GLU A 212 -27.15 4.33 -6.46
N PHE A 213 -27.19 3.59 -5.36
CA PHE A 213 -25.98 2.97 -4.80
C PHE A 213 -25.60 1.75 -5.64
N ASP A 214 -26.61 1.04 -6.13
CA ASP A 214 -26.37 -0.13 -6.96
C ASP A 214 -25.72 0.35 -8.27
N ALA A 215 -26.22 1.47 -8.81
CA ALA A 215 -25.68 2.01 -10.04
C ALA A 215 -24.19 2.38 -9.90
N MET A 216 -23.73 2.52 -8.65
CA MET A 216 -22.34 2.83 -8.35
C MET A 216 -21.53 1.55 -8.16
N GLY A 217 -22.24 0.45 -7.94
CA GLY A 217 -21.59 -0.83 -7.72
C GLY A 217 -21.16 -0.96 -6.27
N ALA A 218 -21.78 -0.19 -5.39
CA ALA A 218 -21.44 -0.20 -3.97
C ALA A 218 -22.17 -1.24 -3.13
N LEU A 219 -23.26 -1.80 -3.66
CA LEU A 219 -24.04 -2.80 -2.93
C LEU A 219 -23.68 -4.24 -3.28
N SER A 220 -23.83 -5.12 -2.31
CA SER A 220 -23.57 -6.55 -2.49
C SER A 220 -24.59 -7.09 -3.49
N THR A 221 -24.15 -7.97 -4.39
CA THR A 221 -25.06 -8.55 -5.39
C THR A 221 -24.86 -10.05 -5.63
N LYS A 222 -23.80 -10.62 -5.05
CA LYS A 222 -23.52 -12.03 -5.26
C LYS A 222 -24.06 -12.97 -4.20
N TYR A 223 -24.77 -12.43 -3.21
CA TYR A 223 -25.31 -13.26 -2.13
C TYR A 223 -26.82 -13.16 -1.93
N ASN A 224 -27.54 -12.84 -3.01
CA ASN A 224 -29.00 -12.69 -2.93
C ASN A 224 -29.72 -13.97 -2.47
N ASP A 225 -29.13 -15.13 -2.74
CA ASP A 225 -29.74 -16.40 -2.32
C ASP A 225 -29.54 -16.70 -0.84
N THR A 226 -28.57 -16.02 -0.22
CA THR A 226 -28.28 -16.19 1.20
C THR A 226 -28.12 -14.81 1.83
N PRO A 227 -29.24 -14.06 1.94
CA PRO A 227 -29.29 -12.71 2.51
C PRO A 227 -28.46 -12.47 3.79
N GLU A 228 -28.54 -13.39 4.73
CA GLU A 228 -27.83 -13.22 5.99
C GLU A 228 -26.31 -13.31 5.87
N LYS A 229 -25.82 -13.68 4.69
CA LYS A 229 -24.38 -13.80 4.48
C LYS A 229 -23.80 -12.75 3.54
N ALA A 230 -24.65 -11.90 2.99
CA ALA A 230 -24.25 -10.84 2.06
C ALA A 230 -23.31 -9.82 2.70
N SER A 231 -23.63 -9.39 3.92
CA SER A 231 -22.80 -8.42 4.65
C SER A 231 -21.74 -9.24 5.39
N ARG A 232 -20.49 -9.12 4.93
CA ARG A 232 -19.39 -9.89 5.49
C ARG A 232 -18.10 -9.10 5.62
N THR A 233 -18.16 -8.01 6.37
CA THR A 233 -17.01 -7.14 6.58
C THR A 233 -15.72 -7.90 6.92
N TYR A 234 -14.65 -7.57 6.21
CA TYR A 234 -13.34 -8.17 6.38
C TYR A 234 -13.19 -9.55 5.74
N ASP A 235 -14.28 -10.08 5.17
CA ASP A 235 -14.19 -11.39 4.53
C ASP A 235 -13.55 -11.23 3.16
N ALA A 236 -12.69 -12.17 2.80
CA ALA A 236 -12.00 -12.12 1.52
C ALA A 236 -12.97 -12.06 0.33
N HIS A 237 -14.20 -12.52 0.52
CA HIS A 237 -15.16 -12.51 -0.59
C HIS A 237 -16.30 -11.49 -0.49
N ARG A 238 -16.06 -10.41 0.25
CA ARG A 238 -17.07 -9.36 0.38
C ARG A 238 -17.24 -8.67 -0.97
N ASP A 239 -18.43 -8.14 -1.24
CA ASP A 239 -18.69 -7.49 -2.52
C ASP A 239 -19.59 -6.26 -2.46
N GLY A 240 -19.54 -5.53 -1.34
CA GLY A 240 -20.37 -4.35 -1.23
C GLY A 240 -21.21 -4.37 0.04
N PHE A 241 -21.74 -3.21 0.43
CA PHE A 241 -22.53 -3.16 1.64
C PHE A 241 -23.99 -3.51 1.38
N VAL A 242 -24.73 -3.79 2.45
CA VAL A 242 -26.16 -4.11 2.34
C VAL A 242 -26.88 -2.90 2.91
N ILE A 243 -27.68 -2.24 2.09
CA ILE A 243 -28.39 -1.06 2.53
C ILE A 243 -29.44 -1.38 3.58
N ALA A 244 -29.62 -0.45 4.51
CA ALA A 244 -30.58 -0.62 5.60
C ALA A 244 -31.23 0.69 5.98
N GLY A 245 -32.29 0.58 6.76
CA GLY A 245 -33.00 1.76 7.22
C GLY A 245 -33.22 1.65 8.72
N GLY A 246 -33.65 2.74 9.33
CA GLY A 246 -33.89 2.72 10.76
C GLY A 246 -33.63 4.07 11.38
N GLY A 247 -33.59 4.10 12.71
CA GLY A 247 -33.34 5.35 13.41
C GLY A 247 -32.66 5.11 14.73
N GLY A 248 -32.26 6.21 15.36
CA GLY A 248 -31.61 6.12 16.66
C GLY A 248 -31.58 7.49 17.29
N MET A 249 -31.56 7.53 18.62
CA MET A 249 -31.52 8.81 19.30
C MET A 249 -30.92 8.59 20.68
N VAL A 250 -30.11 9.54 21.12
CA VAL A 250 -29.52 9.48 22.45
C VAL A 250 -29.71 10.83 23.11
N VAL A 251 -29.73 10.82 24.44
CA VAL A 251 -29.89 12.05 25.19
C VAL A 251 -28.51 12.49 25.65
N VAL A 252 -28.02 13.58 25.05
CA VAL A 252 -26.72 14.14 25.41
C VAL A 252 -27.05 15.18 26.49
N GLU A 253 -26.44 15.02 27.66
CA GLU A 253 -26.73 15.90 28.78
C GLU A 253 -25.49 16.38 29.54
N GLU A 254 -25.52 17.62 30.00
CA GLU A 254 -24.42 18.20 30.76
C GLU A 254 -24.32 17.39 32.05
N LEU A 255 -23.11 16.99 32.44
CA LEU A 255 -22.90 16.17 33.63
C LEU A 255 -23.58 16.61 34.91
N GLU A 256 -23.36 17.86 35.32
CA GLU A 256 -23.97 18.34 36.57
C GLU A 256 -25.49 18.21 36.53
N HIS A 257 -26.08 18.57 35.39
CA HIS A 257 -27.52 18.49 35.20
C HIS A 257 -28.02 17.06 35.38
N ALA A 258 -27.30 16.10 34.80
CA ALA A 258 -27.67 14.69 34.89
C ALA A 258 -27.57 14.18 36.32
N LEU A 259 -26.46 14.49 36.99
CA LEU A 259 -26.24 14.06 38.36
C LEU A 259 -27.30 14.62 39.31
N ALA A 260 -27.62 15.89 39.13
CA ALA A 260 -28.61 16.56 39.97
C ALA A 260 -29.97 15.87 39.97
N ARG A 261 -30.43 15.44 38.80
CA ARG A 261 -31.74 14.79 38.73
C ARG A 261 -31.64 13.28 38.93
N GLY A 262 -30.44 12.81 39.26
CA GLY A 262 -30.23 11.38 39.50
C GLY A 262 -30.44 10.51 38.27
N ALA A 263 -30.03 11.02 37.11
CA ALA A 263 -30.18 10.28 35.88
C ALA A 263 -29.20 9.12 35.76
N HIS A 264 -29.58 8.11 34.98
CA HIS A 264 -28.73 6.97 34.75
C HIS A 264 -27.76 7.37 33.64
N ILE A 265 -26.47 7.29 33.91
CA ILE A 265 -25.46 7.65 32.93
C ILE A 265 -24.80 6.43 32.30
N TYR A 266 -24.88 6.31 30.98
CA TYR A 266 -24.28 5.19 30.29
C TYR A 266 -22.78 5.43 30.18
N ALA A 267 -22.42 6.64 29.77
CA ALA A 267 -21.02 6.96 29.61
C ALA A 267 -20.85 8.43 29.29
N GLU A 268 -19.61 8.91 29.40
CA GLU A 268 -19.30 10.29 29.06
C GLU A 268 -18.71 10.24 27.67
N ILE A 269 -19.01 11.26 26.86
CA ILE A 269 -18.44 11.34 25.54
C ILE A 269 -17.15 12.10 25.82
N VAL A 270 -16.04 11.39 25.85
CA VAL A 270 -14.75 12.02 26.17
C VAL A 270 -13.94 12.40 24.94
N GLY A 271 -14.42 12.00 23.77
CA GLY A 271 -13.71 12.33 22.54
C GLY A 271 -14.61 12.43 21.33
N TYR A 272 -14.42 13.47 20.53
CA TYR A 272 -15.21 13.66 19.32
C TYR A 272 -14.32 14.19 18.23
N GLY A 273 -14.16 13.42 17.16
CA GLY A 273 -13.33 13.86 16.06
C GLY A 273 -14.19 14.11 14.83
N ALA A 274 -13.77 15.09 14.03
CA ALA A 274 -14.49 15.42 12.81
C ALA A 274 -13.46 16.03 11.87
N THR A 275 -13.21 15.34 10.76
CA THR A 275 -12.24 15.83 9.78
C THR A 275 -12.74 15.62 8.36
N SER A 276 -11.89 16.04 7.42
CA SER A 276 -12.19 15.97 5.99
C SER A 276 -10.98 15.41 5.25
N ASP A 277 -11.22 14.58 4.24
CA ASP A 277 -10.14 13.97 3.44
C ASP A 277 -9.57 14.93 2.39
N GLY A 278 -10.45 15.69 1.75
CA GLY A 278 -9.98 16.59 0.71
C GLY A 278 -9.28 15.79 -0.37
N ALA A 279 -9.83 14.62 -0.69
CA ALA A 279 -9.23 13.73 -1.69
C ALA A 279 -10.21 13.18 -2.73
N ASP A 280 -10.85 12.06 -2.43
CA ASP A 280 -11.79 11.44 -3.37
C ASP A 280 -13.24 11.63 -2.92
N MET A 281 -14.15 11.72 -3.90
CA MET A 281 -15.58 11.91 -3.61
C MET A 281 -16.31 10.70 -3.02
N VAL A 282 -15.90 9.49 -3.40
CA VAL A 282 -16.59 8.32 -2.90
C VAL A 282 -15.70 7.26 -2.26
N ALA A 283 -14.39 7.48 -2.29
CA ALA A 283 -13.45 6.54 -1.69
C ALA A 283 -12.70 7.22 -0.55
N PRO A 284 -12.59 6.55 0.60
CA PRO A 284 -11.90 7.07 1.79
C PRO A 284 -10.39 7.20 1.54
N SER A 285 -9.76 8.24 2.08
CA SER A 285 -8.33 8.42 1.88
C SER A 285 -7.56 7.69 2.97
N GLY A 286 -8.20 7.49 4.12
CA GLY A 286 -7.54 6.82 5.22
C GLY A 286 -6.80 7.84 6.08
N GLU A 287 -6.11 8.77 5.40
CA GLU A 287 -5.35 9.83 6.06
C GLU A 287 -6.28 10.70 6.89
N GLY A 288 -7.47 10.95 6.37
CA GLY A 288 -8.44 11.76 7.08
C GLY A 288 -8.95 11.01 8.30
N ALA A 289 -9.16 9.71 8.15
CA ALA A 289 -9.65 8.89 9.26
C ALA A 289 -8.61 8.82 10.39
N VAL A 290 -7.34 8.81 10.03
CA VAL A 290 -6.28 8.77 11.04
C VAL A 290 -6.35 10.02 11.91
N ARG A 291 -6.44 11.18 11.27
CA ARG A 291 -6.52 12.44 12.01
C ARG A 291 -7.78 12.51 12.86
N CYS A 292 -8.87 11.95 12.34
CA CYS A 292 -10.14 11.95 13.04
C CYS A 292 -10.05 11.15 14.35
N MET A 293 -9.48 9.95 14.28
CA MET A 293 -9.35 9.14 15.48
C MET A 293 -8.38 9.77 16.47
N LYS A 294 -7.31 10.38 15.96
CA LYS A 294 -6.34 11.01 16.84
C LYS A 294 -6.95 12.22 17.53
N MET A 295 -7.82 12.94 16.82
CA MET A 295 -8.47 14.11 17.40
C MET A 295 -9.40 13.67 18.55
N ALA A 296 -10.16 12.61 18.31
CA ALA A 296 -11.09 12.10 19.32
C ALA A 296 -10.38 11.56 20.57
N MET A 297 -9.14 11.11 20.40
CA MET A 297 -8.37 10.55 21.51
C MET A 297 -7.51 11.55 22.25
N HIS A 298 -7.58 12.81 21.86
CA HIS A 298 -6.80 13.85 22.51
C HIS A 298 -7.25 14.00 23.97
N GLY A 299 -6.33 13.83 24.89
CA GLY A 299 -6.68 13.95 26.30
C GLY A 299 -7.28 12.67 26.89
N VAL A 300 -7.45 11.65 26.06
CA VAL A 300 -7.99 10.37 26.52
C VAL A 300 -6.79 9.45 26.80
N ASP A 301 -6.45 9.32 28.07
CA ASP A 301 -5.30 8.51 28.49
C ASP A 301 -5.66 7.06 28.81
N THR A 302 -6.94 6.71 28.72
CA THR A 302 -7.34 5.34 28.97
C THR A 302 -7.27 4.63 27.63
N PRO A 303 -7.00 3.33 27.63
CA PRO A 303 -6.92 2.59 26.36
C PRO A 303 -8.28 2.31 25.76
N ILE A 304 -8.32 2.16 24.44
CA ILE A 304 -9.56 1.83 23.77
C ILE A 304 -9.74 0.33 23.93
N ASP A 305 -10.81 -0.06 24.62
CA ASP A 305 -11.09 -1.47 24.88
C ASP A 305 -11.84 -2.12 23.72
N TYR A 306 -12.63 -1.31 23.01
CA TYR A 306 -13.38 -1.80 21.87
C TYR A 306 -13.59 -0.70 20.85
N LEU A 307 -13.48 -1.07 19.58
CA LEU A 307 -13.66 -0.13 18.49
C LEU A 307 -14.69 -0.68 17.51
N ASN A 308 -15.80 0.03 17.36
CA ASN A 308 -16.86 -0.37 16.42
C ASN A 308 -16.48 0.38 15.14
N SER A 309 -15.94 -0.36 14.17
CA SER A 309 -15.50 0.22 12.91
C SER A 309 -16.64 0.59 11.96
N GLN A 310 -16.30 1.30 10.89
CA GLN A 310 -17.31 1.66 9.90
C GLN A 310 -17.61 0.33 9.20
N GLY A 311 -16.54 -0.41 8.87
CA GLY A 311 -16.66 -1.71 8.22
C GLY A 311 -17.91 -1.97 7.42
N THR A 312 -18.03 -1.32 6.27
CA THR A 312 -19.21 -1.46 5.42
C THR A 312 -19.29 -2.74 4.59
N SER A 313 -18.21 -3.52 4.59
CA SER A 313 -18.12 -4.77 3.84
C SER A 313 -17.81 -4.49 2.37
N THR A 314 -17.06 -3.42 2.14
CA THR A 314 -16.66 -3.07 0.78
C THR A 314 -15.19 -3.43 0.60
N PRO A 315 -14.82 -3.88 -0.60
CA PRO A 315 -13.43 -4.27 -0.91
C PRO A 315 -12.41 -3.23 -0.48
N VAL A 316 -12.52 -2.02 -1.03
CA VAL A 316 -11.60 -0.93 -0.72
C VAL A 316 -11.80 -0.30 0.66
N GLY A 317 -13.06 -0.04 1.00
CA GLY A 317 -13.38 0.57 2.28
C GLY A 317 -12.88 -0.15 3.51
N ASP A 318 -13.12 -1.45 3.61
CA ASP A 318 -12.68 -2.22 4.77
C ASP A 318 -11.16 -2.14 4.94
N VAL A 319 -10.44 -2.18 3.83
CA VAL A 319 -8.98 -2.13 3.82
C VAL A 319 -8.43 -0.79 4.32
N LYS A 320 -8.94 0.29 3.75
CA LYS A 320 -8.52 1.64 4.12
C LYS A 320 -8.71 1.90 5.60
N GLU A 321 -9.85 1.48 6.15
CA GLU A 321 -10.11 1.70 7.56
C GLU A 321 -9.20 0.89 8.47
N LEU A 322 -8.87 -0.33 8.07
CA LEU A 322 -7.99 -1.15 8.89
C LEU A 322 -6.59 -0.55 8.89
N ALA A 323 -6.21 0.05 7.76
CA ALA A 323 -4.89 0.67 7.67
C ALA A 323 -4.83 1.87 8.60
N ALA A 324 -5.89 2.67 8.62
CA ALA A 324 -5.93 3.85 9.48
C ALA A 324 -5.85 3.44 10.94
N ILE A 325 -6.59 2.39 11.30
CA ILE A 325 -6.58 1.91 12.67
C ILE A 325 -5.16 1.48 13.08
N ARG A 326 -4.46 0.80 12.16
CA ARG A 326 -3.09 0.35 12.45
C ARG A 326 -2.16 1.54 12.69
N GLU A 327 -2.34 2.59 11.90
CA GLU A 327 -1.51 3.78 12.00
C GLU A 327 -1.73 4.49 13.33
N VAL A 328 -2.98 4.50 13.78
CA VAL A 328 -3.33 5.15 15.04
C VAL A 328 -2.91 4.38 16.29
N PHE A 329 -3.23 3.09 16.33
CA PHE A 329 -2.89 2.28 17.50
C PHE A 329 -1.60 1.48 17.42
N GLY A 330 -1.13 1.21 16.20
CA GLY A 330 0.09 0.43 16.05
C GLY A 330 0.04 -0.88 16.82
N ASP A 331 0.79 -0.93 17.92
CA ASP A 331 0.88 -2.10 18.78
C ASP A 331 -0.28 -2.16 19.77
N LYS A 332 -0.94 -1.03 19.98
CA LYS A 332 -2.07 -0.94 20.90
C LYS A 332 -3.38 -1.26 20.19
N SER A 333 -3.34 -2.17 19.22
CA SER A 333 -4.54 -2.55 18.48
C SER A 333 -5.64 -3.09 19.39
N PRO A 334 -6.76 -2.37 19.51
CA PRO A 334 -7.89 -2.77 20.36
C PRO A 334 -8.76 -3.83 19.70
N ALA A 335 -9.67 -4.41 20.49
CA ALA A 335 -10.58 -5.42 19.96
C ALA A 335 -11.44 -4.69 18.92
N ILE A 336 -11.79 -5.39 17.85
CA ILE A 336 -12.57 -4.78 16.77
C ILE A 336 -13.68 -5.69 16.25
N SER A 337 -14.83 -5.10 15.94
CA SER A 337 -15.92 -5.86 15.34
C SER A 337 -16.74 -4.89 14.52
N ALA A 338 -17.27 -5.37 13.41
CA ALA A 338 -18.07 -4.56 12.52
C ALA A 338 -19.51 -5.05 12.61
N THR A 339 -20.33 -4.31 13.35
CA THR A 339 -21.72 -4.69 13.53
C THR A 339 -22.52 -4.65 12.22
N LYS A 340 -22.05 -3.91 11.23
CA LYS A 340 -22.77 -3.84 9.96
C LYS A 340 -22.90 -5.22 9.30
N ALA A 341 -22.04 -6.15 9.70
CA ALA A 341 -22.11 -7.50 9.15
C ALA A 341 -23.45 -8.13 9.48
N MET A 342 -24.05 -7.75 10.60
CA MET A 342 -25.36 -8.30 10.89
C MET A 342 -26.49 -7.29 10.71
N THR A 343 -26.19 -5.99 10.82
CA THR A 343 -27.24 -4.96 10.69
C THR A 343 -27.44 -4.33 9.31
N GLY A 344 -26.39 -4.33 8.50
CA GLY A 344 -26.48 -3.68 7.21
C GLY A 344 -26.04 -2.24 7.47
N HIS A 345 -26.02 -1.40 6.43
CA HIS A 345 -25.59 -0.01 6.54
C HIS A 345 -26.79 0.93 6.52
N SER A 346 -27.12 1.53 7.66
CA SER A 346 -28.28 2.43 7.74
C SER A 346 -27.94 3.88 7.33
N LEU A 347 -26.82 4.04 6.66
CA LEU A 347 -26.40 5.34 6.15
C LEU A 347 -26.43 6.47 7.17
N GLY A 348 -27.36 7.40 6.99
CA GLY A 348 -27.47 8.53 7.90
C GLY A 348 -27.73 8.16 9.34
N ALA A 349 -28.36 7.01 9.56
CA ALA A 349 -28.66 6.54 10.91
C ALA A 349 -27.59 5.63 11.51
N ALA A 350 -26.62 5.23 10.70
CA ALA A 350 -25.57 4.34 11.19
C ALA A 350 -24.80 4.88 12.40
N GLY A 351 -24.39 6.15 12.32
CA GLY A 351 -23.64 6.75 13.41
C GLY A 351 -24.27 6.60 14.80
N VAL A 352 -25.52 6.99 14.93
CA VAL A 352 -26.16 6.88 16.24
C VAL A 352 -26.49 5.43 16.63
N GLN A 353 -26.84 4.59 15.67
CA GLN A 353 -27.15 3.20 15.99
C GLN A 353 -25.88 2.48 16.45
N GLU A 354 -24.77 2.75 15.77
CA GLU A 354 -23.52 2.11 16.16
C GLU A 354 -23.00 2.64 17.49
N ALA A 355 -23.31 3.90 17.81
CA ALA A 355 -22.89 4.44 19.09
C ALA A 355 -23.72 3.71 20.14
N ILE A 356 -24.99 3.46 19.82
CA ILE A 356 -25.87 2.76 20.73
C ILE A 356 -25.40 1.32 20.93
N TYR A 357 -25.01 0.64 19.85
CA TYR A 357 -24.54 -0.73 20.00
C TYR A 357 -23.30 -0.72 20.90
N SER A 358 -22.46 0.29 20.71
CA SER A 358 -21.23 0.42 21.49
C SER A 358 -21.54 0.70 22.97
N LEU A 359 -22.56 1.52 23.21
CA LEU A 359 -22.96 1.82 24.57
C LEU A 359 -23.55 0.58 25.26
N LEU A 360 -24.25 -0.25 24.49
CA LEU A 360 -24.84 -1.45 25.06
C LEU A 360 -23.73 -2.43 25.44
N MET A 361 -22.72 -2.53 24.59
CA MET A 361 -21.59 -3.42 24.86
C MET A 361 -20.88 -2.96 26.14
N LEU A 362 -20.72 -1.64 26.26
CA LEU A 362 -20.05 -1.04 27.40
C LEU A 362 -20.87 -1.21 28.68
N GLU A 363 -22.18 -1.04 28.56
CA GLU A 363 -23.08 -1.17 29.69
C GLU A 363 -23.17 -2.61 30.19
N HIS A 364 -23.25 -3.55 29.26
CA HIS A 364 -23.40 -4.97 29.60
C HIS A 364 -22.15 -5.81 29.60
N GLY A 365 -21.00 -5.18 29.34
CA GLY A 365 -19.74 -5.89 29.36
C GLY A 365 -19.53 -7.01 28.38
N PHE A 366 -19.64 -6.72 27.09
CA PHE A 366 -19.41 -7.76 26.10
C PHE A 366 -19.07 -7.12 24.76
N ILE A 367 -18.46 -7.90 23.89
CA ILE A 367 -18.11 -7.43 22.56
C ILE A 367 -18.90 -8.28 21.56
N ALA A 368 -19.70 -7.60 20.75
CA ALA A 368 -20.49 -8.27 19.72
C ALA A 368 -19.53 -8.80 18.65
N PRO A 369 -19.83 -9.97 18.09
CA PRO A 369 -18.98 -10.58 17.05
C PRO A 369 -19.07 -9.94 15.67
N SER A 370 -17.98 -10.05 14.91
CA SER A 370 -17.93 -9.56 13.55
C SER A 370 -18.21 -10.85 12.78
N ILE A 371 -19.47 -11.04 12.36
CA ILE A 371 -19.87 -12.28 11.68
C ILE A 371 -19.58 -12.39 10.19
N ASN A 372 -19.80 -13.60 9.67
CA ASN A 372 -19.62 -13.89 8.25
C ASN A 372 -18.19 -13.88 7.75
N ILE A 373 -17.21 -13.95 8.65
CA ILE A 373 -15.83 -13.97 8.19
C ILE A 373 -15.39 -15.42 8.00
N GLU A 374 -15.60 -15.93 6.80
CA GLU A 374 -15.23 -17.31 6.46
C GLU A 374 -13.75 -17.37 6.14
N GLU A 375 -13.24 -16.29 5.57
CA GLU A 375 -11.82 -16.21 5.22
C GLU A 375 -11.38 -14.77 5.45
N LEU A 376 -10.66 -14.55 6.55
CA LEU A 376 -10.18 -13.22 6.90
C LEU A 376 -9.29 -12.64 5.80
N ASP A 377 -9.56 -11.39 5.43
CA ASP A 377 -8.77 -10.72 4.41
C ASP A 377 -7.31 -10.70 4.85
N GLU A 378 -6.41 -10.90 3.90
CA GLU A 378 -4.97 -10.92 4.21
C GLU A 378 -4.48 -9.62 4.85
N GLN A 379 -5.09 -8.50 4.47
CA GLN A 379 -4.67 -7.20 5.02
C GLN A 379 -5.17 -6.93 6.42
N ALA A 380 -5.78 -7.94 7.04
CA ALA A 380 -6.29 -7.80 8.40
C ALA A 380 -5.55 -8.75 9.32
N ALA A 381 -4.44 -9.31 8.83
CA ALA A 381 -3.65 -10.27 9.58
C ALA A 381 -3.39 -9.92 11.05
N GLY A 382 -2.46 -9.01 11.31
CA GLY A 382 -2.15 -8.65 12.68
C GLY A 382 -3.17 -7.73 13.33
N LEU A 383 -4.36 -8.23 13.61
CA LEU A 383 -5.41 -7.42 14.24
C LEU A 383 -6.29 -8.27 15.15
N ASN A 384 -6.96 -7.62 16.10
CA ASN A 384 -7.82 -8.34 17.02
C ASN A 384 -9.30 -8.19 16.67
N ILE A 385 -9.68 -8.83 15.55
CA ILE A 385 -11.06 -8.82 15.07
C ILE A 385 -11.84 -9.91 15.83
N VAL A 386 -12.77 -9.49 16.68
CA VAL A 386 -13.57 -10.42 17.47
C VAL A 386 -14.63 -11.06 16.59
N THR A 387 -14.64 -12.39 16.50
CA THR A 387 -15.59 -13.09 15.66
C THR A 387 -16.57 -13.97 16.44
N GLU A 388 -16.55 -13.82 17.76
CA GLU A 388 -17.45 -14.56 18.62
C GLU A 388 -17.76 -13.71 19.83
N THR A 389 -19.01 -13.70 20.26
CA THR A 389 -19.41 -12.92 21.40
C THR A 389 -18.46 -13.18 22.55
N THR A 390 -17.89 -12.11 23.10
CA THR A 390 -16.94 -12.25 24.19
C THR A 390 -17.28 -11.35 25.36
N ASP A 391 -17.46 -11.94 26.53
CA ASP A 391 -17.76 -11.15 27.72
C ASP A 391 -16.46 -10.50 28.17
N ARG A 392 -16.54 -9.23 28.55
CA ARG A 392 -15.35 -8.49 28.99
C ARG A 392 -15.73 -7.14 29.60
N GLU A 393 -15.02 -6.74 30.64
CA GLU A 393 -15.29 -5.47 31.29
C GLU A 393 -14.67 -4.33 30.48
N LEU A 394 -15.48 -3.70 29.65
CA LEU A 394 -15.01 -2.60 28.83
C LEU A 394 -15.12 -1.31 29.62
N THR A 395 -14.26 -0.34 29.31
CA THR A 395 -14.29 0.94 30.01
C THR A 395 -14.34 2.09 29.01
N THR A 396 -13.58 1.97 27.93
CA THR A 396 -13.54 3.02 26.90
C THR A 396 -13.75 2.40 25.52
N VAL A 397 -14.70 2.94 24.77
CA VAL A 397 -15.01 2.45 23.43
C VAL A 397 -14.98 3.55 22.39
N MET A 398 -14.70 3.16 21.15
CA MET A 398 -14.61 4.08 20.02
C MET A 398 -15.50 3.57 18.88
N SER A 399 -16.13 4.48 18.15
CA SER A 399 -16.99 4.15 17.02
C SER A 399 -16.66 5.14 15.90
N ASN A 400 -16.34 4.62 14.72
CA ASN A 400 -16.00 5.46 13.57
C ASN A 400 -17.12 5.54 12.54
N SER A 401 -17.24 6.70 11.89
CA SER A 401 -18.25 6.89 10.85
C SER A 401 -17.61 7.69 9.72
N PHE A 402 -17.70 7.18 8.49
CA PHE A 402 -17.14 7.86 7.34
C PHE A 402 -18.19 7.96 6.24
N GLY A 403 -18.17 9.05 5.48
CA GLY A 403 -19.15 9.22 4.42
C GLY A 403 -18.55 9.77 3.14
N PHE A 404 -19.34 9.74 2.07
CA PHE A 404 -18.89 10.27 0.79
C PHE A 404 -18.54 11.73 0.98
N GLY A 405 -17.67 12.25 0.10
CA GLY A 405 -17.27 13.63 0.22
C GLY A 405 -16.08 13.72 1.16
N GLY A 406 -15.59 12.57 1.60
CA GLY A 406 -14.46 12.52 2.49
C GLY A 406 -14.72 13.10 3.87
N THR A 407 -15.91 12.84 4.42
CA THR A 407 -16.27 13.35 5.74
C THR A 407 -16.06 12.25 6.81
N ASN A 408 -15.36 12.61 7.88
CA ASN A 408 -15.04 11.67 8.95
C ASN A 408 -15.53 12.10 10.32
N ALA A 409 -16.01 11.14 11.10
CA ALA A 409 -16.45 11.39 12.46
C ALA A 409 -16.06 10.21 13.34
N THR A 410 -15.60 10.51 14.55
CA THR A 410 -15.21 9.47 15.51
C THR A 410 -15.70 9.89 16.88
N LEU A 411 -16.30 8.96 17.61
CA LEU A 411 -16.80 9.24 18.94
C LEU A 411 -16.14 8.28 19.92
N VAL A 412 -15.72 8.79 21.08
CA VAL A 412 -15.11 7.96 22.11
C VAL A 412 -15.95 8.13 23.36
N MET A 413 -16.38 7.01 23.92
CA MET A 413 -17.24 7.00 25.10
C MET A 413 -16.56 6.24 26.22
N ARG A 414 -16.72 6.73 27.45
CA ARG A 414 -16.10 6.09 28.60
C ARG A 414 -17.01 6.03 29.82
N LYS A 415 -17.01 4.89 30.48
CA LYS A 415 -17.81 4.68 31.69
C LYS A 415 -17.39 5.67 32.77
N LEU A 416 -18.31 5.97 33.67
CA LEU A 416 -18.02 6.88 34.80
C LEU A 416 -17.94 6.03 36.06
N LYS A 417 -17.16 6.47 37.03
CA LYS A 417 -16.99 5.75 38.30
C LYS A 417 -18.27 5.77 39.14
N ASP A 418 -18.78 6.88 39.40
N MET B 13 -13.60 33.75 24.89
CA MET B 13 -13.42 32.84 23.73
C MET B 13 -12.90 33.61 22.52
N LYS B 14 -12.61 32.89 21.44
CA LYS B 14 -12.10 33.51 20.23
C LYS B 14 -13.20 34.30 19.51
N ARG B 15 -12.80 35.33 18.78
CA ARG B 15 -13.75 36.15 18.04
C ARG B 15 -13.72 35.73 16.57
N ALA B 16 -14.87 35.75 15.92
CA ALA B 16 -14.96 35.37 14.51
C ALA B 16 -15.36 36.55 13.63
N VAL B 17 -14.66 36.69 12.51
CA VAL B 17 -14.92 37.76 11.56
C VAL B 17 -15.06 37.20 10.15
N ILE B 18 -15.69 37.96 9.26
CA ILE B 18 -15.87 37.56 7.87
C ILE B 18 -14.79 38.29 7.06
N THR B 19 -13.94 37.52 6.40
CA THR B 19 -12.84 38.09 5.61
C THR B 19 -12.96 37.91 4.11
N GLY B 20 -14.09 37.38 3.66
CA GLY B 20 -14.29 37.18 2.24
C GLY B 20 -15.68 36.67 1.97
N LEU B 21 -16.19 36.94 0.78
CA LEU B 21 -17.51 36.47 0.42
C LEU B 21 -17.64 36.19 -1.07
N GLY B 22 -18.63 35.38 -1.41
CA GLY B 22 -18.87 35.01 -2.79
C GLY B 22 -20.36 34.76 -2.92
N ILE B 23 -20.93 35.05 -4.08
CA ILE B 23 -22.36 34.88 -4.24
C ILE B 23 -22.81 34.75 -5.70
N VAL B 24 -23.83 33.93 -5.90
CA VAL B 24 -24.42 33.72 -7.21
C VAL B 24 -25.92 33.72 -6.95
N SER B 25 -26.57 34.82 -7.28
CA SER B 25 -28.02 34.94 -7.03
C SER B 25 -28.79 35.47 -8.23
N SER B 26 -30.10 35.53 -8.05
CA SER B 26 -30.99 36.02 -9.10
C SER B 26 -30.77 37.48 -9.43
N ILE B 27 -30.02 38.20 -8.60
CA ILE B 27 -29.75 39.62 -8.85
C ILE B 27 -28.28 39.93 -9.09
N GLY B 28 -27.48 38.91 -9.35
CA GLY B 28 -26.06 39.13 -9.60
C GLY B 28 -25.21 37.87 -9.48
N ASN B 29 -24.23 37.75 -10.36
CA ASN B 29 -23.35 36.58 -10.37
C ASN B 29 -22.07 36.77 -9.57
N ASN B 30 -22.00 37.88 -8.84
CA ASN B 30 -20.86 38.20 -7.98
C ASN B 30 -21.29 39.37 -7.11
N GLN B 31 -20.46 39.73 -6.14
CA GLN B 31 -20.83 40.82 -5.24
C GLN B 31 -20.97 42.18 -5.90
N GLN B 32 -20.33 42.36 -7.05
CA GLN B 32 -20.43 43.64 -7.76
C GLN B 32 -21.81 43.73 -8.40
N GLU B 33 -22.20 42.69 -9.14
CA GLU B 33 -23.50 42.69 -9.78
C GLU B 33 -24.62 42.75 -8.74
N VAL B 34 -24.41 42.09 -7.61
CA VAL B 34 -25.38 42.09 -6.51
C VAL B 34 -25.51 43.49 -5.92
N LEU B 35 -24.37 44.11 -5.66
CA LEU B 35 -24.34 45.46 -5.10
C LEU B 35 -25.10 46.42 -6.02
N ALA B 36 -24.90 46.27 -7.33
CA ALA B 36 -25.57 47.11 -8.31
C ALA B 36 -27.08 46.94 -8.26
N SER B 37 -27.53 45.70 -8.12
CA SER B 37 -28.95 45.41 -8.07
C SER B 37 -29.60 45.93 -6.79
N LEU B 38 -28.91 45.79 -5.67
CA LEU B 38 -29.43 46.24 -4.38
C LEU B 38 -29.59 47.75 -4.33
N ARG B 39 -28.65 48.48 -4.93
CA ARG B 39 -28.72 49.92 -4.92
C ARG B 39 -29.87 50.45 -5.77
N GLU B 40 -30.18 49.76 -6.86
CA GLU B 40 -31.26 50.19 -7.73
C GLU B 40 -32.58 49.47 -7.46
N GLY B 41 -32.56 48.57 -6.48
CA GLY B 41 -33.76 47.82 -6.15
C GLY B 41 -34.27 47.04 -7.35
N ARG B 42 -33.35 46.48 -8.12
CA ARG B 42 -33.70 45.70 -9.31
C ARG B 42 -34.17 44.30 -8.92
N SER B 43 -35.18 43.82 -9.63
CA SER B 43 -35.74 42.50 -9.38
C SER B 43 -35.01 41.42 -10.16
N GLY B 44 -34.88 40.24 -9.56
CA GLY B 44 -34.22 39.13 -10.23
C GLY B 44 -35.25 38.09 -10.65
N ILE B 45 -36.53 38.44 -10.51
CA ILE B 45 -37.63 37.54 -10.84
C ILE B 45 -38.05 37.61 -12.31
N THR B 46 -38.18 36.45 -12.93
CA THR B 46 -38.59 36.38 -14.34
C THR B 46 -39.65 35.29 -14.55
N PHE B 47 -40.24 35.29 -15.74
CA PHE B 47 -41.24 34.30 -16.09
C PHE B 47 -40.56 32.96 -16.36
N SER B 48 -41.14 31.90 -15.83
CA SER B 48 -40.57 30.57 -16.01
C SER B 48 -41.47 29.66 -16.81
N GLN B 49 -41.08 29.37 -18.05
CA GLN B 49 -41.85 28.49 -18.92
C GLN B 49 -41.83 27.08 -18.31
N GLU B 50 -40.69 26.73 -17.71
CA GLU B 50 -40.54 25.42 -17.10
C GLU B 50 -41.58 25.18 -16.01
N LEU B 51 -41.78 26.17 -15.15
CA LEU B 51 -42.76 26.02 -14.08
C LEU B 51 -44.17 25.97 -14.66
N LYS B 52 -44.42 26.79 -15.67
CA LYS B 52 -45.74 26.79 -16.30
C LYS B 52 -46.01 25.44 -16.95
N ASP B 53 -45.05 24.95 -17.73
CA ASP B 53 -45.20 23.67 -18.41
C ASP B 53 -45.38 22.49 -17.44
N SER B 54 -44.87 22.61 -16.22
CA SER B 54 -45.01 21.52 -15.26
C SER B 54 -46.44 21.41 -14.73
N GLY B 55 -47.24 22.45 -14.95
CA GLY B 55 -48.61 22.44 -14.49
C GLY B 55 -48.83 23.23 -13.22
N MET B 56 -47.80 23.95 -12.79
CA MET B 56 -47.88 24.75 -11.58
C MET B 56 -48.72 25.99 -11.78
N ARG B 57 -49.13 26.61 -10.67
CA ARG B 57 -49.92 27.83 -10.69
C ARG B 57 -48.98 29.02 -10.63
N SER B 58 -47.81 28.80 -10.01
CA SER B 58 -46.79 29.84 -9.90
C SER B 58 -45.93 29.71 -11.14
N HIS B 59 -45.78 30.80 -11.89
CA HIS B 59 -45.00 30.79 -13.12
C HIS B 59 -43.81 31.72 -13.10
N VAL B 60 -43.37 32.10 -11.91
CA VAL B 60 -42.24 33.01 -11.76
C VAL B 60 -41.19 32.47 -10.78
N TRP B 61 -39.94 32.88 -10.95
CA TRP B 61 -38.87 32.44 -10.07
C TRP B 61 -37.65 33.36 -10.13
N GLY B 62 -36.77 33.21 -9.15
CA GLY B 62 -35.55 34.00 -9.10
C GLY B 62 -34.44 33.12 -9.62
N ASN B 63 -34.30 33.04 -10.94
CA ASN B 63 -33.28 32.20 -11.54
C ASN B 63 -31.90 32.85 -11.60
N VAL B 64 -30.88 32.00 -11.64
CA VAL B 64 -29.51 32.46 -11.74
C VAL B 64 -29.23 32.67 -13.21
N LYS B 65 -28.98 33.91 -13.61
CA LYS B 65 -28.69 34.21 -15.01
C LYS B 65 -27.20 34.04 -15.26
N LEU B 66 -26.78 32.80 -15.46
CA LEU B 66 -25.38 32.50 -15.70
C LEU B 66 -25.20 31.16 -16.40
N ASP B 67 -24.33 31.13 -17.39
CA ASP B 67 -24.04 29.90 -18.13
C ASP B 67 -22.84 29.28 -17.42
N THR B 68 -23.13 28.32 -16.54
CA THR B 68 -22.07 27.66 -15.78
C THR B 68 -21.29 26.64 -16.59
N THR B 69 -21.56 26.55 -17.89
CA THR B 69 -20.86 25.60 -18.75
C THR B 69 -19.35 25.82 -18.75
N GLY B 70 -18.59 24.77 -18.42
CA GLY B 70 -17.15 24.86 -18.42
C GLY B 70 -16.51 25.69 -17.31
N LEU B 71 -17.28 26.13 -16.33
CA LEU B 71 -16.73 26.91 -15.24
C LEU B 71 -16.06 26.02 -14.20
N ILE B 72 -16.36 24.73 -14.24
CA ILE B 72 -15.79 23.77 -13.31
C ILE B 72 -15.22 22.59 -14.08
N ASP B 73 -14.07 22.08 -13.63
CA ASP B 73 -13.44 20.95 -14.31
C ASP B 73 -14.41 19.78 -14.47
N ARG B 74 -14.32 19.12 -15.63
CA ARG B 74 -15.18 17.98 -15.96
C ARG B 74 -15.19 16.89 -14.89
N LYS B 75 -14.01 16.52 -14.42
CA LYS B 75 -13.84 15.48 -13.40
C LYS B 75 -14.50 15.85 -12.08
N VAL B 76 -14.63 17.15 -11.83
CA VAL B 76 -15.22 17.62 -10.59
C VAL B 76 -16.73 17.84 -10.66
N VAL B 77 -17.16 18.58 -11.67
CA VAL B 77 -18.58 18.89 -11.85
C VAL B 77 -19.45 17.66 -12.13
N ARG B 78 -18.83 16.54 -12.49
CA ARG B 78 -19.62 15.34 -12.78
C ARG B 78 -20.32 14.74 -11.54
N PHE B 79 -19.86 15.10 -10.34
CA PHE B 79 -20.48 14.61 -9.12
C PHE B 79 -21.44 15.64 -8.53
N MET B 80 -21.54 16.80 -9.17
CA MET B 80 -22.34 17.91 -8.66
C MET B 80 -23.73 18.20 -9.22
N SER B 81 -24.60 18.65 -8.32
CA SER B 81 -25.96 19.06 -8.67
C SER B 81 -25.86 20.58 -8.71
N ASP B 82 -26.91 21.26 -9.16
CA ASP B 82 -26.90 22.73 -9.23
C ASP B 82 -26.60 23.42 -7.90
N ALA B 83 -27.14 22.89 -6.81
CA ALA B 83 -26.88 23.52 -5.51
C ALA B 83 -25.38 23.54 -5.25
N SER B 84 -24.71 22.43 -5.56
CA SER B 84 -23.26 22.33 -5.36
C SER B 84 -22.50 23.25 -6.31
N ILE B 85 -22.97 23.34 -7.56
CA ILE B 85 -22.33 24.20 -8.55
C ILE B 85 -22.38 25.66 -8.10
N TYR B 86 -23.55 26.11 -7.65
CA TYR B 86 -23.68 27.50 -7.21
C TYR B 86 -22.78 27.78 -6.01
N ALA B 87 -22.75 26.85 -5.06
CA ALA B 87 -21.93 27.01 -3.86
C ALA B 87 -20.45 26.98 -4.22
N PHE B 88 -20.08 26.12 -5.16
CA PHE B 88 -18.70 25.98 -5.60
C PHE B 88 -18.21 27.31 -6.19
N LEU B 89 -18.99 27.86 -7.11
CA LEU B 89 -18.62 29.13 -7.74
C LEU B 89 -18.54 30.24 -6.70
N SER B 90 -19.45 30.21 -5.73
CA SER B 90 -19.44 31.23 -4.68
C SER B 90 -18.19 31.09 -3.80
N MET B 91 -17.75 29.86 -3.59
CA MET B 91 -16.56 29.63 -2.77
C MET B 91 -15.29 30.13 -3.48
N GLU B 92 -15.24 29.95 -4.80
CA GLU B 92 -14.11 30.42 -5.58
C GLU B 92 -13.99 31.93 -5.40
N GLN B 93 -15.12 32.61 -5.48
CA GLN B 93 -15.16 34.06 -5.32
C GLN B 93 -14.72 34.43 -3.90
N ALA B 94 -15.20 33.69 -2.92
CA ALA B 94 -14.88 33.95 -1.52
C ALA B 94 -13.39 33.77 -1.22
N ILE B 95 -12.80 32.72 -1.76
CA ILE B 95 -11.37 32.46 -1.57
C ILE B 95 -10.54 33.63 -2.12
N ALA B 96 -10.84 34.04 -3.35
CA ALA B 96 -10.13 35.15 -3.97
C ALA B 96 -10.34 36.45 -3.21
N ASP B 97 -11.60 36.73 -2.89
CA ASP B 97 -11.95 37.94 -2.18
C ASP B 97 -11.28 37.99 -0.80
N ALA B 98 -11.03 36.81 -0.24
CA ALA B 98 -10.39 36.71 1.08
C ALA B 98 -8.88 36.88 0.95
N GLY B 99 -8.36 36.74 -0.26
CA GLY B 99 -6.94 36.87 -0.48
C GLY B 99 -6.18 35.62 -0.08
N LEU B 100 -6.87 34.48 -0.10
CA LEU B 100 -6.27 33.21 0.29
C LEU B 100 -5.80 32.40 -0.91
N SER B 101 -4.67 31.72 -0.75
CA SER B 101 -4.10 30.89 -1.80
C SER B 101 -3.98 29.45 -1.29
N PRO B 102 -3.98 28.46 -2.20
CA PRO B 102 -3.89 27.03 -1.86
C PRO B 102 -2.95 26.67 -0.72
N GLU B 103 -1.74 27.19 -0.75
CA GLU B 103 -0.77 26.89 0.29
C GLU B 103 -1.25 27.28 1.69
N ALA B 104 -2.21 28.20 1.76
CA ALA B 104 -2.72 28.65 3.05
C ALA B 104 -3.97 27.93 3.57
N TYR B 105 -4.88 27.54 2.67
CA TYR B 105 -6.12 26.88 3.12
C TYR B 105 -6.25 25.40 2.75
N GLN B 106 -5.48 24.94 1.78
CA GLN B 106 -5.55 23.53 1.36
C GLN B 106 -4.70 22.61 2.23
N ASN B 107 -5.19 21.38 2.42
CA ASN B 107 -4.50 20.39 3.22
C ASN B 107 -4.10 20.95 4.58
N ASN B 108 -5.02 21.73 5.15
CA ASN B 108 -4.78 22.38 6.43
C ASN B 108 -5.83 21.94 7.46
N PRO B 109 -5.42 21.14 8.45
CA PRO B 109 -6.35 20.66 9.49
C PRO B 109 -7.13 21.76 10.22
N ARG B 110 -6.65 23.00 10.18
CA ARG B 110 -7.35 24.08 10.86
C ARG B 110 -8.28 24.90 9.96
N VAL B 111 -8.54 24.37 8.76
CA VAL B 111 -9.43 25.04 7.81
C VAL B 111 -10.54 24.06 7.42
N GLY B 112 -11.78 24.46 7.62
CA GLY B 112 -12.89 23.59 7.31
C GLY B 112 -13.98 24.20 6.46
N LEU B 113 -15.06 23.44 6.30
CA LEU B 113 -16.19 23.88 5.49
C LEU B 113 -17.52 23.36 6.02
N ILE B 114 -18.49 24.26 6.14
CA ILE B 114 -19.83 23.92 6.60
C ILE B 114 -20.80 24.64 5.68
N ALA B 115 -21.39 23.89 4.76
CA ALA B 115 -22.32 24.45 3.78
C ALA B 115 -23.37 23.41 3.47
N GLY B 116 -24.60 23.84 3.27
CA GLY B 116 -25.65 22.88 2.97
C GLY B 116 -26.74 23.43 2.07
N SER B 117 -27.74 22.60 1.83
CA SER B 117 -28.87 22.97 1.01
C SER B 117 -30.14 22.59 1.76
N GLY B 118 -31.26 23.11 1.28
CA GLY B 118 -32.52 22.80 1.93
C GLY B 118 -33.08 21.45 1.52
N GLY B 119 -32.81 21.03 0.28
CA GLY B 119 -33.33 19.77 -0.18
C GLY B 119 -32.44 18.95 -1.11
N GLY B 120 -31.13 19.02 -0.90
CA GLY B 120 -30.21 18.27 -1.74
C GLY B 120 -30.50 18.53 -3.22
N SER B 121 -30.97 17.52 -3.93
CA SER B 121 -31.29 17.69 -5.34
C SER B 121 -32.50 16.89 -5.81
N PRO B 122 -33.69 17.47 -5.69
CA PRO B 122 -34.90 16.78 -6.14
C PRO B 122 -34.77 16.39 -7.61
N ARG B 123 -34.16 17.27 -8.40
CA ARG B 123 -34.00 16.98 -9.82
C ARG B 123 -33.22 15.71 -10.13
N PHE B 124 -32.08 15.50 -9.48
CA PHE B 124 -31.33 14.30 -9.77
C PHE B 124 -31.89 13.08 -9.06
N GLN B 125 -32.69 13.30 -8.02
CA GLN B 125 -33.31 12.20 -7.31
C GLN B 125 -34.42 11.67 -8.22
N VAL B 126 -35.13 12.60 -8.86
CA VAL B 126 -36.20 12.23 -9.77
C VAL B 126 -35.60 11.65 -11.06
N PHE B 127 -34.45 12.18 -11.45
CA PHE B 127 -33.77 11.68 -12.65
C PHE B 127 -33.37 10.21 -12.44
N GLY B 128 -32.82 9.92 -11.28
CA GLY B 128 -32.39 8.56 -10.97
C GLY B 128 -33.55 7.58 -11.02
N ALA B 129 -34.66 7.95 -10.37
CA ALA B 129 -35.84 7.10 -10.33
C ALA B 129 -36.40 6.93 -11.75
N ASP B 130 -36.50 8.03 -12.49
CA ASP B 130 -37.02 7.99 -13.86
C ASP B 130 -36.15 7.09 -14.74
N ALA B 131 -34.84 7.29 -14.64
CA ALA B 131 -33.89 6.51 -15.43
C ALA B 131 -33.97 5.04 -15.06
N MET B 132 -33.94 4.75 -13.75
CA MET B 132 -34.03 3.39 -13.29
C MET B 132 -35.28 2.70 -13.81
N ARG B 133 -36.39 3.42 -13.86
CA ARG B 133 -37.64 2.83 -14.33
C ARG B 133 -37.68 2.66 -15.85
N GLY B 134 -36.61 3.11 -16.51
CA GLY B 134 -36.51 3.00 -17.95
C GLY B 134 -36.02 1.61 -18.33
N PRO B 135 -35.87 1.33 -19.64
CA PRO B 135 -35.40 0.01 -20.07
C PRO B 135 -33.93 -0.29 -19.79
N ARG B 136 -33.14 0.74 -19.50
CA ARG B 136 -31.71 0.59 -19.22
C ARG B 136 -31.39 0.45 -17.73
N GLY B 137 -32.34 0.81 -16.88
CA GLY B 137 -32.13 0.70 -15.45
C GLY B 137 -30.85 1.33 -14.92
N LEU B 138 -30.08 0.53 -14.19
CA LEU B 138 -28.83 1.00 -13.59
C LEU B 138 -27.88 1.71 -14.56
N LYS B 139 -27.78 1.20 -15.78
CA LYS B 139 -26.90 1.81 -16.77
C LYS B 139 -27.35 3.23 -17.09
N ALA B 140 -28.66 3.45 -17.05
CA ALA B 140 -29.21 4.77 -17.35
C ALA B 140 -29.01 5.73 -16.17
N VAL B 141 -29.08 5.20 -14.96
CA VAL B 141 -28.90 6.01 -13.77
C VAL B 141 -27.48 6.59 -13.69
N GLY B 142 -26.50 5.74 -13.95
CA GLY B 142 -25.12 6.21 -13.89
C GLY B 142 -24.58 6.12 -12.48
N PRO B 143 -23.27 6.28 -12.28
CA PRO B 143 -22.67 6.21 -10.94
C PRO B 143 -22.47 7.54 -10.23
N TYR B 144 -23.12 8.60 -10.69
CA TYR B 144 -22.94 9.92 -10.08
C TYR B 144 -24.15 10.51 -9.38
N VAL B 145 -25.25 9.77 -9.30
CA VAL B 145 -26.45 10.30 -8.68
C VAL B 145 -26.38 10.50 -7.16
N VAL B 146 -25.74 9.58 -6.45
CA VAL B 146 -25.66 9.71 -4.99
C VAL B 146 -25.05 11.04 -4.54
N THR B 147 -23.89 11.42 -5.07
CA THR B 147 -23.28 12.67 -4.65
C THR B 147 -24.09 13.90 -5.08
N LYS B 148 -24.91 13.74 -6.11
CA LYS B 148 -25.73 14.87 -6.54
C LYS B 148 -27.00 14.99 -5.70
N ALA B 149 -27.60 13.86 -5.35
CA ALA B 149 -28.84 13.84 -4.59
C ALA B 149 -28.74 13.85 -3.07
N MET B 150 -27.65 13.34 -2.51
CA MET B 150 -27.52 13.33 -1.05
C MET B 150 -27.60 14.73 -0.46
N ALA B 151 -28.14 14.81 0.75
CA ALA B 151 -28.32 16.07 1.45
C ALA B 151 -27.02 16.82 1.69
N SER B 152 -25.94 16.08 1.95
CA SER B 152 -24.64 16.71 2.21
C SER B 152 -23.89 17.05 0.92
N GLY B 153 -24.60 17.01 -0.20
CA GLY B 153 -23.98 17.31 -1.49
C GLY B 153 -23.14 18.58 -1.54
N VAL B 154 -23.70 19.68 -1.03
CA VAL B 154 -22.99 20.95 -1.05
C VAL B 154 -21.66 20.93 -0.30
N SER B 155 -21.62 20.30 0.88
CA SER B 155 -20.36 20.25 1.60
C SER B 155 -19.39 19.23 1.00
N ALA B 156 -19.90 18.06 0.61
CA ALA B 156 -19.06 17.03 0.03
C ALA B 156 -18.39 17.44 -1.28
N CYS B 157 -19.16 18.06 -2.17
CA CYS B 157 -18.64 18.48 -3.47
C CYS B 157 -17.68 19.67 -3.43
N LEU B 158 -17.61 20.36 -2.30
CA LEU B 158 -16.70 21.49 -2.18
C LEU B 158 -15.45 21.14 -1.38
N ALA B 159 -15.64 20.48 -0.24
CA ALA B 159 -14.52 20.10 0.61
C ALA B 159 -13.52 19.21 -0.11
N THR B 160 -14.01 18.33 -0.98
CA THR B 160 -13.13 17.42 -1.71
C THR B 160 -12.23 18.15 -2.71
N PRO B 161 -12.81 18.82 -3.72
CA PRO B 161 -11.94 19.51 -4.68
C PRO B 161 -11.11 20.65 -4.09
N PHE B 162 -11.60 21.30 -3.04
CA PHE B 162 -10.84 22.38 -2.43
C PHE B 162 -9.81 21.85 -1.42
N LYS B 163 -9.71 20.53 -1.32
CA LYS B 163 -8.75 19.89 -0.43
C LYS B 163 -8.84 20.35 1.03
N ILE B 164 -10.06 20.40 1.54
CA ILE B 164 -10.28 20.82 2.92
C ILE B 164 -9.98 19.63 3.84
N HIS B 165 -9.25 19.89 4.92
CA HIS B 165 -8.90 18.84 5.87
C HIS B 165 -9.56 18.97 7.24
N GLY B 166 -10.11 20.16 7.53
CA GLY B 166 -10.75 20.37 8.81
C GLY B 166 -12.17 19.81 8.85
N VAL B 167 -13.06 20.54 9.52
CA VAL B 167 -14.45 20.12 9.65
C VAL B 167 -15.09 20.08 8.26
N ASN B 168 -16.03 19.16 8.08
CA ASN B 168 -16.70 19.02 6.79
C ASN B 168 -18.03 18.30 6.89
N TYR B 169 -19.11 19.08 6.79
CA TYR B 169 -20.46 18.56 6.81
C TYR B 169 -21.43 19.69 6.49
N SER B 170 -22.70 19.33 6.34
CA SER B 170 -23.74 20.29 6.01
C SER B 170 -24.71 20.39 7.18
N ILE B 171 -25.34 21.53 7.30
CA ILE B 171 -26.35 21.72 8.31
C ILE B 171 -27.59 22.07 7.50
N SER B 172 -28.65 21.31 7.67
CA SER B 172 -29.89 21.57 6.95
C SER B 172 -30.96 21.93 7.96
N SER B 173 -31.68 23.01 7.66
CA SER B 173 -32.72 23.49 8.53
C SER B 173 -33.69 24.32 7.71
N ALA B 174 -34.10 23.77 6.58
CA ALA B 174 -35.04 24.45 5.69
C ALA B 174 -34.51 25.82 5.30
N CYS B 175 -35.36 26.84 5.40
CA CYS B 175 -34.97 28.18 5.02
C CYS B 175 -33.97 28.86 5.96
N ALA B 176 -33.50 28.13 6.98
CA ALA B 176 -32.54 28.69 7.91
C ALA B 176 -31.17 28.01 7.73
N THR B 177 -31.15 27.02 6.84
CA THR B 177 -29.96 26.24 6.54
C THR B 177 -28.62 26.96 6.53
N SER B 178 -28.41 27.84 5.56
CA SER B 178 -27.12 28.54 5.46
C SER B 178 -26.84 29.49 6.62
N ALA B 179 -27.87 29.90 7.34
CA ALA B 179 -27.66 30.77 8.49
C ALA B 179 -27.05 29.95 9.61
N HIS B 180 -27.57 28.73 9.83
CA HIS B 180 -27.00 27.87 10.88
C HIS B 180 -25.58 27.44 10.50
N CYS B 181 -25.31 27.31 9.20
CA CYS B 181 -23.96 26.93 8.79
C CYS B 181 -22.97 28.00 9.25
N ILE B 182 -23.29 29.27 8.97
CA ILE B 182 -22.41 30.36 9.38
C ILE B 182 -22.26 30.36 10.91
N GLY B 183 -23.36 30.22 11.62
CA GLY B 183 -23.31 30.22 13.07
C GLY B 183 -22.48 29.07 13.61
N ASN B 184 -22.58 27.92 12.96
CA ASN B 184 -21.83 26.75 13.40
C ASN B 184 -20.34 26.96 13.14
N ALA B 185 -20.03 27.66 12.05
CA ALA B 185 -18.65 27.97 11.69
C ALA B 185 -18.08 28.85 12.79
N VAL B 186 -18.88 29.81 13.25
CA VAL B 186 -18.47 30.70 14.32
C VAL B 186 -18.15 29.90 15.58
N GLU B 187 -19.00 28.92 15.90
CA GLU B 187 -18.79 28.10 17.08
C GLU B 187 -17.45 27.35 16.98
N GLN B 188 -17.12 26.86 15.79
CA GLN B 188 -15.86 26.16 15.59
C GLN B 188 -14.68 27.08 15.93
N ILE B 189 -14.78 28.36 15.55
CA ILE B 189 -13.73 29.32 15.84
C ILE B 189 -13.69 29.58 17.35
N GLN B 190 -14.86 29.78 17.96
CA GLN B 190 -14.93 30.03 19.39
C GLN B 190 -14.40 28.85 20.20
N LEU B 191 -14.57 27.65 19.68
CA LEU B 191 -14.08 26.46 20.39
C LEU B 191 -12.58 26.25 20.18
N GLY B 192 -11.98 27.07 19.34
CA GLY B 192 -10.55 26.97 19.08
C GLY B 192 -10.16 25.81 18.18
N LYS B 193 -11.16 25.18 17.56
CA LYS B 193 -10.92 24.04 16.68
C LYS B 193 -10.50 24.40 15.25
N GLN B 194 -10.92 25.56 14.77
CA GLN B 194 -10.59 25.98 13.40
C GLN B 194 -10.18 27.46 13.34
N ASP B 195 -9.28 27.80 12.41
CA ASP B 195 -8.87 29.19 12.23
C ASP B 195 -9.72 29.80 11.13
N ILE B 196 -10.13 28.96 10.19
CA ILE B 196 -10.96 29.40 9.09
C ILE B 196 -12.00 28.35 8.73
N VAL B 197 -13.22 28.78 8.49
CA VAL B 197 -14.27 27.87 8.08
C VAL B 197 -15.08 28.56 7.00
N PHE B 198 -15.14 27.94 5.83
CA PHE B 198 -15.94 28.48 4.75
C PHE B 198 -17.37 28.03 5.05
N ALA B 199 -18.29 28.99 5.12
CA ALA B 199 -19.68 28.68 5.44
C ALA B 199 -20.68 29.28 4.47
N GLY B 200 -21.74 28.53 4.19
CA GLY B 200 -22.75 29.02 3.27
C GLY B 200 -23.63 27.90 2.76
N GLY B 201 -23.95 27.94 1.48
CA GLY B 201 -24.78 26.88 0.92
C GLY B 201 -25.27 27.21 -0.46
N GLY B 202 -26.19 26.40 -0.95
CA GLY B 202 -26.74 26.61 -2.27
C GLY B 202 -28.04 25.86 -2.41
N GLU B 203 -28.80 26.20 -3.44
CA GLU B 203 -30.09 25.56 -3.69
C GLU B 203 -30.37 25.59 -5.19
N GLU B 204 -30.77 24.44 -5.73
CA GLU B 204 -31.08 24.38 -7.15
C GLU B 204 -32.48 24.97 -7.33
N LEU B 205 -32.86 25.20 -8.59
CA LEU B 205 -34.17 25.75 -8.92
C LEU B 205 -34.72 24.84 -10.00
N CYS B 206 -35.87 24.23 -9.72
CA CYS B 206 -36.48 23.29 -10.65
C CYS B 206 -37.94 23.05 -10.28
N TRP B 207 -38.75 22.66 -11.26
CA TRP B 207 -40.15 22.39 -10.97
C TRP B 207 -40.28 21.22 -10.01
N GLU B 208 -39.39 20.22 -10.15
CA GLU B 208 -39.42 19.04 -9.29
C GLU B 208 -39.61 19.43 -7.82
N MET B 209 -38.89 20.46 -7.39
CA MET B 209 -38.95 20.95 -6.02
C MET B 209 -40.02 22.02 -5.84
N ALA B 210 -40.09 22.94 -6.79
CA ALA B 210 -41.05 24.03 -6.73
C ALA B 210 -42.50 23.57 -6.61
N CYS B 211 -42.88 22.55 -7.38
CA CYS B 211 -44.26 22.07 -7.34
C CYS B 211 -44.72 21.63 -5.95
N GLU B 212 -43.78 21.19 -5.12
CA GLU B 212 -44.11 20.76 -3.76
C GLU B 212 -44.60 21.95 -2.94
N PHE B 213 -44.01 23.11 -3.18
CA PHE B 213 -44.38 24.32 -2.47
C PHE B 213 -45.70 24.88 -3.00
N ASP B 214 -45.87 24.79 -4.31
CA ASP B 214 -47.10 25.26 -4.94
C ASP B 214 -48.26 24.43 -4.38
N ALA B 215 -48.03 23.12 -4.24
CA ALA B 215 -49.04 22.21 -3.72
C ALA B 215 -49.44 22.58 -2.29
N MET B 216 -48.63 23.41 -1.65
CA MET B 216 -48.88 23.89 -0.29
C MET B 216 -49.64 25.22 -0.32
N GLY B 217 -49.63 25.87 -1.48
CA GLY B 217 -50.27 27.16 -1.61
C GLY B 217 -49.37 28.25 -1.05
N ALA B 218 -48.08 27.98 -0.98
CA ALA B 218 -47.10 28.92 -0.44
C ALA B 218 -46.45 29.83 -1.48
N LEU B 219 -46.64 29.50 -2.75
CA LEU B 219 -46.05 30.28 -3.83
C LEU B 219 -47.03 31.29 -4.42
N SER B 220 -46.50 32.43 -4.86
CA SER B 220 -47.32 33.47 -5.47
C SER B 220 -47.84 32.95 -6.80
N THR B 221 -49.14 33.20 -7.08
CA THR B 221 -49.74 32.72 -8.32
C THR B 221 -50.59 33.78 -9.04
N LYS B 222 -50.75 34.94 -8.42
CA LYS B 222 -51.56 36.00 -8.99
C LYS B 222 -50.81 37.06 -9.79
N TYR B 223 -49.48 36.97 -9.86
CA TYR B 223 -48.70 37.96 -10.59
C TYR B 223 -47.84 37.39 -11.70
N ASN B 224 -48.27 36.27 -12.27
CA ASN B 224 -47.53 35.63 -13.36
C ASN B 224 -47.37 36.56 -14.56
N ASP B 225 -48.29 37.50 -14.70
CA ASP B 225 -48.29 38.46 -15.81
C ASP B 225 -47.25 39.56 -15.61
N THR B 226 -46.91 39.81 -14.34
CA THR B 226 -45.94 40.84 -13.98
C THR B 226 -44.95 40.26 -12.97
N PRO B 227 -44.06 39.38 -13.43
CA PRO B 227 -43.04 38.71 -12.61
C PRO B 227 -42.34 39.55 -11.54
N GLU B 228 -41.81 40.72 -11.93
CA GLU B 228 -41.09 41.56 -11.00
C GLU B 228 -41.94 42.13 -9.87
N LYS B 229 -43.26 41.92 -9.94
CA LYS B 229 -44.13 42.42 -8.89
C LYS B 229 -44.71 41.30 -8.02
N ALA B 230 -44.37 40.06 -8.34
CA ALA B 230 -44.87 38.91 -7.60
C ALA B 230 -44.43 38.94 -6.14
N SER B 231 -43.12 39.06 -5.91
CA SER B 231 -42.59 39.10 -4.54
C SER B 231 -42.78 40.53 -4.03
N ARG B 232 -43.68 40.69 -3.08
CA ARG B 232 -44.00 42.02 -2.54
C ARG B 232 -44.21 41.96 -1.04
N THR B 233 -43.14 41.67 -0.32
CA THR B 233 -43.16 41.56 1.14
C THR B 233 -43.79 42.77 1.81
N TYR B 234 -44.65 42.51 2.79
CA TYR B 234 -45.35 43.55 3.56
C TYR B 234 -46.44 44.27 2.77
N ASP B 235 -46.67 43.87 1.52
CA ASP B 235 -47.73 44.49 0.72
C ASP B 235 -49.03 43.77 1.03
N ALA B 236 -50.08 44.54 1.32
CA ALA B 236 -51.38 43.97 1.65
C ALA B 236 -51.89 43.00 0.59
N HIS B 237 -51.28 43.04 -0.59
CA HIS B 237 -51.71 42.15 -1.68
C HIS B 237 -50.78 40.98 -1.95
N ARG B 238 -49.88 40.70 -1.02
CA ARG B 238 -48.96 39.57 -1.17
C ARG B 238 -49.76 38.27 -1.19
N ASP B 239 -49.24 37.26 -1.88
CA ASP B 239 -49.94 35.98 -1.96
C ASP B 239 -48.97 34.79 -2.05
N GLY B 240 -47.92 34.83 -1.24
CA GLY B 240 -46.95 33.75 -1.26
C GLY B 240 -45.60 34.21 -1.73
N PHE B 241 -44.57 33.40 -1.50
CA PHE B 241 -43.23 33.79 -1.91
C PHE B 241 -42.91 33.33 -3.32
N VAL B 242 -41.82 33.85 -3.86
CA VAL B 242 -41.37 33.48 -5.19
C VAL B 242 -40.13 32.64 -4.95
N ILE B 243 -40.14 31.41 -5.44
CA ILE B 243 -39.02 30.51 -5.25
C ILE B 243 -37.82 30.92 -6.09
N ALA B 244 -36.62 30.70 -5.55
CA ALA B 244 -35.39 31.07 -6.23
C ALA B 244 -34.27 30.07 -5.97
N GLY B 245 -33.20 30.17 -6.76
CA GLY B 245 -32.05 29.29 -6.59
C GLY B 245 -30.78 30.11 -6.54
N GLY B 246 -29.66 29.50 -6.13
CA GLY B 246 -28.40 30.23 -6.06
C GLY B 246 -27.48 29.73 -4.97
N GLY B 247 -26.41 30.47 -4.72
CA GLY B 247 -25.47 30.07 -3.69
C GLY B 247 -24.79 31.26 -3.03
N GLY B 248 -24.10 30.98 -1.93
CA GLY B 248 -23.39 32.02 -1.21
C GLY B 248 -22.37 31.35 -0.31
N MET B 249 -21.28 32.05 -0.03
CA MET B 249 -20.23 31.50 0.82
C MET B 249 -19.48 32.67 1.44
N VAL B 250 -19.17 32.56 2.71
CA VAL B 250 -18.41 33.59 3.41
C VAL B 250 -17.27 32.90 4.12
N VAL B 251 -16.16 33.60 4.26
CA VAL B 251 -15.00 33.04 4.93
C VAL B 251 -15.06 33.49 6.39
N VAL B 252 -15.31 32.55 7.29
CA VAL B 252 -15.36 32.86 8.72
C VAL B 252 -13.97 32.56 9.26
N GLU B 253 -13.35 33.56 9.89
CA GLU B 253 -11.98 33.43 10.37
C GLU B 253 -11.76 33.96 11.78
N GLU B 254 -10.84 33.33 12.51
CA GLU B 254 -10.52 33.75 13.87
C GLU B 254 -9.84 35.12 13.75
N LEU B 255 -10.23 36.05 14.63
CA LEU B 255 -9.72 37.42 14.62
C LEU B 255 -8.21 37.62 14.54
N GLU B 256 -7.46 37.02 15.46
CA GLU B 256 -6.00 37.20 15.45
C GLU B 256 -5.40 36.66 14.16
N HIS B 257 -5.91 35.53 13.68
CA HIS B 257 -5.42 34.93 12.46
C HIS B 257 -5.65 35.88 11.28
N ALA B 258 -6.80 36.53 11.24
CA ALA B 258 -7.14 37.47 10.18
C ALA B 258 -6.28 38.74 10.23
N LEU B 259 -6.13 39.32 11.43
CA LEU B 259 -5.32 40.51 11.57
C LEU B 259 -3.86 40.20 11.26
N ALA B 260 -3.41 39.02 11.67
CA ALA B 260 -2.04 38.59 11.46
C ALA B 260 -1.62 38.55 9.98
N ARG B 261 -2.55 38.19 9.10
CA ARG B 261 -2.23 38.14 7.68
C ARG B 261 -2.69 39.39 6.93
N GLY B 262 -3.18 40.38 7.68
CA GLY B 262 -3.63 41.61 7.07
C GLY B 262 -4.81 41.43 6.14
N ALA B 263 -5.76 40.59 6.54
CA ALA B 263 -6.94 40.35 5.72
C ALA B 263 -7.91 41.51 5.76
N HIS B 264 -8.80 41.57 4.78
CA HIS B 264 -9.81 42.61 4.74
C HIS B 264 -10.97 42.06 5.56
N ILE B 265 -11.32 42.75 6.65
CA ILE B 265 -12.41 42.32 7.52
C ILE B 265 -13.69 43.11 7.28
N TYR B 266 -14.72 42.44 6.76
CA TYR B 266 -16.01 43.07 6.49
C TYR B 266 -16.69 43.42 7.81
N ALA B 267 -16.75 42.44 8.71
CA ALA B 267 -17.37 42.64 10.01
C ALA B 267 -17.13 41.44 10.91
N GLU B 268 -17.46 41.60 12.18
CA GLU B 268 -17.33 40.54 13.16
C GLU B 268 -18.72 40.00 13.47
N ILE B 269 -18.81 38.69 13.69
CA ILE B 269 -20.09 38.09 14.06
C ILE B 269 -20.11 38.20 15.58
N VAL B 270 -20.87 39.17 16.07
CA VAL B 270 -20.97 39.39 17.51
C VAL B 270 -22.20 38.72 18.10
N GLY B 271 -23.06 38.18 17.24
CA GLY B 271 -24.25 37.53 17.72
C GLY B 271 -24.75 36.41 16.85
N TYR B 272 -25.14 35.30 17.48
CA TYR B 272 -25.67 34.15 16.76
C TYR B 272 -26.77 33.50 17.57
N GLY B 273 -27.98 33.53 17.03
CA GLY B 273 -29.11 32.94 17.71
C GLY B 273 -29.64 31.75 16.94
N ALA B 274 -30.05 30.72 17.68
CA ALA B 274 -30.60 29.51 17.10
C ALA B 274 -31.59 28.94 18.13
N THR B 275 -32.87 28.96 17.78
CA THR B 275 -33.90 28.48 18.67
C THR B 275 -34.91 27.61 17.94
N SER B 276 -35.92 27.15 18.67
CA SER B 276 -36.94 26.27 18.13
C SER B 276 -38.32 26.70 18.63
N ASP B 277 -39.31 26.68 17.73
CA ASP B 277 -40.68 27.06 18.10
C ASP B 277 -41.41 25.97 18.87
N GLY B 278 -41.18 24.72 18.47
CA GLY B 278 -41.86 23.62 19.12
C GLY B 278 -43.35 23.88 19.10
N ALA B 279 -43.87 24.33 17.95
CA ALA B 279 -45.29 24.64 17.82
C ALA B 279 -45.93 24.11 16.54
N ASP B 280 -45.81 24.84 15.44
CA ASP B 280 -46.40 24.42 14.17
C ASP B 280 -45.33 23.99 13.18
N MET B 281 -45.67 23.01 12.33
CA MET B 281 -44.74 22.49 11.34
C MET B 281 -44.37 23.47 10.23
N VAL B 282 -45.34 24.26 9.78
CA VAL B 282 -45.08 25.19 8.69
C VAL B 282 -45.29 26.68 9.01
N ALA B 283 -46.07 26.97 10.05
CA ALA B 283 -46.31 28.36 10.42
C ALA B 283 -45.44 28.79 11.59
N PRO B 284 -44.83 29.99 11.50
CA PRO B 284 -43.97 30.52 12.56
C PRO B 284 -44.79 30.83 13.81
N SER B 285 -44.18 30.68 14.98
CA SER B 285 -44.88 30.95 16.24
C SER B 285 -44.63 32.38 16.70
N GLY B 286 -43.55 32.98 16.22
CA GLY B 286 -43.22 34.33 16.61
C GLY B 286 -42.49 34.34 17.94
N GLU B 287 -42.95 33.51 18.85
CA GLU B 287 -42.36 33.39 20.19
C GLU B 287 -40.92 32.90 20.07
N GLY B 288 -40.69 31.96 19.15
CA GLY B 288 -39.35 31.44 18.94
C GLY B 288 -38.43 32.48 18.33
N ALA B 289 -38.96 33.26 17.40
CA ALA B 289 -38.20 34.30 16.72
C ALA B 289 -37.76 35.37 17.73
N VAL B 290 -38.64 35.67 18.67
CA VAL B 290 -38.34 36.66 19.70
C VAL B 290 -37.13 36.21 20.50
N ARG B 291 -37.14 34.96 20.94
CA ARG B 291 -36.01 34.43 21.71
C ARG B 291 -34.73 34.37 20.89
N CYS B 292 -34.86 34.04 19.60
CA CYS B 292 -33.71 33.93 18.73
C CYS B 292 -33.01 35.28 18.55
N MET B 293 -33.79 36.34 18.31
CA MET B 293 -33.20 37.66 18.14
C MET B 293 -32.55 38.15 19.42
N LYS B 294 -33.23 37.98 20.55
CA LYS B 294 -32.69 38.40 21.84
C LYS B 294 -31.39 37.68 22.14
N MET B 295 -31.33 36.39 21.81
CA MET B 295 -30.12 35.60 22.04
C MET B 295 -28.97 36.17 21.23
N ALA B 296 -29.24 36.55 19.99
CA ALA B 296 -28.20 37.11 19.13
C ALA B 296 -27.80 38.50 19.60
N MET B 297 -28.74 39.24 20.17
CA MET B 297 -28.48 40.61 20.64
C MET B 297 -27.83 40.66 22.02
N HIS B 298 -27.81 39.53 22.70
CA HIS B 298 -27.24 39.46 24.03
C HIS B 298 -25.74 39.77 24.03
N GLY B 299 -25.36 40.81 24.77
CA GLY B 299 -23.94 41.18 24.84
C GLY B 299 -23.52 42.24 23.85
N VAL B 300 -24.43 42.63 22.95
CA VAL B 300 -24.11 43.65 21.97
C VAL B 300 -24.41 45.03 22.55
N ASP B 301 -23.36 45.81 22.80
CA ASP B 301 -23.51 47.14 23.38
C ASP B 301 -23.94 48.20 22.38
N THR B 302 -24.06 47.81 21.11
CA THR B 302 -24.48 48.76 20.08
C THR B 302 -25.85 48.37 19.55
N PRO B 303 -26.66 49.37 19.17
CA PRO B 303 -28.01 49.13 18.65
C PRO B 303 -28.01 48.59 17.23
N ILE B 304 -29.09 47.91 16.85
CA ILE B 304 -29.22 47.36 15.51
C ILE B 304 -29.61 48.50 14.56
N ASP B 305 -28.75 48.80 13.61
CA ASP B 305 -29.00 49.88 12.66
C ASP B 305 -29.90 49.44 11.52
N TYR B 306 -29.75 48.18 11.13
CA TYR B 306 -30.53 47.62 10.04
C TYR B 306 -30.87 46.17 10.31
N LEU B 307 -32.05 45.77 9.84
CA LEU B 307 -32.51 44.40 10.00
C LEU B 307 -32.99 43.85 8.67
N ASN B 308 -32.36 42.78 8.22
CA ASN B 308 -32.75 42.13 6.98
C ASN B 308 -33.66 41.00 7.46
N SER B 309 -34.95 41.29 7.54
CA SER B 309 -35.95 40.33 8.00
C SER B 309 -36.07 39.14 7.05
N GLN B 310 -36.84 38.13 7.47
CA GLN B 310 -37.06 36.96 6.64
C GLN B 310 -37.96 37.37 5.49
N GLY B 311 -39.01 38.13 5.82
CA GLY B 311 -39.96 38.63 4.84
C GLY B 311 -40.13 37.82 3.57
N THR B 312 -40.79 36.68 3.69
CA THR B 312 -41.00 35.79 2.56
C THR B 312 -42.11 36.28 1.62
N SER B 313 -42.85 37.30 2.05
CA SER B 313 -43.95 37.86 1.27
C SER B 313 -45.20 36.98 1.36
N THR B 314 -45.42 36.40 2.54
CA THR B 314 -46.57 35.55 2.78
C THR B 314 -47.51 36.25 3.76
N PRO B 315 -48.82 36.04 3.60
CA PRO B 315 -49.86 36.64 4.46
C PRO B 315 -49.58 36.54 5.95
N VAL B 316 -49.48 35.31 6.46
CA VAL B 316 -49.23 35.10 7.88
C VAL B 316 -47.78 35.29 8.29
N GLY B 317 -46.86 34.79 7.47
CA GLY B 317 -45.45 34.90 7.78
C GLY B 317 -44.99 36.34 8.03
N ASP B 318 -45.26 37.22 7.08
CA ASP B 318 -44.87 38.62 7.21
C ASP B 318 -45.40 39.25 8.49
N VAL B 319 -46.68 39.02 8.78
CA VAL B 319 -47.30 39.57 9.97
C VAL B 319 -46.67 39.06 11.27
N LYS B 320 -46.43 37.76 11.33
CA LYS B 320 -45.82 37.15 12.52
C LYS B 320 -44.46 37.73 12.85
N GLU B 321 -43.61 37.87 11.84
CA GLU B 321 -42.28 38.41 12.07
C GLU B 321 -42.35 39.85 12.58
N LEU B 322 -43.16 40.68 11.92
CA LEU B 322 -43.28 42.07 12.33
C LEU B 322 -43.67 42.15 13.81
N ALA B 323 -44.59 41.28 14.23
CA ALA B 323 -45.04 41.26 15.62
C ALA B 323 -43.85 40.89 16.51
N ALA B 324 -43.04 39.95 16.05
CA ALA B 324 -41.87 39.52 16.82
C ALA B 324 -40.87 40.68 16.97
N ILE B 325 -40.59 41.36 15.86
CA ILE B 325 -39.67 42.48 15.86
C ILE B 325 -40.20 43.58 16.79
N ARG B 326 -41.51 43.82 16.69
CA ARG B 326 -42.17 44.83 17.52
C ARG B 326 -41.98 44.47 18.99
N GLU B 327 -42.03 43.17 19.27
CA GLU B 327 -41.87 42.67 20.63
C GLU B 327 -40.43 42.83 21.13
N VAL B 328 -39.47 42.56 20.26
CA VAL B 328 -38.06 42.67 20.62
C VAL B 328 -37.59 44.10 20.82
N PHE B 329 -37.87 44.97 19.85
CA PHE B 329 -37.44 46.35 19.94
C PHE B 329 -38.50 47.28 20.52
N GLY B 330 -39.68 47.27 19.90
CA GLY B 330 -40.76 48.11 20.36
C GLY B 330 -40.75 49.46 19.67
N ASP B 331 -40.55 50.51 20.46
CA ASP B 331 -40.51 51.86 19.94
C ASP B 331 -39.19 52.12 19.19
N LYS B 332 -38.09 51.69 19.79
CA LYS B 332 -36.78 51.87 19.18
C LYS B 332 -36.52 50.81 18.11
N SER B 333 -37.29 50.89 17.03
CA SER B 333 -37.19 49.96 15.91
C SER B 333 -36.09 50.33 14.92
N PRO B 334 -35.33 49.34 14.44
CA PRO B 334 -34.25 49.58 13.47
C PRO B 334 -34.81 49.63 12.06
N ALA B 335 -34.00 50.08 11.11
CA ALA B 335 -34.43 50.13 9.71
C ALA B 335 -34.66 48.71 9.26
N ILE B 336 -35.79 48.48 8.60
CA ILE B 336 -36.11 47.13 8.13
C ILE B 336 -36.32 47.09 6.63
N SER B 337 -35.83 46.02 6.02
CA SER B 337 -35.98 45.83 4.59
C SER B 337 -35.99 44.34 4.27
N ALA B 338 -36.90 43.94 3.38
CA ALA B 338 -37.01 42.54 2.98
C ALA B 338 -36.47 42.42 1.56
N THR B 339 -35.22 42.00 1.43
CA THR B 339 -34.60 41.87 0.12
C THR B 339 -35.23 40.81 -0.77
N LYS B 340 -35.96 39.86 -0.17
CA LYS B 340 -36.60 38.83 -0.97
C LYS B 340 -37.62 39.45 -1.92
N ALA B 341 -37.99 40.71 -1.68
CA ALA B 341 -38.93 41.39 -2.55
C ALA B 341 -38.33 41.51 -3.94
N MET B 342 -37.00 41.58 -4.03
CA MET B 342 -36.38 41.65 -5.35
C MET B 342 -35.63 40.39 -5.74
N THR B 343 -35.18 39.61 -4.75
CA THR B 343 -34.42 38.38 -5.01
C THR B 343 -35.21 37.08 -5.06
N GLY B 344 -36.31 37.02 -4.31
CA GLY B 344 -37.08 35.80 -4.26
C GLY B 344 -36.54 35.01 -3.09
N HIS B 345 -37.10 33.83 -2.80
CA HIS B 345 -36.67 33.00 -1.68
C HIS B 345 -35.78 31.85 -2.17
N SER B 346 -34.48 31.94 -1.89
CA SER B 346 -33.55 30.90 -2.32
C SER B 346 -33.46 29.74 -1.32
N LEU B 347 -34.43 29.69 -0.40
CA LEU B 347 -34.53 28.62 0.58
C LEU B 347 -33.26 28.35 1.39
N GLY B 348 -32.62 27.21 1.10
CA GLY B 348 -31.41 26.85 1.82
C GLY B 348 -30.28 27.84 1.69
N ALA B 349 -30.23 28.55 0.56
CA ALA B 349 -29.19 29.54 0.32
C ALA B 349 -29.57 30.93 0.81
N ALA B 350 -30.82 31.09 1.23
CA ALA B 350 -31.30 32.39 1.69
C ALA B 350 -30.46 32.97 2.82
N GLY B 351 -30.11 32.14 3.79
CA GLY B 351 -29.34 32.59 4.93
C GLY B 351 -28.02 33.28 4.63
N VAL B 352 -27.18 32.63 3.84
CA VAL B 352 -25.88 33.20 3.50
C VAL B 352 -26.00 34.37 2.52
N GLN B 353 -26.92 34.27 1.55
CA GLN B 353 -27.07 35.37 0.59
C GLN B 353 -27.55 36.62 1.30
N GLU B 354 -28.49 36.45 2.23
CA GLU B 354 -29.00 37.60 2.97
C GLU B 354 -27.96 38.14 3.93
N ALA B 355 -27.11 37.27 4.45
CA ALA B 355 -26.04 37.71 5.34
C ALA B 355 -25.11 38.58 4.49
N ILE B 356 -24.90 38.16 3.25
CA ILE B 356 -24.04 38.89 2.32
C ILE B 356 -24.66 40.24 1.93
N TYR B 357 -25.95 40.25 1.56
CA TYR B 357 -26.59 41.50 1.22
C TYR B 357 -26.40 42.48 2.37
N SER B 358 -26.52 41.97 3.60
CA SER B 358 -26.37 42.80 4.80
C SER B 358 -24.94 43.31 4.96
N LEU B 359 -23.97 42.46 4.68
CA LEU B 359 -22.57 42.85 4.80
C LEU B 359 -22.24 43.89 3.72
N LEU B 360 -22.86 43.78 2.56
CA LEU B 360 -22.63 44.73 1.48
C LEU B 360 -23.23 46.08 1.88
N MET B 361 -24.38 46.04 2.55
CA MET B 361 -25.02 47.27 3.00
C MET B 361 -24.15 47.92 4.08
N LEU B 362 -23.59 47.10 4.95
CA LEU B 362 -22.75 47.59 6.03
C LEU B 362 -21.41 48.10 5.47
N GLU B 363 -20.90 47.41 4.46
CA GLU B 363 -19.62 47.76 3.84
C GLU B 363 -19.72 49.03 3.00
N HIS B 364 -20.82 49.19 2.28
CA HIS B 364 -21.00 50.37 1.42
C HIS B 364 -21.88 51.48 2.00
N GLY B 365 -22.23 51.35 3.27
CA GLY B 365 -23.04 52.35 3.94
C GLY B 365 -24.35 52.72 3.28
N PHE B 366 -25.25 51.75 3.14
CA PHE B 366 -26.55 52.02 2.54
C PHE B 366 -27.56 50.95 2.94
N ILE B 367 -28.83 51.22 2.69
CA ILE B 367 -29.89 50.28 3.00
C ILE B 367 -30.67 49.96 1.73
N ALA B 368 -30.77 48.67 1.42
CA ALA B 368 -31.50 48.24 0.24
C ALA B 368 -32.99 48.47 0.50
N PRO B 369 -33.74 48.87 -0.53
CA PRO B 369 -35.17 49.13 -0.39
C PRO B 369 -36.06 47.88 -0.45
N SER B 370 -37.21 47.95 0.21
CA SER B 370 -38.19 46.86 0.21
C SER B 370 -39.17 47.25 -0.89
N ILE B 371 -38.93 46.75 -2.11
CA ILE B 371 -39.78 47.09 -3.24
C ILE B 371 -41.15 46.44 -3.28
N ASN B 372 -41.93 46.82 -4.29
CA ASN B 372 -43.26 46.28 -4.51
C ASN B 372 -44.27 46.51 -3.38
N ILE B 373 -44.00 47.51 -2.54
CA ILE B 373 -44.92 47.82 -1.45
C ILE B 373 -45.87 48.94 -1.89
N GLU B 374 -46.99 48.56 -2.48
CA GLU B 374 -47.99 49.52 -2.95
C GLU B 374 -48.92 49.95 -1.83
N GLU B 375 -49.16 49.06 -0.88
CA GLU B 375 -50.02 49.35 0.27
C GLU B 375 -49.50 48.59 1.49
N LEU B 376 -48.74 49.30 2.32
CA LEU B 376 -48.18 48.72 3.53
C LEU B 376 -49.23 48.02 4.38
N ASP B 377 -48.89 46.83 4.88
CA ASP B 377 -49.83 46.08 5.71
C ASP B 377 -50.07 46.84 7.00
N GLU B 378 -51.28 46.70 7.55
CA GLU B 378 -51.63 47.39 8.79
C GLU B 378 -50.79 46.90 9.97
N GLN B 379 -50.26 45.68 9.86
CA GLN B 379 -49.45 45.12 10.93
C GLN B 379 -48.09 45.79 11.06
N ALA B 380 -47.68 46.50 10.02
CA ALA B 380 -46.39 47.19 10.03
C ALA B 380 -46.58 48.67 10.32
N ALA B 381 -47.26 48.97 11.42
CA ALA B 381 -47.52 50.35 11.80
C ALA B 381 -46.29 51.06 12.38
N GLY B 382 -45.96 50.73 13.63
CA GLY B 382 -44.82 51.36 14.26
C GLY B 382 -43.47 50.74 13.91
N LEU B 383 -43.23 50.58 12.62
CA LEU B 383 -41.98 50.00 12.14
C LEU B 383 -41.39 50.83 11.00
N ASN B 384 -40.06 50.95 11.00
CA ASN B 384 -39.37 51.71 9.97
C ASN B 384 -39.00 50.86 8.77
N ILE B 385 -39.97 50.62 7.89
CA ILE B 385 -39.76 49.82 6.69
C ILE B 385 -39.25 50.69 5.55
N VAL B 386 -37.95 50.58 5.27
CA VAL B 386 -37.33 51.38 4.21
C VAL B 386 -37.75 50.86 2.83
N THR B 387 -38.34 51.74 2.02
CA THR B 387 -38.80 51.37 0.69
C THR B 387 -38.05 52.10 -0.42
N GLU B 388 -36.91 52.68 -0.07
CA GLU B 388 -36.11 53.41 -1.04
C GLU B 388 -34.64 53.36 -0.63
N THR B 389 -33.76 53.13 -1.60
CA THR B 389 -32.33 53.05 -1.32
C THR B 389 -31.92 54.28 -0.52
N THR B 390 -31.47 54.05 0.70
CA THR B 390 -31.06 55.14 1.59
C THR B 390 -29.62 55.00 2.05
N ASP B 391 -28.86 56.08 1.93
CA ASP B 391 -27.47 56.10 2.35
C ASP B 391 -27.45 56.30 3.86
N ARG B 392 -26.84 55.37 4.58
CA ARG B 392 -26.78 55.43 6.03
C ARG B 392 -25.45 54.85 6.52
N GLU B 393 -24.93 55.38 7.62
CA GLU B 393 -23.68 54.88 8.18
C GLU B 393 -23.96 53.78 9.18
N LEU B 394 -24.23 52.59 8.68
CA LEU B 394 -24.53 51.44 9.52
C LEU B 394 -23.29 50.94 10.26
N THR B 395 -23.51 50.44 11.46
CA THR B 395 -22.42 49.90 12.28
C THR B 395 -22.73 48.46 12.68
N THR B 396 -24.01 48.20 12.96
CA THR B 396 -24.44 46.87 13.38
C THR B 396 -25.70 46.47 12.61
N VAL B 397 -25.68 45.27 12.02
CA VAL B 397 -26.81 44.79 11.24
C VAL B 397 -27.26 43.41 11.72
N MET B 398 -28.53 43.09 11.48
CA MET B 398 -29.10 41.83 11.90
C MET B 398 -29.85 41.16 10.76
N SER B 399 -29.74 39.84 10.67
CA SER B 399 -30.41 39.10 9.62
C SER B 399 -31.16 37.91 10.23
N ASN B 400 -32.44 37.79 9.92
CA ASN B 400 -33.25 36.70 10.45
C ASN B 400 -33.55 35.64 9.40
N SER B 401 -33.56 34.39 9.84
CA SER B 401 -33.83 33.27 8.95
C SER B 401 -34.74 32.28 9.70
N PHE B 402 -35.89 31.95 9.11
CA PHE B 402 -36.81 31.01 9.73
C PHE B 402 -37.19 29.94 8.72
N GLY B 403 -37.36 28.72 9.21
CA GLY B 403 -37.71 27.62 8.32
C GLY B 403 -38.76 26.71 8.91
N PHE B 404 -39.33 25.86 8.07
CA PHE B 404 -40.33 24.91 8.52
C PHE B 404 -39.77 24.10 9.67
N GLY B 405 -40.65 23.57 10.50
CA GLY B 405 -40.20 22.79 11.64
C GLY B 405 -39.93 23.72 12.81
N GLY B 406 -40.26 24.99 12.63
CA GLY B 406 -40.06 25.98 13.67
C GLY B 406 -38.60 26.22 13.99
N THR B 407 -37.74 26.20 12.98
CA THR B 407 -36.32 26.43 13.22
C THR B 407 -35.95 27.89 12.96
N ASN B 408 -35.31 28.52 13.94
CA ASN B 408 -34.92 29.92 13.83
C ASN B 408 -33.42 30.15 13.95
N ALA B 409 -32.94 31.13 13.18
CA ALA B 409 -31.54 31.51 13.21
C ALA B 409 -31.44 33.01 13.04
N THR B 410 -30.57 33.64 13.82
CA THR B 410 -30.36 35.07 13.73
C THR B 410 -28.87 35.35 13.81
N LEU B 411 -28.40 36.22 12.94
CA LEU B 411 -26.99 36.59 12.90
C LEU B 411 -26.89 38.10 13.05
N VAL B 412 -25.94 38.54 13.88
CA VAL B 412 -25.71 39.96 14.08
C VAL B 412 -24.25 40.24 13.74
N MET B 413 -24.04 41.11 12.77
CA MET B 413 -22.70 41.47 12.30
C MET B 413 -22.41 42.93 12.59
N ARG B 414 -21.17 43.23 12.96
CA ARG B 414 -20.81 44.60 13.28
C ARG B 414 -19.40 44.95 12.85
N LYS B 415 -19.21 46.19 12.43
CA LYS B 415 -17.90 46.66 12.00
C LYS B 415 -16.91 46.49 13.13
N LEU B 416 -15.68 46.13 12.77
CA LEU B 416 -14.63 45.95 13.77
C LEU B 416 -14.16 47.32 14.25
N LYS B 417 -14.01 47.49 15.55
CA LYS B 417 -13.57 48.75 16.12
C LYS B 417 -12.34 49.34 15.42
N ASP B 418 -11.33 48.62 15.26
N MET C 13 30.09 -24.40 19.61
CA MET C 13 30.37 -24.17 18.15
C MET C 13 30.98 -22.78 17.99
N LYS C 14 31.93 -22.67 17.06
CA LYS C 14 32.61 -21.41 16.80
C LYS C 14 31.71 -20.23 16.49
N ARG C 15 32.10 -19.06 16.99
CA ARG C 15 31.34 -17.83 16.77
C ARG C 15 32.04 -16.97 15.71
N ALA C 16 31.25 -16.32 14.87
CA ALA C 16 31.79 -15.49 13.80
C ALA C 16 31.50 -14.00 14.02
N VAL C 17 32.51 -13.17 13.79
CA VAL C 17 32.37 -11.73 13.96
C VAL C 17 32.91 -10.97 12.74
N ILE C 18 32.48 -9.71 12.59
CA ILE C 18 32.95 -8.88 11.49
C ILE C 18 34.01 -7.93 12.04
N THR C 19 35.21 -8.02 11.49
CA THR C 19 36.33 -7.21 11.96
C THR C 19 36.84 -6.20 10.96
N GLY C 20 36.17 -6.12 9.82
CA GLY C 20 36.58 -5.16 8.81
C GLY C 20 35.56 -5.10 7.70
N LEU C 21 35.47 -3.94 7.06
CA LEU C 21 34.54 -3.76 5.97
C LEU C 21 35.12 -2.80 4.94
N GLY C 22 34.61 -2.89 3.72
CA GLY C 22 35.07 -2.03 2.64
C GLY C 22 33.91 -1.88 1.69
N ILE C 23 33.78 -0.71 1.05
CA ILE C 23 32.64 -0.52 0.18
C ILE C 23 32.85 0.55 -0.89
N VAL C 24 32.21 0.33 -2.03
CA VAL C 24 32.24 1.22 -3.17
C VAL C 24 30.80 1.22 -3.63
N SER C 25 30.08 2.29 -3.34
CA SER C 25 28.67 2.35 -3.70
C SER C 25 28.27 3.68 -4.30
N SER C 26 27.02 3.75 -4.76
CA SER C 26 26.50 4.96 -5.34
C SER C 26 26.49 6.12 -4.35
N ILE C 27 26.53 5.82 -3.06
CA ILE C 27 26.52 6.89 -2.06
C ILE C 27 27.84 7.11 -1.33
N GLY C 28 28.92 6.53 -1.84
CA GLY C 28 30.21 6.72 -1.21
C GLY C 28 31.25 5.71 -1.64
N ASN C 29 32.48 6.17 -1.80
CA ASN C 29 33.58 5.31 -2.23
C ASN C 29 34.36 4.65 -1.10
N ASN C 30 33.94 4.89 0.14
CA ASN C 30 34.55 4.28 1.32
C ASN C 30 33.55 4.42 2.44
N GLN C 31 33.84 3.84 3.60
CA GLN C 31 32.87 3.91 4.69
C GLN C 31 32.65 5.31 5.24
N GLN C 32 33.64 6.18 5.12
CA GLN C 32 33.49 7.55 5.61
C GLN C 32 32.44 8.29 4.78
N GLU C 33 32.55 8.18 3.46
CA GLU C 33 31.58 8.84 2.57
C GLU C 33 30.19 8.23 2.70
N VAL C 34 30.13 6.91 2.80
CA VAL C 34 28.87 6.21 2.95
C VAL C 34 28.18 6.61 4.24
N LEU C 35 28.96 6.67 5.33
CA LEU C 35 28.40 7.06 6.61
C LEU C 35 27.77 8.44 6.50
N ALA C 36 28.48 9.36 5.84
CA ALA C 36 27.97 10.72 5.70
C ALA C 36 26.68 10.75 4.87
N SER C 37 26.64 9.95 3.80
CA SER C 37 25.44 9.90 2.96
C SER C 37 24.23 9.33 3.72
N LEU C 38 24.47 8.28 4.48
CA LEU C 38 23.39 7.66 5.25
C LEU C 38 22.80 8.65 6.26
N ARG C 39 23.66 9.36 6.98
CA ARG C 39 23.21 10.33 7.96
C ARG C 39 22.46 11.50 7.32
N GLU C 40 22.89 11.90 6.13
CA GLU C 40 22.24 13.01 5.45
C GLU C 40 21.07 12.61 4.57
N GLY C 41 20.88 11.29 4.40
CA GLY C 41 19.79 10.83 3.55
C GLY C 41 20.05 11.31 2.13
N ARG C 42 21.32 11.27 1.73
CA ARG C 42 21.74 11.71 0.39
C ARG C 42 21.55 10.63 -0.67
N SER C 43 20.86 10.99 -1.76
CA SER C 43 20.61 10.05 -2.84
C SER C 43 21.87 9.82 -3.70
N GLY C 44 22.02 8.60 -4.20
CA GLY C 44 23.16 8.29 -5.04
C GLY C 44 22.70 8.08 -6.48
N ILE C 45 21.43 8.38 -6.74
CA ILE C 45 20.84 8.18 -8.05
C ILE C 45 21.00 9.37 -8.97
N THR C 46 21.40 9.11 -10.21
CA THR C 46 21.58 10.18 -11.18
C THR C 46 21.00 9.79 -12.54
N PHE C 47 20.90 10.77 -13.43
CA PHE C 47 20.38 10.54 -14.77
C PHE C 47 21.46 9.80 -15.56
N SER C 48 21.05 8.85 -16.39
CA SER C 48 22.00 8.08 -17.19
C SER C 48 21.75 8.20 -18.68
N GLN C 49 22.64 8.91 -19.35
CA GLN C 49 22.52 9.09 -20.80
C GLN C 49 22.73 7.74 -21.50
N GLU C 50 23.53 6.87 -20.89
CA GLU C 50 23.80 5.56 -21.47
C GLU C 50 22.51 4.74 -21.54
N LEU C 51 21.77 4.68 -20.44
CA LEU C 51 20.52 3.93 -20.43
C LEU C 51 19.52 4.51 -21.43
N LYS C 52 19.42 5.84 -21.47
CA LYS C 52 18.49 6.47 -22.40
C LYS C 52 18.89 6.18 -23.84
N ASP C 53 20.17 6.31 -24.16
CA ASP C 53 20.64 6.05 -25.52
C ASP C 53 20.43 4.61 -25.97
N SER C 54 20.36 3.69 -25.02
CA SER C 54 20.17 2.28 -25.34
C SER C 54 18.72 1.98 -25.73
N GLY C 55 17.85 2.97 -25.53
CA GLY C 55 16.44 2.78 -25.86
C GLY C 55 15.58 2.36 -24.69
N MET C 56 16.15 2.40 -23.48
CA MET C 56 15.40 2.01 -22.29
C MET C 56 14.38 3.04 -21.84
N ARG C 57 13.42 2.60 -21.03
CA ARG C 57 12.40 3.48 -20.49
C ARG C 57 12.89 4.08 -19.18
N SER C 58 13.76 3.35 -18.51
CA SER C 58 14.34 3.83 -17.24
C SER C 58 15.64 4.54 -17.60
N HIS C 59 15.77 5.80 -17.20
CA HIS C 59 16.96 6.58 -17.52
C HIS C 59 17.75 6.99 -16.29
N VAL C 60 17.59 6.26 -15.19
CA VAL C 60 18.29 6.60 -13.96
C VAL C 60 18.99 5.39 -13.35
N TRP C 61 20.05 5.64 -12.58
CA TRP C 61 20.77 4.55 -11.94
C TRP C 61 21.62 5.01 -10.76
N GLY C 62 22.05 4.03 -9.96
CA GLY C 62 22.91 4.32 -8.82
C GLY C 62 24.31 3.97 -9.26
N ASN C 63 25.01 4.94 -9.82
CA ASN C 63 26.37 4.74 -10.31
C ASN C 63 27.46 4.99 -9.30
N VAL C 64 28.57 4.26 -9.44
CA VAL C 64 29.72 4.45 -8.57
C VAL C 64 30.37 5.71 -9.13
N LYS C 65 30.60 6.68 -8.26
CA LYS C 65 31.20 7.95 -8.67
C LYS C 65 32.67 7.96 -8.26
N LEU C 66 33.43 7.07 -8.88
CA LEU C 66 34.84 6.93 -8.60
C LEU C 66 35.58 6.55 -9.87
N ASP C 67 36.70 7.21 -10.11
CA ASP C 67 37.52 6.90 -11.27
C ASP C 67 38.43 5.78 -10.80
N THR C 68 38.18 4.57 -11.30
CA THR C 68 38.95 3.40 -10.93
C THR C 68 40.23 3.21 -11.77
N THR C 69 40.47 4.13 -12.70
CA THR C 69 41.64 4.03 -13.56
C THR C 69 42.95 4.09 -12.79
N GLY C 70 43.80 3.09 -13.00
CA GLY C 70 45.09 3.05 -12.32
C GLY C 70 45.09 2.64 -10.86
N LEU C 71 43.95 2.22 -10.34
CA LEU C 71 43.91 1.84 -8.93
C LEU C 71 44.34 0.39 -8.68
N ILE C 72 44.41 -0.40 -9.75
CA ILE C 72 44.80 -1.80 -9.64
C ILE C 72 45.93 -2.12 -10.63
N ASP C 73 46.89 -2.93 -10.20
CA ASP C 73 48.01 -3.30 -11.07
C ASP C 73 47.50 -3.81 -12.41
N ARG C 74 48.14 -3.38 -13.49
CA ARG C 74 47.73 -3.80 -14.83
C ARG C 74 47.67 -5.30 -15.03
N LYS C 75 48.61 -6.03 -14.43
CA LYS C 75 48.67 -7.48 -14.55
C LYS C 75 47.45 -8.15 -13.94
N VAL C 76 46.87 -7.49 -12.95
CA VAL C 76 45.69 -8.01 -12.26
C VAL C 76 44.38 -7.54 -12.87
N VAL C 77 44.24 -6.24 -13.07
CA VAL C 77 42.99 -5.68 -13.61
C VAL C 77 42.69 -6.14 -15.04
N ARG C 78 43.70 -6.63 -15.75
CA ARG C 78 43.47 -7.08 -17.12
C ARG C 78 42.50 -8.27 -17.21
N PHE C 79 42.32 -8.99 -16.10
CA PHE C 79 41.43 -10.15 -16.08
C PHE C 79 40.06 -9.81 -15.49
N MET C 80 39.89 -8.57 -15.04
CA MET C 80 38.66 -8.16 -14.36
C MET C 80 37.61 -7.35 -15.08
N SER C 81 36.37 -7.57 -14.67
CA SER C 81 35.23 -6.82 -15.17
C SER C 81 34.96 -5.85 -14.02
N ASP C 82 34.07 -4.89 -14.22
CA ASP C 82 33.75 -3.91 -13.18
C ASP C 82 33.32 -4.52 -11.84
N ALA C 83 32.55 -5.60 -11.88
CA ALA C 83 32.10 -6.22 -10.65
C ALA C 83 33.30 -6.59 -9.80
N SER C 84 34.29 -7.21 -10.44
CA SER C 84 35.52 -7.62 -9.76
C SER C 84 36.32 -6.42 -9.28
N ILE C 85 36.33 -5.36 -10.08
CA ILE C 85 37.04 -4.15 -9.70
C ILE C 85 36.45 -3.56 -8.42
N TYR C 86 35.13 -3.40 -8.39
CA TYR C 86 34.48 -2.84 -7.21
C TYR C 86 34.73 -3.70 -5.98
N ALA C 87 34.66 -5.02 -6.17
CA ALA C 87 34.86 -5.95 -5.07
C ALA C 87 36.30 -5.88 -4.59
N PHE C 88 37.22 -5.79 -5.55
CA PHE C 88 38.65 -5.73 -5.25
C PHE C 88 38.99 -4.50 -4.40
N LEU C 89 38.49 -3.34 -4.81
CA LEU C 89 38.74 -2.11 -4.09
C LEU C 89 38.13 -2.20 -2.68
N SER C 90 36.96 -2.82 -2.60
CA SER C 90 36.27 -2.99 -1.31
C SER C 90 37.09 -3.89 -0.39
N MET C 91 37.70 -4.91 -0.97
CA MET C 91 38.51 -5.84 -0.17
C MET C 91 39.76 -5.15 0.36
N GLU C 92 40.37 -4.30 -0.45
CA GLU C 92 41.57 -3.57 -0.02
C GLU C 92 41.21 -2.74 1.22
N GLN C 93 40.05 -2.09 1.15
CA GLN C 93 39.54 -1.27 2.25
C GLN C 93 39.30 -2.12 3.49
N ALA C 94 38.69 -3.27 3.30
CA ALA C 94 38.37 -4.18 4.39
C ALA C 94 39.62 -4.68 5.09
N ILE C 95 40.66 -4.94 4.31
CA ILE C 95 41.93 -5.42 4.84
C ILE C 95 42.61 -4.34 5.68
N ALA C 96 42.60 -3.11 5.16
CA ALA C 96 43.21 -2.01 5.90
C ALA C 96 42.38 -1.71 7.15
N ASP C 97 41.06 -1.75 7.01
CA ASP C 97 40.16 -1.49 8.13
C ASP C 97 40.33 -2.55 9.22
N ALA C 98 40.53 -3.80 8.82
CA ALA C 98 40.70 -4.90 9.78
C ALA C 98 42.08 -4.91 10.43
N GLY C 99 43.02 -4.18 9.83
CA GLY C 99 44.37 -4.15 10.38
C GLY C 99 45.11 -5.45 10.10
N LEU C 100 44.80 -6.09 8.97
CA LEU C 100 45.43 -7.35 8.61
C LEU C 100 46.67 -7.15 7.73
N SER C 101 47.76 -7.79 8.13
CA SER C 101 49.03 -7.72 7.41
C SER C 101 49.09 -8.88 6.43
N PRO C 102 49.80 -8.70 5.31
CA PRO C 102 49.93 -9.76 4.32
C PRO C 102 50.55 -11.01 4.94
N GLU C 103 51.48 -10.82 5.86
CA GLU C 103 52.10 -11.95 6.51
C GLU C 103 51.08 -12.81 7.25
N ALA C 104 49.94 -12.22 7.57
CA ALA C 104 48.92 -12.96 8.31
C ALA C 104 47.84 -13.63 7.46
N TYR C 105 47.36 -12.94 6.42
CA TYR C 105 46.29 -13.51 5.62
C TYR C 105 46.69 -14.16 4.29
N GLN C 106 47.85 -13.81 3.74
CA GLN C 106 48.27 -14.39 2.47
C GLN C 106 48.91 -15.77 2.69
N ASN C 107 48.78 -16.64 1.69
CA ASN C 107 49.33 -17.99 1.74
C ASN C 107 48.99 -18.68 3.06
N ASN C 108 47.75 -18.50 3.49
CA ASN C 108 47.28 -19.06 4.74
C ASN C 108 46.08 -19.96 4.44
N PRO C 109 46.24 -21.29 4.63
CA PRO C 109 45.16 -22.25 4.38
C PRO C 109 43.89 -21.97 5.18
N ARG C 110 44.02 -21.23 6.27
CA ARG C 110 42.85 -20.95 7.09
C ARG C 110 42.17 -19.61 6.75
N VAL C 111 42.56 -19.03 5.63
CA VAL C 111 41.99 -17.77 5.17
C VAL C 111 41.41 -17.98 3.78
N GLY C 112 40.11 -17.75 3.66
CA GLY C 112 39.45 -17.94 2.36
C GLY C 112 38.68 -16.72 1.87
N LEU C 113 37.99 -16.90 0.75
CA LEU C 113 37.22 -15.82 0.16
C LEU C 113 35.98 -16.36 -0.53
N ILE C 114 34.83 -15.74 -0.21
CA ILE C 114 33.56 -16.15 -0.78
C ILE C 114 32.83 -14.86 -1.18
N ALA C 115 32.72 -14.62 -2.48
CA ALA C 115 32.07 -13.41 -2.96
C ALA C 115 31.62 -13.64 -4.39
N GLY C 116 30.50 -13.04 -4.79
CA GLY C 116 30.03 -13.26 -6.13
C GLY C 116 29.29 -12.07 -6.71
N SER C 117 28.72 -12.27 -7.89
CA SER C 117 27.95 -11.23 -8.54
C SER C 117 26.64 -11.86 -8.97
N GLY C 118 25.67 -11.03 -9.31
CA GLY C 118 24.39 -11.54 -9.73
C GLY C 118 24.39 -12.06 -11.17
N GLY C 119 25.18 -11.44 -12.03
CA GLY C 119 25.20 -11.86 -13.42
C GLY C 119 26.54 -11.87 -14.13
N GLY C 120 27.63 -11.93 -13.36
CA GLY C 120 28.95 -11.94 -13.95
C GLY C 120 29.21 -10.65 -14.68
N SER C 121 29.32 -10.70 -16.00
CA SER C 121 29.52 -9.50 -16.80
C SER C 121 28.84 -9.54 -18.14
N PRO C 122 27.57 -9.10 -18.19
CA PRO C 122 26.85 -9.11 -19.47
C PRO C 122 27.61 -8.23 -20.46
N ARG C 123 28.27 -7.19 -19.96
CA ARG C 123 29.01 -6.29 -20.84
C ARG C 123 30.13 -7.00 -21.60
N PHE C 124 30.98 -7.74 -20.90
CA PHE C 124 32.06 -8.42 -21.61
C PHE C 124 31.59 -9.65 -22.37
N GLN C 125 30.46 -10.20 -21.96
CA GLN C 125 29.92 -11.34 -22.67
C GLN C 125 29.42 -10.84 -24.02
N VAL C 126 28.76 -9.68 -24.02
CA VAL C 126 28.26 -9.09 -25.25
C VAL C 126 29.42 -8.61 -26.12
N PHE C 127 30.45 -8.08 -25.46
CA PHE C 127 31.63 -7.60 -26.17
C PHE C 127 32.25 -8.74 -26.96
N GLY C 128 32.38 -9.90 -26.31
CA GLY C 128 32.98 -11.05 -26.96
C GLY C 128 32.22 -11.49 -28.21
N ALA C 129 30.90 -11.61 -28.08
CA ALA C 129 30.06 -12.02 -29.20
C ALA C 129 30.11 -10.98 -30.32
N ASP C 130 30.03 -9.70 -29.96
CA ASP C 130 30.09 -8.62 -30.94
C ASP C 130 31.42 -8.64 -31.69
N ALA C 131 32.51 -8.80 -30.96
CA ALA C 131 33.84 -8.82 -31.57
C ALA C 131 34.00 -10.07 -32.44
N MET C 132 33.58 -11.21 -31.90
CA MET C 132 33.69 -12.47 -32.63
C MET C 132 32.95 -12.42 -33.97
N ARG C 133 31.80 -11.75 -34.00
CA ARG C 133 31.01 -11.66 -35.22
C ARG C 133 31.56 -10.65 -36.23
N GLY C 134 32.61 -9.94 -35.83
CA GLY C 134 33.24 -8.98 -36.71
C GLY C 134 34.23 -9.68 -37.62
N PRO C 135 34.87 -8.96 -38.55
CA PRO C 135 35.85 -9.57 -39.46
C PRO C 135 37.13 -10.08 -38.81
N ARG C 136 37.46 -9.56 -37.63
CA ARG C 136 38.67 -9.97 -36.91
C ARG C 136 38.50 -11.28 -36.14
N GLY C 137 37.26 -11.69 -35.92
CA GLY C 137 37.01 -12.93 -35.20
C GLY C 137 37.72 -13.05 -33.85
N LEU C 138 38.36 -14.18 -33.63
CA LEU C 138 39.06 -14.44 -32.37
C LEU C 138 40.07 -13.35 -32.01
N LYS C 139 40.71 -12.78 -33.01
CA LYS C 139 41.70 -11.73 -32.77
C LYS C 139 41.09 -10.51 -32.11
N ALA C 140 39.82 -10.24 -32.40
CA ALA C 140 39.16 -9.08 -31.81
C ALA C 140 38.68 -9.35 -30.40
N VAL C 141 38.39 -10.62 -30.11
CA VAL C 141 37.92 -11.02 -28.78
C VAL C 141 39.01 -10.91 -27.72
N GLY C 142 40.21 -11.36 -28.05
CA GLY C 142 41.29 -11.30 -27.08
C GLY C 142 41.22 -12.47 -26.12
N PRO C 143 42.28 -12.73 -25.36
CA PRO C 143 42.28 -13.85 -24.41
C PRO C 143 41.90 -13.55 -22.96
N TYR C 144 41.23 -12.42 -22.71
CA TYR C 144 40.87 -12.05 -21.34
C TYR C 144 39.37 -12.05 -21.02
N VAL C 145 38.55 -12.36 -22.02
CA VAL C 145 37.09 -12.33 -21.82
C VAL C 145 36.53 -13.36 -20.84
N VAL C 146 37.09 -14.57 -20.82
CA VAL C 146 36.60 -15.61 -19.92
C VAL C 146 36.57 -15.20 -18.44
N THR C 147 37.70 -14.73 -17.92
CA THR C 147 37.74 -14.35 -16.51
C THR C 147 36.84 -13.15 -16.22
N LYS C 148 36.56 -12.34 -17.23
CA LYS C 148 35.71 -11.19 -17.01
C LYS C 148 34.23 -11.58 -17.08
N ALA C 149 33.90 -12.51 -17.96
CA ALA C 149 32.52 -12.94 -18.15
C ALA C 149 32.00 -14.06 -17.26
N MET C 150 32.87 -14.95 -16.76
CA MET C 150 32.39 -16.05 -15.94
C MET C 150 31.75 -15.57 -14.65
N ALA C 151 30.77 -16.34 -14.17
CA ALA C 151 30.03 -16.01 -12.96
C ALA C 151 30.89 -15.93 -11.70
N SER C 152 31.99 -16.68 -11.68
CA SER C 152 32.88 -16.68 -10.52
C SER C 152 33.94 -15.59 -10.59
N GLY C 153 33.80 -14.70 -11.57
CA GLY C 153 34.75 -13.61 -11.73
C GLY C 153 35.17 -12.91 -10.44
N VAL C 154 34.17 -12.48 -9.68
CA VAL C 154 34.46 -11.77 -8.44
C VAL C 154 35.36 -12.54 -7.49
N SER C 155 35.10 -13.83 -7.29
CA SER C 155 35.95 -14.60 -6.40
C SER C 155 37.29 -14.94 -7.03
N ALA C 156 37.28 -15.31 -8.31
CA ALA C 156 38.53 -15.67 -9.01
C ALA C 156 39.54 -14.53 -9.06
N CYS C 157 39.08 -13.36 -9.49
CA CYS C 157 39.93 -12.17 -9.62
C CYS C 157 40.40 -11.57 -8.31
N LEU C 158 39.87 -12.03 -7.19
CA LEU C 158 40.30 -11.50 -5.91
C LEU C 158 41.15 -12.49 -5.15
N ALA C 159 40.76 -13.77 -5.17
CA ALA C 159 41.51 -14.80 -4.46
C ALA C 159 42.93 -14.94 -4.99
N THR C 160 43.09 -14.76 -6.30
CA THR C 160 44.39 -14.89 -6.94
C THR C 160 45.38 -13.80 -6.53
N PRO C 161 45.05 -12.52 -6.79
CA PRO C 161 45.96 -11.43 -6.42
C PRO C 161 46.19 -11.26 -4.91
N PHE C 162 45.17 -11.55 -4.11
CA PHE C 162 45.34 -11.44 -2.65
C PHE C 162 46.01 -12.68 -2.04
N LYS C 163 46.46 -13.61 -2.88
CA LYS C 163 47.16 -14.81 -2.44
C LYS C 163 46.37 -15.66 -1.45
N ILE C 164 45.09 -15.85 -1.72
CA ILE C 164 44.24 -16.65 -0.84
C ILE C 164 44.49 -18.14 -1.04
N HIS C 165 44.66 -18.88 0.07
CA HIS C 165 44.90 -20.32 0.00
C HIS C 165 43.74 -21.15 0.50
N GLY C 166 42.80 -20.53 1.21
CA GLY C 166 41.68 -21.29 1.73
C GLY C 166 40.54 -21.46 0.74
N VAL C 167 39.32 -21.34 1.24
CA VAL C 167 38.14 -21.49 0.39
C VAL C 167 38.13 -20.40 -0.67
N ASN C 168 37.69 -20.75 -1.88
CA ASN C 168 37.64 -19.80 -2.98
C ASN C 168 36.55 -20.15 -4.00
N TYR C 169 35.45 -19.42 -3.93
CA TYR C 169 34.34 -19.60 -4.87
C TYR C 169 33.30 -18.53 -4.65
N SER C 170 32.32 -18.48 -5.55
CA SER C 170 31.25 -17.50 -5.50
C SER C 170 29.93 -18.17 -5.23
N ILE C 171 29.05 -17.44 -4.56
CA ILE C 171 27.72 -17.95 -4.30
C ILE C 171 26.76 -16.99 -4.99
N SER C 172 26.07 -17.47 -6.01
CA SER C 172 25.13 -16.62 -6.73
C SER C 172 23.71 -16.99 -6.38
N SER C 173 22.90 -15.96 -6.15
CA SER C 173 21.49 -16.13 -5.82
C SER C 173 20.75 -14.84 -6.11
N ALA C 174 20.98 -14.30 -7.31
CA ALA C 174 20.35 -13.07 -7.74
C ALA C 174 20.59 -11.94 -6.72
N CYS C 175 19.52 -11.29 -6.29
CA CYS C 175 19.67 -10.18 -5.34
C CYS C 175 20.02 -10.59 -3.91
N ALA C 176 20.18 -11.90 -3.68
CA ALA C 176 20.53 -12.38 -2.34
C ALA C 176 21.99 -12.82 -2.31
N THR C 177 22.60 -12.80 -3.50
CA THR C 177 23.98 -13.22 -3.71
C THR C 177 24.99 -12.93 -2.60
N SER C 178 25.30 -11.65 -2.38
CA SER C 178 26.30 -11.31 -1.36
C SER C 178 25.87 -11.60 0.07
N ALA C 179 24.57 -11.73 0.30
CA ALA C 179 24.07 -12.05 1.63
C ALA C 179 24.39 -13.51 1.91
N HIS C 180 24.12 -14.38 0.94
CA HIS C 180 24.43 -15.80 1.11
C HIS C 180 25.95 -15.99 1.20
N CYS C 181 26.73 -15.14 0.53
CA CYS C 181 28.18 -15.25 0.62
C CYS C 181 28.63 -15.08 2.06
N ILE C 182 28.08 -14.07 2.72
CA ILE C 182 28.43 -13.80 4.10
C ILE C 182 28.00 -14.97 5.00
N GLY C 183 26.79 -15.48 4.76
CA GLY C 183 26.29 -16.60 5.54
C GLY C 183 27.15 -17.84 5.40
N ASN C 184 27.60 -18.11 4.18
CA ASN C 184 28.46 -19.28 3.91
C ASN C 184 29.81 -19.08 4.60
N ALA C 185 30.24 -17.82 4.70
CA ALA C 185 31.51 -17.52 5.36
C ALA C 185 31.37 -17.86 6.84
N VAL C 186 30.21 -17.53 7.41
CA VAL C 186 29.94 -17.83 8.79
C VAL C 186 30.00 -19.36 8.97
N GLU C 187 29.39 -20.08 8.03
CA GLU C 187 29.39 -21.53 8.09
C GLU C 187 30.80 -22.11 8.10
N GLN C 188 31.71 -21.49 7.35
CA GLN C 188 33.09 -21.96 7.30
C GLN C 188 33.77 -21.79 8.67
N ILE C 189 33.44 -20.71 9.36
CA ILE C 189 34.00 -20.45 10.67
C ILE C 189 33.36 -21.42 11.68
N GLN C 190 32.06 -21.65 11.55
CA GLN C 190 31.35 -22.55 12.45
C GLN C 190 31.85 -23.99 12.28
N LEU C 191 32.14 -24.38 11.04
CA LEU C 191 32.64 -25.72 10.75
C LEU C 191 34.10 -25.86 11.19
N GLY C 192 34.67 -24.76 11.68
CA GLY C 192 36.04 -24.77 12.13
C GLY C 192 37.05 -24.91 11.00
N LYS C 193 36.61 -24.71 9.76
CA LYS C 193 37.48 -24.84 8.60
C LYS C 193 38.32 -23.60 8.28
N GLN C 194 37.86 -22.43 8.68
CA GLN C 194 38.59 -21.19 8.39
C GLN C 194 38.61 -20.27 9.61
N ASP C 195 39.65 -19.45 9.71
CA ASP C 195 39.75 -18.50 10.80
C ASP C 195 39.23 -17.17 10.28
N ILE C 196 39.44 -16.95 8.99
CA ILE C 196 38.98 -15.73 8.33
C ILE C 196 38.48 -16.03 6.93
N VAL C 197 37.38 -15.38 6.56
CA VAL C 197 36.85 -15.51 5.22
C VAL C 197 36.37 -14.14 4.79
N PHE C 198 36.90 -13.65 3.67
CA PHE C 198 36.48 -12.35 3.15
C PHE C 198 35.19 -12.66 2.42
N ALA C 199 34.13 -11.92 2.73
CA ALA C 199 32.83 -12.16 2.09
C ALA C 199 32.21 -10.90 1.54
N GLY C 200 31.61 -11.01 0.37
CA GLY C 200 30.98 -9.85 -0.24
C GLY C 200 30.59 -10.11 -1.67
N GLY C 201 30.79 -9.10 -2.51
CA GLY C 201 30.43 -9.26 -3.91
C GLY C 201 30.51 -7.95 -4.66
N GLY C 202 30.16 -7.99 -5.94
CA GLY C 202 30.19 -6.81 -6.76
C GLY C 202 29.21 -6.97 -7.91
N GLU C 203 28.91 -5.88 -8.57
CA GLU C 203 27.98 -5.91 -9.69
C GLU C 203 28.27 -4.72 -10.59
N GLU C 204 28.43 -4.97 -11.88
CA GLU C 204 28.70 -3.89 -12.83
C GLU C 204 27.38 -3.20 -13.15
N LEU C 205 27.47 -2.02 -13.74
CA LEU C 205 26.29 -1.25 -14.10
C LEU C 205 26.42 -1.00 -15.60
N CYS C 206 25.41 -1.41 -16.37
CA CYS C 206 25.47 -1.27 -17.81
C CYS C 206 24.11 -1.52 -18.46
N TRP C 207 23.88 -0.89 -19.62
CA TRP C 207 22.61 -1.08 -20.30
C TRP C 207 22.43 -2.53 -20.73
N GLU C 208 23.54 -3.21 -21.04
CA GLU C 208 23.47 -4.61 -21.48
C GLU C 208 22.68 -5.45 -20.49
N MET C 209 22.88 -5.20 -19.21
CA MET C 209 22.16 -5.95 -18.19
C MET C 209 20.85 -5.27 -17.78
N ALA C 210 20.90 -3.95 -17.63
CA ALA C 210 19.72 -3.19 -17.23
C ALA C 210 18.50 -3.34 -18.15
N CYS C 211 18.72 -3.38 -19.45
CA CYS C 211 17.59 -3.48 -20.38
C CYS C 211 16.75 -4.73 -20.13
N GLU C 212 17.37 -5.80 -19.64
CA GLU C 212 16.64 -7.03 -19.37
C GLU C 212 15.65 -6.86 -18.22
N PHE C 213 15.97 -6.00 -17.27
CA PHE C 213 15.06 -5.75 -16.14
C PHE C 213 13.94 -4.83 -16.62
N ASP C 214 14.29 -3.87 -17.46
CA ASP C 214 13.31 -2.95 -18.01
C ASP C 214 12.28 -3.77 -18.81
N ALA C 215 12.80 -4.73 -19.59
CA ALA C 215 11.95 -5.59 -20.42
C ALA C 215 10.96 -6.36 -19.55
N MET C 216 11.28 -6.48 -18.26
CA MET C 216 10.44 -7.15 -17.28
C MET C 216 9.45 -6.18 -16.66
N GLY C 217 9.67 -4.88 -16.88
CA GLY C 217 8.82 -3.87 -16.30
C GLY C 217 9.12 -3.66 -14.83
N ALA C 218 10.33 -4.04 -14.41
CA ALA C 218 10.72 -3.94 -13.01
C ALA C 218 11.42 -2.64 -12.61
N LEU C 219 11.86 -1.87 -13.60
CA LEU C 219 12.56 -0.60 -13.32
C LEU C 219 11.64 0.61 -13.32
N SER C 220 12.05 1.64 -12.58
CA SER C 220 11.29 2.88 -12.49
C SER C 220 11.43 3.63 -13.81
N THR C 221 10.32 4.13 -14.34
CA THR C 221 10.35 4.87 -15.61
C THR C 221 9.62 6.21 -15.58
N LYS C 222 8.88 6.45 -14.50
CA LYS C 222 8.09 7.69 -14.38
C LYS C 222 8.79 8.88 -13.73
N TYR C 223 10.03 8.71 -13.28
CA TYR C 223 10.74 9.80 -12.63
C TYR C 223 12.10 10.16 -13.23
N ASN C 224 12.28 9.90 -14.51
CA ASN C 224 13.54 10.20 -15.18
C ASN C 224 13.93 11.68 -15.07
N ASP C 225 12.94 12.57 -14.95
CA ASP C 225 13.19 14.00 -14.85
C ASP C 225 13.68 14.42 -13.47
N THR C 226 13.43 13.58 -12.47
CA THR C 226 13.85 13.84 -11.10
C THR C 226 14.46 12.56 -10.57
N PRO C 227 15.69 12.26 -11.00
CA PRO C 227 16.46 11.06 -10.62
C PRO C 227 16.47 10.69 -9.15
N GLU C 228 16.68 11.68 -8.28
CA GLU C 228 16.75 11.42 -6.86
C GLU C 228 15.43 11.00 -6.21
N LYS C 229 14.34 11.09 -6.94
CA LYS C 229 13.04 10.70 -6.39
C LYS C 229 12.47 9.42 -6.99
N ALA C 230 13.21 8.83 -7.93
CA ALA C 230 12.79 7.60 -8.60
C ALA C 230 12.64 6.42 -7.63
N SER C 231 13.67 6.19 -6.81
CA SER C 231 13.63 5.12 -5.84
C SER C 231 12.92 5.67 -4.60
N ARG C 232 11.72 5.16 -4.35
CA ARG C 232 10.89 5.63 -3.25
C ARG C 232 10.15 4.50 -2.56
N THR C 233 10.91 3.57 -2.01
CA THR C 233 10.36 2.41 -1.32
C THR C 233 9.24 2.78 -0.33
N TYR C 234 8.14 2.04 -0.40
CA TYR C 234 6.98 2.24 0.45
C TYR C 234 6.11 3.43 0.06
N ASP C 235 6.53 4.20 -0.94
CA ASP C 235 5.72 5.34 -1.38
C ASP C 235 4.59 4.84 -2.27
N ALA C 236 3.38 5.34 -2.02
CA ALA C 236 2.20 4.94 -2.78
C ALA C 236 2.39 5.09 -4.28
N HIS C 237 3.33 5.94 -4.69
CA HIS C 237 3.55 6.18 -6.11
C HIS C 237 4.83 5.56 -6.69
N ARG C 238 5.36 4.54 -6.02
CA ARG C 238 6.56 3.86 -6.49
C ARG C 238 6.23 3.12 -7.78
N ASP C 239 7.21 2.97 -8.66
CA ASP C 239 6.98 2.29 -9.95
C ASP C 239 8.16 1.44 -10.43
N GLY C 240 8.84 0.77 -9.52
CA GLY C 240 9.96 -0.06 -9.92
C GLY C 240 11.26 0.36 -9.26
N PHE C 241 12.23 -0.54 -9.20
CA PHE C 241 13.49 -0.20 -8.58
C PHE C 241 14.42 0.53 -9.52
N VAL C 242 15.46 1.14 -8.96
CA VAL C 242 16.45 1.86 -9.74
C VAL C 242 17.71 1.01 -9.70
N ILE C 243 18.18 0.57 -10.85
CA ILE C 243 19.35 -0.28 -10.92
C ILE C 243 20.63 0.45 -10.51
N ALA C 244 21.52 -0.26 -9.83
CA ALA C 244 22.77 0.33 -9.38
C ALA C 244 23.93 -0.66 -9.47
N GLY C 245 25.15 -0.15 -9.33
CA GLY C 245 26.33 -0.99 -9.37
C GLY C 245 27.18 -0.72 -8.14
N GLY C 246 28.22 -1.52 -7.91
CA GLY C 246 29.07 -1.31 -6.76
C GLY C 246 29.61 -2.59 -6.17
N GLY C 247 30.27 -2.47 -5.03
CA GLY C 247 30.81 -3.64 -4.37
C GLY C 247 30.90 -3.43 -2.87
N GLY C 248 31.21 -4.50 -2.16
CA GLY C 248 31.34 -4.43 -0.71
C GLY C 248 32.02 -5.70 -0.26
N MET C 249 32.71 -5.64 0.87
CA MET C 249 33.39 -6.82 1.38
C MET C 249 33.54 -6.68 2.88
N VAL C 250 33.35 -7.77 3.61
CA VAL C 250 33.52 -7.71 5.05
C VAL C 250 34.47 -8.82 5.46
N VAL C 251 35.10 -8.64 6.61
CA VAL C 251 36.03 -9.64 7.09
C VAL C 251 35.29 -10.46 8.13
N VAL C 252 34.99 -11.72 7.78
CA VAL C 252 34.30 -12.62 8.70
C VAL C 252 35.40 -13.41 9.38
N GLU C 253 35.42 -13.34 10.70
CA GLU C 253 36.47 -13.99 11.47
C GLU C 253 35.97 -14.76 12.68
N GLU C 254 36.70 -15.79 13.06
CA GLU C 254 36.34 -16.60 14.22
C GLU C 254 36.64 -15.74 15.46
N LEU C 255 35.73 -15.77 16.43
CA LEU C 255 35.86 -14.96 17.63
C LEU C 255 37.20 -14.99 18.37
N GLU C 256 37.64 -16.17 18.78
CA GLU C 256 38.91 -16.25 19.51
C GLU C 256 40.08 -15.73 18.68
N HIS C 257 40.07 -16.02 17.39
CA HIS C 257 41.14 -15.54 16.50
C HIS C 257 41.17 -14.02 16.49
N ALA C 258 39.99 -13.41 16.44
CA ALA C 258 39.88 -11.95 16.39
C ALA C 258 40.37 -11.31 17.70
N LEU C 259 39.90 -11.87 18.82
CA LEU C 259 40.29 -11.35 20.14
C LEU C 259 41.79 -11.48 20.35
N ALA C 260 42.34 -12.61 19.92
CA ALA C 260 43.78 -12.89 20.06
C ALA C 260 44.67 -11.87 19.36
N ARG C 261 44.16 -11.24 18.31
CA ARG C 261 44.99 -10.27 17.59
C ARG C 261 44.57 -8.83 17.88
N GLY C 262 43.69 -8.65 18.87
CA GLY C 262 43.23 -7.32 19.22
C GLY C 262 42.43 -6.65 18.11
N ALA C 263 41.67 -7.45 17.39
CA ALA C 263 40.88 -6.92 16.29
C ALA C 263 39.77 -5.99 16.75
N HIS C 264 39.36 -5.10 15.85
CA HIS C 264 38.25 -4.20 16.12
C HIS C 264 37.05 -4.98 15.64
N ILE C 265 36.17 -5.34 16.57
CA ILE C 265 34.97 -6.11 16.24
C ILE C 265 33.75 -5.22 16.12
N TYR C 266 33.15 -5.20 14.93
CA TYR C 266 31.95 -4.40 14.70
C TYR C 266 30.76 -5.07 15.34
N ALA C 267 30.62 -6.37 15.10
CA ALA C 267 29.51 -7.13 15.64
C ALA C 267 29.67 -8.62 15.38
N GLU C 268 28.82 -9.41 16.04
CA GLU C 268 28.81 -10.84 15.88
C GLU C 268 27.63 -11.23 15.00
N ILE C 269 27.83 -12.18 14.10
CA ILE C 269 26.72 -12.63 13.25
C ILE C 269 26.06 -13.71 14.08
N VAL C 270 24.95 -13.36 14.72
CA VAL C 270 24.24 -14.30 15.57
C VAL C 270 23.12 -15.05 14.87
N GLY C 271 22.84 -14.68 13.64
CA GLY C 271 21.80 -15.36 12.89
C GLY C 271 21.98 -15.28 11.39
N TYR C 272 21.72 -16.39 10.72
CA TYR C 272 21.82 -16.48 9.27
C TYR C 272 20.72 -17.38 8.75
N GLY C 273 19.79 -16.79 8.00
CA GLY C 273 18.69 -17.57 7.45
C GLY C 273 18.81 -17.69 5.94
N ALA C 274 18.49 -18.87 5.43
CA ALA C 274 18.53 -19.12 4.00
C ALA C 274 17.41 -20.10 3.67
N THR C 275 16.40 -19.63 2.96
CA THR C 275 15.26 -20.45 2.60
C THR C 275 14.91 -20.34 1.12
N SER C 276 13.90 -21.09 0.72
CA SER C 276 13.44 -21.12 -0.66
C SER C 276 11.91 -21.02 -0.70
N ASP C 277 11.38 -20.23 -1.62
CA ASP C 277 9.93 -20.05 -1.77
C ASP C 277 9.28 -21.25 -2.44
N GLY C 278 9.90 -21.73 -3.51
CA GLY C 278 9.35 -22.85 -4.25
C GLY C 278 7.96 -22.48 -4.74
N ALA C 279 7.80 -21.23 -5.18
CA ALA C 279 6.50 -20.77 -5.65
C ALA C 279 6.59 -20.08 -7.01
N ASP C 280 6.87 -18.78 -7.00
CA ASP C 280 6.97 -18.02 -8.25
C ASP C 280 8.42 -17.73 -8.63
N MET C 281 8.69 -17.67 -9.93
CA MET C 281 10.04 -17.40 -10.43
C MET C 281 10.55 -15.97 -10.20
N VAL C 282 9.63 -15.01 -10.19
CA VAL C 282 10.04 -13.62 -10.02
C VAL C 282 9.28 -12.84 -8.95
N ALA C 283 8.29 -13.47 -8.34
CA ALA C 283 7.50 -12.80 -7.31
C ALA C 283 7.65 -13.50 -5.97
N PRO C 284 7.97 -12.76 -4.91
CA PRO C 284 8.14 -13.31 -3.56
C PRO C 284 6.82 -13.86 -3.04
N SER C 285 6.89 -14.97 -2.31
CA SER C 285 5.67 -15.57 -1.76
C SER C 285 5.43 -15.04 -0.36
N GLY C 286 6.48 -14.48 0.25
CA GLY C 286 6.35 -13.94 1.60
C GLY C 286 6.48 -15.06 2.63
N GLU C 287 5.93 -16.22 2.29
CA GLU C 287 5.98 -17.38 3.17
C GLU C 287 7.44 -17.78 3.41
N GLY C 288 8.24 -17.75 2.34
CA GLY C 288 9.65 -18.10 2.47
C GLY C 288 10.39 -17.06 3.29
N ALA C 289 10.02 -15.80 3.13
CA ALA C 289 10.65 -14.71 3.85
C ALA C 289 10.41 -14.82 5.35
N VAL C 290 9.21 -15.25 5.72
CA VAL C 290 8.86 -15.41 7.13
C VAL C 290 9.73 -16.50 7.74
N ARG C 291 9.83 -17.64 7.06
CA ARG C 291 10.66 -18.72 7.56
C ARG C 291 12.12 -18.30 7.62
N CYS C 292 12.56 -17.51 6.64
CA CYS C 292 13.95 -17.06 6.61
C CYS C 292 14.27 -16.16 7.82
N MET C 293 13.39 -15.22 8.11
CA MET C 293 13.62 -14.33 9.25
C MET C 293 13.55 -15.09 10.56
N LYS C 294 12.64 -16.04 10.66
CA LYS C 294 12.52 -16.82 11.89
C LYS C 294 13.78 -17.66 12.11
N MET C 295 14.27 -18.28 11.05
CA MET C 295 15.47 -19.10 11.14
C MET C 295 16.64 -18.26 11.65
N ALA C 296 16.77 -17.05 11.13
CA ALA C 296 17.86 -16.17 11.54
C ALA C 296 17.74 -15.72 12.99
N MET C 297 16.51 -15.66 13.50
CA MET C 297 16.28 -15.24 14.87
C MET C 297 16.28 -16.39 15.86
N HIS C 298 16.34 -17.60 15.35
CA HIS C 298 16.35 -18.78 16.22
C HIS C 298 17.58 -18.75 17.12
N GLY C 299 17.36 -18.66 18.43
CA GLY C 299 18.47 -18.63 19.36
C GLY C 299 18.87 -17.23 19.79
N VAL C 300 18.46 -16.23 19.02
CA VAL C 300 18.78 -14.84 19.35
C VAL C 300 17.88 -14.39 20.49
N ASP C 301 18.47 -14.18 21.66
CA ASP C 301 17.71 -13.77 22.84
C ASP C 301 17.47 -12.27 22.96
N THR C 302 17.81 -11.51 21.93
CA THR C 302 17.61 -10.07 21.97
C THR C 302 16.68 -9.65 20.83
N PRO C 303 15.92 -8.56 21.03
CA PRO C 303 15.00 -8.05 20.03
C PRO C 303 15.72 -7.27 18.94
N ILE C 304 15.12 -7.24 17.75
CA ILE C 304 15.68 -6.52 16.61
C ILE C 304 15.39 -5.02 16.76
N ASP C 305 16.45 -4.24 16.92
CA ASP C 305 16.34 -2.79 17.10
C ASP C 305 16.16 -2.07 15.77
N TYR C 306 16.74 -2.62 14.71
CA TYR C 306 16.63 -2.02 13.38
C TYR C 306 16.67 -3.10 12.31
N LEU C 307 15.83 -2.93 11.30
CA LEU C 307 15.76 -3.88 10.22
C LEU C 307 15.95 -3.15 8.89
N ASN C 308 16.96 -3.58 8.14
CA ASN C 308 17.23 -3.01 6.83
C ASN C 308 16.51 -3.96 5.88
N SER C 309 15.36 -3.53 5.39
CA SER C 309 14.54 -4.35 4.51
C SER C 309 15.06 -4.47 3.09
N GLN C 310 14.47 -5.37 2.32
CA GLN C 310 14.88 -5.53 0.93
C GLN C 310 14.39 -4.26 0.21
N GLY C 311 13.14 -3.89 0.49
CA GLY C 311 12.53 -2.70 -0.08
C GLY C 311 13.14 -2.15 -1.37
N THR C 312 12.83 -2.79 -2.50
CA THR C 312 13.38 -2.36 -3.78
C THR C 312 12.62 -1.21 -4.44
N SER C 313 11.45 -0.89 -3.90
CA SER C 313 10.61 0.19 -4.42
C SER C 313 9.70 -0.34 -5.54
N THR C 314 9.28 -1.59 -5.41
CA THR C 314 8.40 -2.19 -6.40
C THR C 314 7.02 -2.32 -5.77
N PRO C 315 5.97 -2.25 -6.60
CA PRO C 315 4.57 -2.35 -6.15
C PRO C 315 4.28 -3.55 -5.25
N VAL C 316 4.51 -4.76 -5.77
CA VAL C 316 4.24 -5.98 -5.02
C VAL C 316 5.32 -6.34 -4.01
N GLY C 317 6.57 -6.15 -4.39
CA GLY C 317 7.67 -6.47 -3.51
C GLY C 317 7.61 -5.80 -2.14
N ASP C 318 7.52 -4.49 -2.13
CA ASP C 318 7.47 -3.76 -0.86
C ASP C 318 6.36 -4.28 0.05
N VAL C 319 5.18 -4.51 -0.53
CA VAL C 319 4.02 -5.00 0.22
C VAL C 319 4.24 -6.40 0.82
N LYS C 320 4.69 -7.33 -0.01
CA LYS C 320 4.94 -8.70 0.45
C LYS C 320 5.89 -8.76 1.65
N GLU C 321 7.01 -8.05 1.56
CA GLU C 321 7.97 -8.07 2.66
C GLU C 321 7.38 -7.51 3.95
N LEU C 322 6.61 -6.43 3.86
CA LEU C 322 6.00 -5.84 5.05
C LEU C 322 5.03 -6.82 5.70
N ALA C 323 4.25 -7.52 4.87
CA ALA C 323 3.31 -8.49 5.41
C ALA C 323 4.09 -9.57 6.16
N ALA C 324 5.22 -9.99 5.59
CA ALA C 324 6.05 -11.02 6.23
C ALA C 324 6.60 -10.50 7.55
N ILE C 325 7.04 -9.23 7.55
CA ILE C 325 7.58 -8.64 8.76
C ILE C 325 6.50 -8.64 9.85
N ARG C 326 5.27 -8.31 9.46
CA ARG C 326 4.15 -8.29 10.40
C ARG C 326 4.02 -9.67 11.03
N GLU C 327 4.01 -10.68 10.18
CA GLU C 327 3.89 -12.08 10.57
C GLU C 327 4.95 -12.52 11.58
N VAL C 328 6.20 -12.19 11.30
CA VAL C 328 7.31 -12.57 12.17
C VAL C 328 7.35 -11.87 13.52
N PHE C 329 7.28 -10.55 13.52
CA PHE C 329 7.34 -9.80 14.77
C PHE C 329 6.01 -9.53 15.46
N GLY C 330 4.92 -9.82 14.78
CA GLY C 330 3.61 -9.60 15.36
C GLY C 330 3.42 -8.20 15.91
N ASP C 331 3.36 -8.09 17.24
CA ASP C 331 3.17 -6.80 17.89
C ASP C 331 4.50 -6.17 18.34
N LYS C 332 5.61 -6.83 18.05
CA LYS C 332 6.92 -6.31 18.43
C LYS C 332 7.74 -5.95 17.20
N SER C 333 7.16 -5.17 16.30
CA SER C 333 7.84 -4.77 15.08
C SER C 333 8.99 -3.81 15.35
N PRO C 334 10.12 -3.99 14.67
CA PRO C 334 11.31 -3.16 14.83
C PRO C 334 11.30 -1.93 13.91
N ALA C 335 12.19 -0.99 14.19
CA ALA C 335 12.33 0.21 13.38
C ALA C 335 12.81 -0.28 12.01
N ILE C 336 12.25 0.29 10.95
CA ILE C 336 12.58 -0.12 9.59
C ILE C 336 12.90 1.04 8.65
N SER C 337 13.85 0.80 7.74
CA SER C 337 14.17 1.81 6.73
C SER C 337 14.74 1.07 5.52
N ALA C 338 14.45 1.58 4.34
CA ALA C 338 14.91 0.98 3.10
C ALA C 338 15.98 1.87 2.50
N THR C 339 17.24 1.49 2.66
CA THR C 339 18.33 2.29 2.15
C THR C 339 18.37 2.36 0.63
N LYS C 340 17.66 1.45 -0.06
CA LYS C 340 17.64 1.48 -1.51
C LYS C 340 16.98 2.76 -2.03
N ALA C 341 16.18 3.40 -1.18
CA ALA C 341 15.52 4.64 -1.58
C ALA C 341 16.60 5.66 -1.94
N MET C 342 17.75 5.62 -1.27
CA MET C 342 18.78 6.57 -1.66
C MET C 342 19.91 5.95 -2.50
N THR C 343 20.16 4.65 -2.34
CA THR C 343 21.24 3.97 -3.07
C THR C 343 20.92 3.23 -4.38
N GLY C 344 19.67 2.86 -4.58
CA GLY C 344 19.32 2.10 -5.77
C GLY C 344 19.57 0.64 -5.43
N HIS C 345 19.26 -0.26 -6.36
CA HIS C 345 19.41 -1.70 -6.15
C HIS C 345 20.67 -2.26 -6.83
N SER C 346 21.70 -2.56 -6.05
CA SER C 346 22.95 -3.08 -6.61
C SER C 346 22.93 -4.59 -6.89
N LEU C 347 21.74 -5.18 -6.88
CA LEU C 347 21.56 -6.60 -7.17
C LEU C 347 22.47 -7.53 -6.35
N GLY C 348 23.39 -8.20 -7.03
CA GLY C 348 24.29 -9.12 -6.33
C GLY C 348 25.12 -8.49 -5.23
N ALA C 349 25.38 -7.19 -5.33
CA ALA C 349 26.17 -6.50 -4.32
C ALA C 349 25.31 -5.91 -3.20
N ALA C 350 23.99 -5.94 -3.37
CA ALA C 350 23.09 -5.37 -2.36
C ALA C 350 23.21 -6.02 -0.98
N GLY C 351 23.35 -7.34 -0.95
CA GLY C 351 23.45 -8.04 0.32
C GLY C 351 24.57 -7.55 1.21
N VAL C 352 25.79 -7.49 0.68
CA VAL C 352 26.91 -7.04 1.50
C VAL C 352 26.89 -5.54 1.77
N GLN C 353 26.48 -4.74 0.80
CA GLN C 353 26.44 -3.29 1.00
C GLN C 353 25.43 -2.92 2.07
N GLU C 354 24.28 -3.59 2.08
CA GLU C 354 23.27 -3.29 3.08
C GLU C 354 23.67 -3.84 4.45
N ALA C 355 24.48 -4.89 4.44
CA ALA C 355 24.96 -5.46 5.70
C ALA C 355 25.91 -4.40 6.27
N ILE C 356 26.68 -3.77 5.38
CA ILE C 356 27.62 -2.74 5.78
C ILE C 356 26.89 -1.48 6.25
N TYR C 357 25.76 -1.15 5.62
CA TYR C 357 25.02 0.04 6.06
C TYR C 357 24.51 -0.22 7.47
N SER C 358 24.03 -1.44 7.71
CA SER C 358 23.51 -1.81 9.02
C SER C 358 24.62 -1.83 10.08
N LEU C 359 25.81 -2.26 9.69
CA LEU C 359 26.95 -2.30 10.62
C LEU C 359 27.37 -0.88 10.99
N LEU C 360 27.26 0.05 10.04
CA LEU C 360 27.61 1.43 10.31
C LEU C 360 26.59 2.04 11.25
N MET C 361 25.32 1.71 11.05
CA MET C 361 24.28 2.21 11.92
C MET C 361 24.50 1.69 13.33
N LEU C 362 24.85 0.41 13.43
CA LEU C 362 25.11 -0.22 14.72
C LEU C 362 26.36 0.35 15.38
N GLU C 363 27.41 0.54 14.58
CA GLU C 363 28.67 1.06 15.10
C GLU C 363 28.60 2.52 15.53
N HIS C 364 27.86 3.35 14.77
CA HIS C 364 27.74 4.77 15.06
C HIS C 364 26.46 5.19 15.78
N GLY C 365 25.59 4.22 16.07
CA GLY C 365 24.37 4.51 16.78
C GLY C 365 23.36 5.44 16.13
N PHE C 366 22.83 5.04 14.98
CA PHE C 366 21.84 5.86 14.30
C PHE C 366 21.09 4.99 13.30
N ILE C 367 19.93 5.48 12.88
CA ILE C 367 19.12 4.78 11.90
C ILE C 367 19.03 5.67 10.68
N ALA C 368 19.44 5.12 9.54
CA ALA C 368 19.41 5.84 8.26
C ALA C 368 17.94 5.99 7.86
N PRO C 369 17.58 7.13 7.25
CA PRO C 369 16.20 7.35 6.83
C PRO C 369 15.75 6.63 5.56
N SER C 370 14.46 6.35 5.50
CA SER C 370 13.85 5.71 4.34
C SER C 370 13.29 6.94 3.62
N ILE C 371 14.00 7.43 2.60
CA ILE C 371 13.57 8.64 1.92
C ILE C 371 12.53 8.51 0.81
N ASN C 372 12.11 9.66 0.29
CA ASN C 372 11.13 9.75 -0.80
C ASN C 372 9.74 9.21 -0.52
N ILE C 373 9.34 9.17 0.75
CA ILE C 373 8.00 8.68 1.07
C ILE C 373 7.06 9.87 1.23
N GLU C 374 6.43 10.29 0.13
CA GLU C 374 5.52 11.42 0.16
C GLU C 374 4.15 10.97 0.65
N GLU C 375 3.79 9.73 0.35
CA GLU C 375 2.52 9.16 0.77
C GLU C 375 2.76 7.69 1.11
N LEU C 376 2.82 7.37 2.39
CA LEU C 376 3.07 6.01 2.84
C LEU C 376 2.00 5.05 2.35
N ASP C 377 2.43 3.90 1.81
CA ASP C 377 1.50 2.90 1.31
C ASP C 377 0.63 2.45 2.47
N GLU C 378 -0.65 2.23 2.20
CA GLU C 378 -1.58 1.81 3.24
C GLU C 378 -1.12 0.51 3.92
N GLN C 379 -0.45 -0.36 3.19
CA GLN C 379 -0.02 -1.62 3.79
C GLN C 379 1.21 -1.52 4.69
N ALA C 380 1.67 -0.30 4.96
CA ALA C 380 2.81 -0.09 5.84
C ALA C 380 2.37 0.65 7.09
N ALA C 381 1.05 0.77 7.26
CA ALA C 381 0.46 1.49 8.39
C ALA C 381 0.92 1.03 9.78
N GLY C 382 0.85 -0.26 10.05
CA GLY C 382 1.27 -0.71 11.38
C GLY C 382 2.76 -0.94 11.53
N LEU C 383 3.57 0.04 11.17
CA LEU C 383 5.02 -0.12 11.26
C LEU C 383 5.78 1.19 11.46
N ASN C 384 6.95 1.11 12.08
CA ASN C 384 7.76 2.30 12.30
C ASN C 384 8.79 2.45 11.18
N ILE C 385 8.35 3.06 10.08
CA ILE C 385 9.24 3.29 8.94
C ILE C 385 9.95 4.61 9.24
N VAL C 386 11.23 4.53 9.59
CA VAL C 386 12.01 5.71 9.92
C VAL C 386 12.27 6.56 8.67
N THR C 387 11.77 7.79 8.68
CA THR C 387 11.93 8.69 7.54
C THR C 387 12.86 9.88 7.81
N GLU C 388 13.44 9.90 8.99
CA GLU C 388 14.37 10.97 9.36
C GLU C 388 15.53 10.36 10.15
N THR C 389 16.74 10.83 9.87
CA THR C 389 17.91 10.31 10.56
C THR C 389 17.69 10.42 12.05
N THR C 390 17.80 9.29 12.75
CA THR C 390 17.58 9.26 14.18
C THR C 390 18.74 8.64 14.94
N ASP C 391 19.33 9.40 15.87
CA ASP C 391 20.42 8.87 16.67
C ASP C 391 19.81 7.94 17.71
N ARG C 392 20.34 6.72 17.79
CA ARG C 392 19.84 5.74 18.73
C ARG C 392 20.87 4.64 18.98
N GLU C 393 20.95 4.17 20.21
CA GLU C 393 21.89 3.12 20.57
C GLU C 393 21.33 1.77 20.14
N LEU C 394 21.87 1.20 19.06
CA LEU C 394 21.38 -0.09 18.59
C LEU C 394 22.21 -1.23 19.18
N THR C 395 21.59 -2.40 19.30
CA THR C 395 22.28 -3.56 19.83
C THR C 395 22.23 -4.73 18.84
N THR C 396 21.05 -4.96 18.28
CA THR C 396 20.85 -6.05 17.33
C THR C 396 20.16 -5.52 16.08
N VAL C 397 20.70 -5.85 14.91
CA VAL C 397 20.11 -5.41 13.65
C VAL C 397 19.92 -6.58 12.69
N MET C 398 18.94 -6.45 11.80
CA MET C 398 18.65 -7.49 10.82
C MET C 398 18.61 -6.90 9.43
N SER C 399 19.05 -7.69 8.45
CA SER C 399 19.07 -7.26 7.06
C SER C 399 18.57 -8.39 6.16
N ASN C 400 17.53 -8.12 5.38
CA ASN C 400 16.94 -9.11 4.48
C ASN C 400 17.32 -8.94 3.02
N SER C 401 17.45 -10.07 2.32
CA SER C 401 17.80 -10.08 0.90
C SER C 401 16.98 -11.15 0.19
N PHE C 402 16.29 -10.76 -0.88
CA PHE C 402 15.49 -11.72 -1.64
C PHE C 402 15.82 -11.58 -3.12
N GLY C 403 15.79 -12.70 -3.84
CA GLY C 403 16.09 -12.64 -5.26
C GLY C 403 15.17 -13.53 -6.08
N PHE C 404 15.22 -13.39 -7.40
CA PHE C 404 14.40 -14.21 -8.28
C PHE C 404 14.70 -15.68 -8.02
N GLY C 405 13.71 -16.53 -8.28
CA GLY C 405 13.90 -17.94 -8.04
C GLY C 405 13.44 -18.31 -6.64
N GLY C 406 12.84 -17.35 -5.95
CA GLY C 406 12.36 -17.59 -4.60
C GLY C 406 13.45 -17.84 -3.57
N THR C 407 14.61 -17.24 -3.77
CA THR C 407 15.72 -17.41 -2.84
C THR C 407 15.72 -16.31 -1.79
N ASN C 408 15.83 -16.72 -0.52
CA ASN C 408 15.80 -15.80 0.62
C ASN C 408 17.01 -15.87 1.53
N ALA C 409 17.48 -14.72 1.99
CA ALA C 409 18.61 -14.65 2.92
C ALA C 409 18.36 -13.55 3.95
N THR C 410 18.70 -13.83 5.21
CA THR C 410 18.55 -12.88 6.30
C THR C 410 19.80 -12.95 7.18
N LEU C 411 20.31 -11.79 7.57
CA LEU C 411 21.48 -11.75 8.42
C LEU C 411 21.13 -10.95 9.68
N VAL C 412 21.57 -11.46 10.83
CA VAL C 412 21.32 -10.79 12.09
C VAL C 412 22.66 -10.57 12.74
N MET C 413 22.94 -9.31 13.05
CA MET C 413 24.20 -8.91 13.66
C MET C 413 23.94 -8.20 14.98
N ARG C 414 24.75 -8.54 15.98
CA ARG C 414 24.61 -7.98 17.32
C ARG C 414 25.96 -7.57 17.90
N LYS C 415 25.96 -6.51 18.69
CA LYS C 415 27.19 -6.04 19.32
C LYS C 415 27.72 -7.13 20.23
N LEU C 416 29.03 -7.16 20.39
CA LEU C 416 29.67 -8.16 21.24
C LEU C 416 29.63 -7.65 22.68
N LYS C 417 29.20 -8.50 23.60
CA LYS C 417 29.10 -8.14 25.02
C LYS C 417 30.46 -7.86 25.64
N ASP C 418 30.48 -7.48 26.83
N MET D 13 30.01 -35.62 13.68
CA MET D 13 28.85 -34.91 13.11
C MET D 13 28.10 -35.77 12.09
N LYS D 14 26.99 -35.24 11.58
CA LYS D 14 26.16 -35.95 10.61
C LYS D 14 26.96 -36.42 9.38
N ARG D 15 26.65 -37.62 8.93
CA ARG D 15 27.31 -38.20 7.77
C ARG D 15 26.42 -37.98 6.54
N ALA D 16 27.05 -37.85 5.37
CA ALA D 16 26.31 -37.60 4.14
C ALA D 16 26.53 -38.70 3.10
N VAL D 17 25.46 -39.10 2.44
CA VAL D 17 25.53 -40.13 1.41
C VAL D 17 24.74 -39.72 0.17
N ILE D 18 25.06 -40.33 -0.96
CA ILE D 18 24.38 -40.05 -2.23
C ILE D 18 23.35 -41.15 -2.47
N THR D 19 22.07 -40.77 -2.48
CA THR D 19 20.98 -41.72 -2.65
C THR D 19 20.30 -41.66 -4.01
N GLY D 20 20.85 -40.86 -4.91
CA GLY D 20 20.26 -40.76 -6.23
C GLY D 20 21.12 -39.92 -7.14
N LEU D 21 21.00 -40.16 -8.44
CA LEU D 21 21.76 -39.43 -9.42
C LEU D 21 21.03 -39.30 -10.75
N GLY D 22 21.32 -38.22 -11.48
CA GLY D 22 20.71 -37.97 -12.76
C GLY D 22 21.76 -37.32 -13.63
N ILE D 23 21.72 -37.56 -14.93
CA ILE D 23 22.74 -37.00 -15.78
C ILE D 23 22.37 -36.90 -17.24
N VAL D 24 22.81 -35.81 -17.87
CA VAL D 24 22.59 -35.57 -19.28
C VAL D 24 23.94 -35.10 -19.80
N SER D 25 24.65 -35.98 -20.50
CA SER D 25 25.97 -35.63 -21.01
C SER D 25 26.22 -36.08 -22.43
N SER D 26 27.37 -35.67 -22.95
CA SER D 26 27.77 -36.01 -24.30
C SER D 26 27.87 -37.52 -24.53
N ILE D 27 27.94 -38.29 -23.46
CA ILE D 27 28.04 -39.75 -23.60
C ILE D 27 26.85 -40.50 -23.03
N GLY D 28 25.71 -39.84 -22.90
CA GLY D 28 24.53 -40.50 -22.37
C GLY D 28 23.50 -39.55 -21.80
N ASN D 29 22.23 -39.83 -22.07
CA ASN D 29 21.14 -38.99 -21.59
C ASN D 29 20.55 -39.52 -20.30
N ASN D 30 21.15 -40.58 -19.78
CA ASN D 30 20.74 -41.21 -18.53
C ASN D 30 21.90 -42.03 -18.02
N GLN D 31 21.82 -42.54 -16.80
CA GLN D 31 22.94 -43.31 -16.26
C GLN D 31 23.15 -44.64 -16.97
N GLN D 32 22.11 -45.17 -17.62
CA GLN D 32 22.26 -46.42 -18.34
C GLN D 32 23.18 -46.21 -19.54
N GLU D 33 22.89 -45.18 -20.32
CA GLU D 33 23.70 -44.87 -21.49
C GLU D 33 25.12 -44.47 -21.07
N VAL D 34 25.22 -43.67 -20.02
CA VAL D 34 26.53 -43.23 -19.55
C VAL D 34 27.39 -44.42 -19.11
N LEU D 35 26.80 -45.35 -18.35
CA LEU D 35 27.52 -46.53 -17.89
C LEU D 35 28.09 -47.32 -19.07
N ALA D 36 27.26 -47.49 -20.09
CA ALA D 36 27.67 -48.22 -21.30
C ALA D 36 28.80 -47.51 -22.02
N SER D 37 28.68 -46.19 -22.16
CA SER D 37 29.72 -45.41 -22.83
C SER D 37 31.04 -45.53 -22.07
N LEU D 38 30.98 -45.46 -20.74
CA LEU D 38 32.19 -45.55 -19.93
C LEU D 38 32.86 -46.91 -20.08
N ARG D 39 32.06 -47.98 -20.12
CA ARG D 39 32.57 -49.33 -20.27
C ARG D 39 33.31 -49.58 -21.59
N GLU D 40 32.85 -48.94 -22.66
CA GLU D 40 33.51 -49.14 -23.95
C GLU D 40 34.33 -47.96 -24.42
N GLY D 41 34.61 -47.04 -23.50
CA GLY D 41 35.39 -45.86 -23.86
C GLY D 41 34.85 -45.15 -25.09
N ARG D 42 33.53 -45.00 -25.15
CA ARG D 42 32.89 -44.34 -26.28
C ARG D 42 33.00 -42.82 -26.21
N SER D 43 33.49 -42.21 -27.28
CA SER D 43 33.64 -40.76 -27.37
C SER D 43 32.28 -40.11 -27.60
N GLY D 44 32.07 -38.95 -26.99
CA GLY D 44 30.82 -38.24 -27.18
C GLY D 44 31.08 -36.95 -27.94
N ILE D 45 32.28 -36.85 -28.50
CA ILE D 45 32.68 -35.66 -29.24
C ILE D 45 32.32 -35.77 -30.72
N THR D 46 31.79 -34.69 -31.27
CA THR D 46 31.40 -34.66 -32.68
C THR D 46 31.81 -33.35 -33.33
N PHE D 47 31.75 -33.30 -34.66
CA PHE D 47 32.06 -32.09 -35.40
C PHE D 47 30.92 -31.12 -35.18
N SER D 48 31.23 -29.83 -35.08
CA SER D 48 30.20 -28.81 -34.88
C SER D 48 30.24 -27.75 -35.97
N GLN D 49 29.22 -27.75 -36.81
CA GLN D 49 29.14 -26.76 -37.88
C GLN D 49 28.97 -25.39 -37.25
N GLU D 50 28.22 -25.33 -36.16
CA GLU D 50 27.99 -24.08 -35.46
C GLU D 50 29.31 -23.41 -35.07
N LEU D 51 30.18 -24.15 -34.40
CA LEU D 51 31.46 -23.59 -34.01
C LEU D 51 32.23 -23.10 -35.22
N LYS D 52 32.29 -23.91 -36.27
CA LYS D 52 33.01 -23.52 -37.47
C LYS D 52 32.42 -22.25 -38.09
N ASP D 53 31.11 -22.20 -38.21
CA ASP D 53 30.44 -21.04 -38.79
C ASP D 53 30.71 -19.76 -38.00
N SER D 54 30.85 -19.88 -36.68
CA SER D 54 31.08 -18.71 -35.83
C SER D 54 32.46 -18.10 -36.08
N GLY D 55 33.32 -18.84 -36.78
CA GLY D 55 34.65 -18.33 -37.07
C GLY D 55 35.74 -18.87 -36.16
N MET D 56 35.40 -19.86 -35.34
CA MET D 56 36.35 -20.45 -34.43
C MET D 56 37.33 -21.39 -35.13
N ARG D 57 38.40 -21.76 -34.42
CA ARG D 57 39.41 -22.66 -34.94
C ARG D 57 39.06 -24.08 -34.48
N SER D 58 38.45 -24.16 -33.30
CA SER D 58 38.03 -25.44 -32.74
C SER D 58 36.63 -25.72 -33.29
N HIS D 59 36.48 -26.86 -33.97
CA HIS D 59 35.20 -27.23 -34.57
C HIS D 59 34.61 -28.49 -33.98
N VAL D 60 34.99 -28.81 -32.75
CA VAL D 60 34.48 -30.01 -32.10
C VAL D 60 33.93 -29.71 -30.71
N TRP D 61 32.97 -30.51 -30.28
CA TRP D 61 32.38 -30.32 -28.97
C TRP D 61 31.71 -31.58 -28.45
N GLY D 62 31.40 -31.57 -27.16
CA GLY D 62 30.73 -32.69 -26.54
C GLY D 62 29.28 -32.29 -26.35
N ASN D 63 28.51 -32.38 -27.44
CA ASN D 63 27.11 -31.99 -27.41
C ASN D 63 26.17 -33.00 -26.80
N VAL D 64 25.07 -32.49 -26.23
CA VAL D 64 24.06 -33.35 -25.65
C VAL D 64 23.19 -33.76 -26.83
N LYS D 65 23.17 -35.06 -27.12
CA LYS D 65 22.39 -35.59 -28.24
C LYS D 65 21.00 -35.97 -27.75
N LEU D 66 20.11 -35.00 -27.64
CA LEU D 66 18.75 -35.22 -27.16
C LEU D 66 17.80 -34.10 -27.53
N ASP D 67 16.60 -34.46 -27.97
CA ASP D 67 15.60 -33.46 -28.31
C ASP D 67 14.83 -33.22 -27.02
N THR D 68 14.99 -32.03 -26.45
CA THR D 68 14.34 -31.68 -25.20
C THR D 68 12.95 -31.05 -25.38
N THR D 69 12.51 -30.94 -26.63
CA THR D 69 11.21 -30.36 -26.93
C THR D 69 10.07 -31.04 -26.18
N GLY D 70 9.30 -30.25 -25.45
CA GLY D 70 8.17 -30.79 -24.72
C GLY D 70 8.47 -31.63 -23.50
N LEU D 71 9.74 -31.76 -23.13
CA LEU D 71 10.09 -32.55 -21.96
C LEU D 71 9.78 -31.79 -20.67
N ILE D 72 9.68 -30.47 -20.78
CA ILE D 72 9.38 -29.64 -19.62
C ILE D 72 8.15 -28.75 -19.86
N ASP D 73 7.33 -28.60 -18.83
CA ASP D 73 6.11 -27.78 -18.92
C ASP D 73 6.41 -26.43 -19.58
N ARG D 74 5.57 -26.04 -20.53
CA ARG D 74 5.74 -24.78 -21.24
C ARG D 74 5.88 -23.56 -20.33
N LYS D 75 5.11 -23.52 -19.26
CA LYS D 75 5.15 -22.38 -18.34
C LYS D 75 6.42 -22.37 -17.48
N VAL D 76 7.05 -23.52 -17.32
CA VAL D 76 8.26 -23.62 -16.53
C VAL D 76 9.51 -23.40 -17.37
N VAL D 77 9.57 -24.04 -18.53
CA VAL D 77 10.73 -23.91 -19.40
C VAL D 77 10.93 -22.51 -19.96
N ARG D 78 9.86 -21.72 -20.03
CA ARG D 78 9.97 -20.36 -20.57
C ARG D 78 10.94 -19.47 -19.79
N PHE D 79 11.26 -19.85 -18.56
CA PHE D 79 12.18 -19.07 -17.73
C PHE D 79 13.58 -19.68 -17.73
N MET D 80 13.76 -20.78 -18.47
CA MET D 80 15.03 -21.50 -18.46
C MET D 80 15.95 -21.42 -19.68
N SER D 81 17.25 -21.47 -19.39
CA SER D 81 18.27 -21.49 -20.44
C SER D 81 18.65 -22.98 -20.53
N ASP D 82 19.47 -23.36 -21.50
CA ASP D 82 19.87 -24.75 -21.66
C ASP D 82 20.53 -25.34 -20.42
N ALA D 83 21.34 -24.55 -19.72
CA ALA D 83 21.99 -25.05 -18.51
C ALA D 83 20.94 -25.50 -17.52
N SER D 84 19.88 -24.71 -17.37
CA SER D 84 18.81 -25.06 -16.43
C SER D 84 18.00 -26.27 -16.92
N ILE D 85 17.88 -26.40 -18.24
CA ILE D 85 17.14 -27.53 -18.83
C ILE D 85 17.87 -28.82 -18.52
N TYR D 86 19.16 -28.89 -18.86
CA TYR D 86 19.94 -30.09 -18.59
C TYR D 86 19.93 -30.47 -17.10
N ALA D 87 19.98 -29.46 -16.23
CA ALA D 87 19.97 -29.74 -14.79
C ALA D 87 18.60 -30.21 -14.33
N PHE D 88 17.56 -29.64 -14.93
CA PHE D 88 16.18 -30.00 -14.61
C PHE D 88 15.95 -31.47 -14.94
N LEU D 89 16.29 -31.86 -16.16
CA LEU D 89 16.11 -33.24 -16.58
C LEU D 89 16.94 -34.17 -15.69
N SER D 90 18.14 -33.71 -15.30
CA SER D 90 19.00 -34.51 -14.43
C SER D 90 18.37 -34.70 -13.05
N MET D 91 17.77 -33.64 -12.52
CA MET D 91 17.13 -33.73 -11.21
C MET D 91 15.93 -34.66 -11.28
N GLU D 92 15.20 -34.62 -12.38
CA GLU D 92 14.06 -35.52 -12.55
C GLU D 92 14.55 -36.95 -12.41
N GLN D 93 15.66 -37.25 -13.07
CA GLN D 93 16.26 -38.58 -13.02
C GLN D 93 16.68 -38.92 -11.59
N ALA D 94 17.36 -37.96 -10.95
CA ALA D 94 17.84 -38.13 -9.59
C ALA D 94 16.70 -38.43 -8.61
N ILE D 95 15.61 -37.67 -8.73
CA ILE D 95 14.45 -37.85 -7.86
C ILE D 95 13.86 -39.25 -8.04
N ALA D 96 13.72 -39.67 -9.29
CA ALA D 96 13.17 -40.99 -9.59
C ALA D 96 14.13 -42.08 -9.08
N ASP D 97 15.43 -41.86 -9.30
CA ASP D 97 16.45 -42.80 -8.87
C ASP D 97 16.47 -42.92 -7.34
N ALA D 98 16.28 -41.80 -6.65
CA ALA D 98 16.27 -41.79 -5.19
C ALA D 98 14.97 -42.34 -4.61
N GLY D 99 13.97 -42.51 -5.48
CA GLY D 99 12.69 -43.03 -5.04
C GLY D 99 11.95 -42.06 -4.16
N LEU D 100 12.13 -40.77 -4.41
CA LEU D 100 11.47 -39.73 -3.63
C LEU D 100 10.17 -39.30 -4.27
N SER D 101 9.11 -39.28 -3.46
CA SER D 101 7.80 -38.86 -3.94
C SER D 101 7.65 -37.37 -3.70
N PRO D 102 6.82 -36.70 -4.50
CA PRO D 102 6.59 -35.26 -4.36
C PRO D 102 6.34 -34.86 -2.91
N GLU D 103 5.44 -35.58 -2.27
CA GLU D 103 5.09 -35.29 -0.89
C GLU D 103 6.26 -35.53 0.07
N ALA D 104 7.33 -36.11 -0.44
CA ALA D 104 8.50 -36.39 0.39
C ALA D 104 9.58 -35.31 0.34
N TYR D 105 9.69 -34.60 -0.78
CA TYR D 105 10.71 -33.58 -0.91
C TYR D 105 10.18 -32.18 -1.19
N GLN D 106 8.94 -32.07 -1.63
CA GLN D 106 8.37 -30.77 -1.95
C GLN D 106 7.83 -30.10 -0.68
N ASN D 107 7.84 -28.76 -0.69
CA ASN D 107 7.36 -27.96 0.43
C ASN D 107 7.90 -28.45 1.77
N ASN D 108 9.18 -28.80 1.78
CA ASN D 108 9.84 -29.30 2.97
C ASN D 108 11.06 -28.42 3.28
N PRO D 109 11.02 -27.72 4.42
CA PRO D 109 12.11 -26.83 4.87
C PRO D 109 13.45 -27.52 5.05
N ARG D 110 13.46 -28.84 5.20
CA ARG D 110 14.71 -29.54 5.39
C ARG D 110 15.23 -30.15 4.10
N VAL D 111 14.64 -29.75 2.98
CA VAL D 111 15.04 -30.22 1.66
C VAL D 111 15.48 -29.00 0.86
N GLY D 112 16.74 -29.00 0.42
CA GLY D 112 17.24 -27.87 -0.33
C GLY D 112 17.85 -28.18 -1.68
N LEU D 113 18.38 -27.14 -2.32
CA LEU D 113 18.99 -27.29 -3.63
C LEU D 113 20.17 -26.34 -3.81
N ILE D 114 21.30 -26.90 -4.23
CA ILE D 114 22.52 -26.14 -4.47
C ILE D 114 23.09 -26.62 -5.81
N ALA D 115 22.94 -25.79 -6.83
CA ALA D 115 23.42 -26.14 -8.17
C ALA D 115 23.65 -24.88 -8.97
N GLY D 116 24.66 -24.91 -9.84
CA GLY D 116 24.94 -23.75 -10.65
C GLY D 116 25.58 -24.07 -11.99
N SER D 117 26.12 -23.04 -12.61
CA SER D 117 26.78 -23.16 -13.89
C SER D 117 28.02 -22.29 -13.84
N GLY D 118 28.90 -22.47 -14.82
CA GLY D 118 30.11 -21.67 -14.88
C GLY D 118 29.89 -20.30 -15.46
N GLY D 119 28.91 -20.16 -16.35
CA GLY D 119 28.67 -18.86 -16.96
C GLY D 119 27.22 -18.47 -17.19
N GLY D 120 26.30 -19.07 -16.43
CA GLY D 120 24.89 -18.76 -16.59
C GLY D 120 24.47 -19.06 -18.01
N SER D 121 24.20 -18.02 -18.79
CA SER D 121 23.80 -18.22 -20.18
C SER D 121 24.32 -17.15 -21.11
N PRO D 122 25.54 -17.34 -21.64
CA PRO D 122 26.10 -16.35 -22.56
C PRO D 122 25.15 -16.13 -23.73
N ARG D 123 24.50 -17.20 -24.21
CA ARG D 123 23.59 -17.08 -25.33
C ARG D 123 22.44 -16.11 -25.11
N PHE D 124 21.78 -16.20 -23.96
CA PHE D 124 20.67 -15.29 -23.71
C PHE D 124 21.09 -13.89 -23.31
N GLN D 125 22.31 -13.75 -22.79
CA GLN D 125 22.80 -12.43 -22.42
C GLN D 125 23.01 -11.70 -23.75
N VAL D 126 23.61 -12.41 -24.71
CA VAL D 126 23.86 -11.84 -26.01
C VAL D 126 22.52 -11.60 -26.71
N PHE D 127 21.61 -12.57 -26.59
CA PHE D 127 20.28 -12.44 -27.18
C PHE D 127 19.63 -11.13 -26.72
N GLY D 128 19.66 -10.89 -25.42
CA GLY D 128 19.08 -9.69 -24.86
C GLY D 128 19.66 -8.43 -25.46
N ALA D 129 20.98 -8.35 -25.47
CA ALA D 129 21.66 -7.19 -26.03
C ALA D 129 21.34 -7.02 -27.52
N ASP D 130 21.31 -8.13 -28.25
CA ASP D 130 21.01 -8.08 -29.69
C ASP D 130 19.56 -7.58 -29.92
N ALA D 131 18.61 -8.17 -29.20
CA ALA D 131 17.20 -7.81 -29.34
C ALA D 131 16.98 -6.35 -28.99
N MET D 132 17.60 -5.92 -27.91
CA MET D 132 17.45 -4.54 -27.46
C MET D 132 17.91 -3.55 -28.52
N ARG D 133 18.93 -3.92 -29.30
CA ARG D 133 19.46 -3.04 -30.33
C ARG D 133 18.68 -3.16 -31.64
N GLY D 134 17.64 -4.00 -31.64
CA GLY D 134 16.83 -4.21 -32.83
C GLY D 134 15.62 -3.30 -32.91
N PRO D 135 14.77 -3.44 -33.94
CA PRO D 135 13.57 -2.61 -34.13
C PRO D 135 12.46 -2.84 -33.10
N ARG D 136 12.51 -3.95 -32.38
CA ARG D 136 11.51 -4.28 -31.39
C ARG D 136 11.93 -3.83 -29.99
N GLY D 137 13.23 -3.58 -29.81
CA GLY D 137 13.73 -3.14 -28.52
C GLY D 137 13.29 -4.04 -27.38
N LEU D 138 12.73 -3.43 -26.34
CA LEU D 138 12.27 -4.17 -25.17
C LEU D 138 11.28 -5.28 -25.46
N LYS D 139 10.43 -5.11 -26.46
CA LYS D 139 9.45 -6.13 -26.81
C LYS D 139 10.13 -7.41 -27.29
N ALA D 140 11.24 -7.27 -28.00
CA ALA D 140 11.97 -8.42 -28.51
C ALA D 140 12.72 -9.11 -27.38
N VAL D 141 13.16 -8.34 -26.39
CA VAL D 141 13.88 -8.93 -25.28
C VAL D 141 12.97 -9.86 -24.49
N GLY D 142 11.77 -9.38 -24.20
CA GLY D 142 10.83 -10.20 -23.44
C GLY D 142 11.13 -10.15 -21.96
N PRO D 143 10.25 -10.70 -21.12
CA PRO D 143 10.46 -10.68 -19.67
C PRO D 143 11.07 -11.96 -19.09
N TYR D 144 11.70 -12.78 -19.93
CA TYR D 144 12.27 -14.03 -19.46
C TYR D 144 13.80 -14.12 -19.55
N VAL D 145 14.44 -13.04 -19.97
CA VAL D 145 15.89 -13.08 -20.11
C VAL D 145 16.67 -13.10 -18.80
N VAL D 146 16.21 -12.36 -17.79
CA VAL D 146 16.93 -12.34 -16.52
C VAL D 146 17.07 -13.72 -15.88
N THR D 147 15.98 -14.47 -15.81
CA THR D 147 16.05 -15.80 -15.21
C THR D 147 16.87 -16.77 -16.05
N LYS D 148 17.04 -16.46 -17.33
CA LYS D 148 17.83 -17.33 -18.20
C LYS D 148 19.31 -16.94 -18.16
N ALA D 149 19.59 -15.65 -18.07
CA ALA D 149 20.97 -15.16 -18.06
C ALA D 149 21.66 -15.00 -16.71
N MET D 150 20.91 -14.90 -15.62
CA MET D 150 21.54 -14.72 -14.31
C MET D 150 22.36 -15.94 -13.88
N ALA D 151 23.46 -15.68 -13.18
CA ALA D 151 24.35 -16.74 -12.72
C ALA D 151 23.64 -17.83 -11.92
N SER D 152 22.62 -17.44 -11.17
CA SER D 152 21.87 -18.39 -10.34
C SER D 152 20.73 -19.10 -11.09
N GLY D 153 20.66 -18.89 -12.40
CA GLY D 153 19.60 -19.50 -13.19
C GLY D 153 19.31 -20.97 -12.90
N VAL D 154 20.37 -21.77 -12.84
CA VAL D 154 20.24 -23.20 -12.60
C VAL D 154 19.52 -23.52 -11.28
N SER D 155 19.86 -22.83 -10.20
CA SER D 155 19.19 -23.13 -8.93
C SER D 155 17.79 -22.55 -8.89
N ALA D 156 17.64 -21.32 -9.35
CA ALA D 156 16.34 -20.65 -9.36
C ALA D 156 15.30 -21.37 -10.20
N CYS D 157 15.71 -21.83 -11.39
CA CYS D 157 14.79 -22.51 -12.28
C CYS D 157 14.43 -23.93 -11.85
N LEU D 158 15.14 -24.46 -10.86
CA LEU D 158 14.84 -25.79 -10.38
C LEU D 158 14.13 -25.72 -9.04
N ALA D 159 14.64 -24.92 -8.13
CA ALA D 159 14.05 -24.78 -6.80
C ALA D 159 12.59 -24.36 -6.84
N THR D 160 12.22 -23.53 -7.81
CA THR D 160 10.85 -23.06 -7.91
C THR D 160 9.89 -24.15 -8.37
N PRO D 161 10.13 -24.75 -9.56
CA PRO D 161 9.21 -25.80 -10.01
C PRO D 161 9.15 -27.05 -9.11
N PHE D 162 10.28 -27.42 -8.51
CA PHE D 162 10.30 -28.60 -7.64
C PHE D 162 9.81 -28.31 -6.21
N LYS D 163 9.28 -27.11 -5.99
CA LYS D 163 8.75 -26.70 -4.70
C LYS D 163 9.73 -26.85 -3.54
N ILE D 164 10.96 -26.42 -3.74
CA ILE D 164 11.98 -26.52 -2.70
C ILE D 164 11.78 -25.41 -1.67
N HIS D 165 11.85 -25.76 -0.39
CA HIS D 165 11.68 -24.78 0.68
C HIS D 165 12.93 -24.56 1.52
N GLY D 166 13.91 -25.46 1.39
CA GLY D 166 15.14 -25.33 2.15
C GLY D 166 16.13 -24.39 1.51
N VAL D 167 17.41 -24.74 1.59
CA VAL D 167 18.45 -23.91 1.00
C VAL D 167 18.24 -23.78 -0.50
N ASN D 168 18.57 -22.60 -1.04
CA ASN D 168 18.40 -22.35 -2.45
C ASN D 168 19.36 -21.27 -2.97
N TYR D 169 20.36 -21.72 -3.71
CA TYR D 169 21.35 -20.83 -4.32
C TYR D 169 22.34 -21.62 -5.16
N SER D 170 23.14 -20.90 -5.93
CA SER D 170 24.11 -21.52 -6.80
C SER D 170 25.52 -21.20 -6.34
N ILE D 171 26.44 -22.11 -6.61
CA ILE D 171 27.83 -21.88 -6.30
C ILE D 171 28.46 -21.79 -7.67
N SER D 172 29.35 -20.83 -7.84
CA SER D 172 30.03 -20.64 -9.13
C SER D 172 31.52 -20.60 -8.85
N SER D 173 32.27 -21.44 -9.57
CA SER D 173 33.71 -21.50 -9.40
C SER D 173 34.30 -22.12 -10.65
N ALA D 174 33.91 -21.56 -11.79
CA ALA D 174 34.39 -22.03 -13.08
C ALA D 174 34.23 -23.53 -13.20
N CYS D 175 35.30 -24.22 -13.62
CA CYS D 175 35.22 -25.66 -13.80
C CYS D 175 35.08 -26.49 -12.52
N ALA D 176 35.10 -25.83 -11.36
CA ALA D 176 34.94 -26.56 -10.10
C ALA D 176 33.52 -26.39 -9.54
N THR D 177 32.74 -25.55 -10.21
CA THR D 177 31.36 -25.24 -9.82
C THR D 177 30.51 -26.34 -9.21
N SER D 178 30.13 -27.34 -10.00
CA SER D 178 29.27 -28.40 -9.49
C SER D 178 29.92 -29.28 -8.43
N ALA D 179 31.25 -29.24 -8.34
CA ALA D 179 31.94 -30.03 -7.31
C ALA D 179 31.76 -29.30 -5.99
N HIS D 180 31.92 -27.98 -6.01
CA HIS D 180 31.74 -27.18 -4.80
C HIS D 180 30.27 -27.23 -4.36
N CYS D 181 29.35 -27.35 -5.31
CA CYS D 181 27.94 -27.42 -4.99
C CYS D 181 27.71 -28.66 -4.13
N ILE D 182 28.27 -29.79 -4.56
CA ILE D 182 28.13 -31.04 -3.83
C ILE D 182 28.78 -30.91 -2.45
N GLY D 183 29.95 -30.30 -2.40
CA GLY D 183 30.64 -30.12 -1.13
C GLY D 183 29.86 -29.27 -0.14
N ASN D 184 29.25 -28.21 -0.64
CA ASN D 184 28.46 -27.31 0.20
C ASN D 184 27.20 -28.05 0.68
N ALA D 185 26.67 -28.92 -0.17
CA ALA D 185 25.49 -29.69 0.18
C ALA D 185 25.84 -30.57 1.38
N VAL D 186 27.01 -31.20 1.32
CA VAL D 186 27.47 -32.06 2.39
C VAL D 186 27.57 -31.25 3.69
N GLU D 187 28.06 -30.02 3.57
CA GLU D 187 28.20 -29.15 4.74
C GLU D 187 26.85 -28.85 5.37
N GLN D 188 25.83 -28.62 4.54
CA GLN D 188 24.49 -28.34 5.05
C GLN D 188 24.01 -29.53 5.88
N ILE D 189 24.30 -30.73 5.42
CA ILE D 189 23.94 -31.95 6.14
C ILE D 189 24.79 -32.04 7.42
N GLN D 190 26.09 -31.80 7.31
CA GLN D 190 26.97 -31.87 8.47
C GLN D 190 26.56 -30.87 9.56
N LEU D 191 26.08 -29.70 9.15
CA LEU D 191 25.65 -28.68 10.09
C LEU D 191 24.26 -29.02 10.62
N GLY D 192 23.67 -30.08 10.07
CA GLY D 192 22.34 -30.50 10.49
C GLY D 192 21.24 -29.54 10.10
N LYS D 193 21.48 -28.75 9.06
CA LYS D 193 20.50 -27.77 8.60
C LYS D 193 19.52 -28.36 7.58
N GLN D 194 19.94 -29.41 6.89
CA GLN D 194 19.11 -30.05 5.89
C GLN D 194 19.27 -31.58 5.92
N ASP D 195 18.20 -32.28 5.56
CA ASP D 195 18.23 -33.73 5.52
C ASP D 195 18.56 -34.17 4.12
N ILE D 196 18.08 -33.39 3.16
CA ILE D 196 18.33 -33.68 1.75
C ILE D 196 18.64 -32.39 1.00
N VAL D 197 19.65 -32.47 0.13
CA VAL D 197 20.03 -31.32 -0.68
C VAL D 197 20.37 -31.81 -2.07
N PHE D 198 19.62 -31.35 -3.07
CA PHE D 198 19.90 -31.73 -4.44
C PHE D 198 21.08 -30.86 -4.84
N ALA D 199 22.15 -31.49 -5.30
CA ALA D 199 23.34 -30.75 -5.70
C ALA D 199 23.81 -31.13 -7.09
N GLY D 200 24.25 -30.15 -7.85
CA GLY D 200 24.72 -30.43 -9.20
C GLY D 200 24.88 -29.17 -10.01
N GLY D 201 24.52 -29.25 -11.29
CA GLY D 201 24.63 -28.09 -12.15
C GLY D 201 24.42 -28.41 -13.61
N GLY D 202 24.59 -27.38 -14.43
CA GLY D 202 24.42 -27.54 -15.86
C GLY D 202 25.24 -26.49 -16.58
N GLU D 203 25.41 -26.67 -17.88
CA GLU D 203 26.15 -25.73 -18.69
C GLU D 203 25.64 -25.84 -20.11
N GLU D 204 25.36 -24.70 -20.72
CA GLU D 204 24.88 -24.70 -22.09
C GLU D 204 26.09 -24.82 -23.01
N LEU D 205 25.84 -25.16 -24.26
CA LEU D 205 26.89 -25.30 -25.26
C LEU D 205 26.55 -24.38 -26.42
N CYS D 206 27.41 -23.40 -26.68
CA CYS D 206 27.16 -22.43 -27.74
C CYS D 206 28.43 -21.71 -28.15
N TRP D 207 28.46 -21.21 -29.39
CA TRP D 207 29.64 -20.50 -29.86
C TRP D 207 29.86 -19.23 -29.03
N GLU D 208 28.77 -18.61 -28.56
CA GLU D 208 28.88 -17.39 -27.77
C GLU D 208 29.86 -17.55 -26.61
N MET D 209 29.84 -18.71 -25.97
CA MET D 209 30.73 -18.98 -24.86
C MET D 209 32.03 -19.63 -25.33
N ALA D 210 31.91 -20.59 -26.24
CA ALA D 210 33.05 -21.32 -26.75
C ALA D 210 34.14 -20.45 -27.41
N CYS D 211 33.74 -19.47 -28.20
CA CYS D 211 34.71 -18.62 -28.88
C CYS D 211 35.66 -17.90 -27.91
N GLU D 212 35.15 -17.55 -26.73
CA GLU D 212 35.99 -16.87 -25.75
C GLU D 212 37.13 -17.79 -25.29
N PHE D 213 36.86 -19.09 -25.19
CA PHE D 213 37.88 -20.05 -24.80
C PHE D 213 38.86 -20.27 -25.94
N ASP D 214 38.36 -20.20 -27.16
CA ASP D 214 39.19 -20.39 -28.33
C ASP D 214 40.12 -19.17 -28.44
N ALA D 215 39.59 -18.00 -28.11
CA ALA D 215 40.38 -16.77 -28.18
C ALA D 215 41.54 -16.82 -27.19
N MET D 216 41.47 -17.76 -26.25
CA MET D 216 42.50 -17.97 -25.21
C MET D 216 43.53 -18.98 -25.66
N GLY D 217 43.15 -19.83 -26.62
CA GLY D 217 44.04 -20.87 -27.08
C GLY D 217 43.89 -22.10 -26.21
N ALA D 218 42.76 -22.20 -25.50
CA ALA D 218 42.52 -23.31 -24.59
C ALA D 218 41.85 -24.53 -25.23
N LEU D 219 41.24 -24.32 -26.40
CA LEU D 219 40.55 -25.41 -27.09
C LEU D 219 41.38 -26.11 -28.15
N SER D 220 41.07 -27.38 -28.37
CA SER D 220 41.75 -28.20 -29.37
C SER D 220 41.36 -27.71 -30.74
N THR D 221 42.34 -27.57 -31.64
CA THR D 221 42.04 -27.09 -33.00
C THR D 221 42.72 -27.91 -34.10
N LYS D 222 43.57 -28.86 -33.71
CA LYS D 222 44.29 -29.67 -34.70
C LYS D 222 43.62 -30.99 -35.09
N TYR D 223 42.54 -31.34 -34.41
CA TYR D 223 41.86 -32.60 -34.70
C TYR D 223 40.44 -32.47 -35.20
N ASN D 224 40.13 -31.36 -35.88
CA ASN D 224 38.79 -31.13 -36.38
C ASN D 224 38.33 -32.25 -37.34
N ASP D 225 39.27 -32.80 -38.11
CA ASP D 225 38.95 -33.87 -39.04
C ASP D 225 38.64 -35.18 -38.33
N THR D 226 39.15 -35.33 -37.11
CA THR D 226 38.93 -36.53 -36.31
C THR D 226 38.44 -36.15 -34.92
N PRO D 227 37.19 -35.66 -34.83
CA PRO D 227 36.54 -35.24 -33.58
C PRO D 227 36.77 -36.15 -32.37
N GLU D 228 36.59 -37.45 -32.56
CA GLU D 228 36.75 -38.39 -31.46
C GLU D 228 38.16 -38.52 -30.90
N LYS D 229 39.13 -37.93 -31.57
CA LYS D 229 40.51 -38.01 -31.09
C LYS D 229 41.05 -36.66 -30.61
N ALA D 230 40.21 -35.64 -30.65
CA ALA D 230 40.60 -34.29 -30.24
C ALA D 230 40.93 -34.20 -28.76
N SER D 231 40.13 -34.84 -27.92
CA SER D 231 40.33 -34.83 -26.48
C SER D 231 41.23 -36.03 -26.18
N ARG D 232 42.46 -35.76 -25.77
CA ARG D 232 43.43 -36.82 -25.49
C ARG D 232 44.30 -36.52 -24.28
N THR D 233 43.66 -36.47 -23.12
CA THR D 233 44.34 -36.18 -21.86
C THR D 233 45.57 -37.04 -21.62
N TYR D 234 46.68 -36.37 -21.31
CA TYR D 234 47.96 -37.03 -21.03
C TYR D 234 48.72 -37.48 -22.27
N ASP D 235 48.15 -37.29 -23.44
CA ASP D 235 48.81 -37.68 -24.69
C ASP D 235 49.85 -36.62 -25.03
N ALA D 236 50.97 -37.05 -25.59
CA ALA D 236 52.05 -36.14 -25.96
C ALA D 236 51.62 -35.12 -27.01
N HIS D 237 50.54 -35.41 -27.73
CA HIS D 237 50.09 -34.49 -28.77
C HIS D 237 48.79 -33.74 -28.47
N ARG D 238 48.44 -33.63 -27.20
CA ARG D 238 47.24 -32.91 -26.80
C ARG D 238 47.42 -31.45 -27.18
N ASP D 239 46.32 -30.77 -27.50
CA ASP D 239 46.39 -29.37 -27.88
C ASP D 239 45.21 -28.53 -27.40
N GLY D 240 44.76 -28.79 -26.17
CA GLY D 240 43.64 -28.04 -25.64
C GLY D 240 42.43 -28.91 -25.35
N PHE D 241 41.49 -28.40 -24.57
CA PHE D 241 40.33 -29.22 -24.26
C PHE D 241 39.21 -29.09 -25.29
N VAL D 242 38.27 -30.02 -25.24
CA VAL D 242 37.13 -30.02 -26.14
C VAL D 242 35.96 -29.59 -25.28
N ILE D 243 35.36 -28.46 -25.63
CA ILE D 243 34.24 -27.92 -24.87
C ILE D 243 33.00 -28.81 -24.99
N ALA D 244 32.24 -28.88 -23.89
CA ALA D 244 31.04 -29.69 -23.87
C ALA D 244 29.97 -29.04 -23.01
N GLY D 245 28.76 -29.58 -23.09
CA GLY D 245 27.66 -29.06 -22.31
C GLY D 245 26.91 -30.22 -21.70
N GLY D 246 26.00 -29.92 -20.78
CA GLY D 246 25.24 -30.98 -20.16
C GLY D 246 24.83 -30.62 -18.75
N GLY D 247 24.32 -31.61 -18.02
CA GLY D 247 23.89 -31.38 -16.67
C GLY D 247 24.03 -32.61 -15.80
N GLY D 248 23.91 -32.40 -14.50
CA GLY D 248 24.01 -33.51 -13.58
C GLY D 248 23.47 -33.11 -12.23
N MET D 249 23.00 -34.08 -11.46
CA MET D 249 22.44 -33.81 -10.16
C MET D 249 22.56 -35.08 -9.31
N VAL D 250 22.85 -34.91 -8.03
CA VAL D 250 22.93 -36.03 -7.10
C VAL D 250 22.09 -35.67 -5.90
N VAL D 251 21.64 -36.69 -5.18
CA VAL D 251 20.83 -36.47 -3.99
C VAL D 251 21.70 -36.65 -2.76
N VAL D 252 22.11 -35.54 -2.14
CA VAL D 252 22.92 -35.61 -0.94
C VAL D 252 21.96 -35.69 0.24
N GLU D 253 22.05 -36.79 0.98
CA GLU D 253 21.14 -37.04 2.08
C GLU D 253 21.85 -37.46 3.36
N GLU D 254 21.28 -37.05 4.50
CA GLU D 254 21.83 -37.39 5.80
C GLU D 254 21.65 -38.90 5.99
N LEU D 255 22.72 -39.58 6.38
CA LEU D 255 22.73 -41.02 6.57
C LEU D 255 21.52 -41.64 7.27
N GLU D 256 21.28 -41.25 8.52
CA GLU D 256 20.16 -41.78 9.29
C GLU D 256 18.83 -41.63 8.55
N HIS D 257 18.63 -40.45 7.98
CA HIS D 257 17.41 -40.14 7.23
C HIS D 257 17.28 -41.09 6.04
N ALA D 258 18.38 -41.31 5.33
CA ALA D 258 18.37 -42.18 4.16
C ALA D 258 18.08 -43.64 4.54
N LEU D 259 18.71 -44.10 5.61
CA LEU D 259 18.50 -45.48 6.05
C LEU D 259 17.07 -45.68 6.53
N ALA D 260 16.57 -44.74 7.33
CA ALA D 260 15.22 -44.81 7.86
C ALA D 260 14.16 -45.01 6.78
N ARG D 261 14.39 -44.45 5.59
CA ARG D 261 13.43 -44.59 4.51
C ARG D 261 13.83 -45.70 3.55
N GLY D 262 14.80 -46.50 3.98
CA GLY D 262 15.27 -47.61 3.16
C GLY D 262 15.62 -47.24 1.73
N ALA D 263 16.43 -46.20 1.57
CA ALA D 263 16.82 -45.76 0.24
C ALA D 263 18.09 -46.47 -0.21
N HIS D 264 18.31 -46.48 -1.52
CA HIS D 264 19.50 -47.09 -2.09
C HIS D 264 20.65 -46.10 -1.95
N ILE D 265 21.68 -46.50 -1.22
CA ILE D 265 22.84 -45.64 -1.00
C ILE D 265 24.00 -46.05 -1.89
N TYR D 266 24.42 -45.13 -2.75
CA TYR D 266 25.53 -45.39 -3.64
C TYR D 266 26.82 -45.37 -2.83
N ALA D 267 27.02 -44.30 -2.07
CA ALA D 267 28.21 -44.17 -1.26
C ALA D 267 28.10 -43.01 -0.29
N GLU D 268 29.10 -42.89 0.58
CA GLU D 268 29.14 -41.81 1.55
C GLU D 268 30.24 -40.85 1.14
N ILE D 269 29.98 -39.54 1.27
CA ILE D 269 30.98 -38.55 0.93
C ILE D 269 31.81 -38.41 2.20
N VAL D 270 32.96 -39.08 2.22
CA VAL D 270 33.82 -39.05 3.39
C VAL D 270 34.92 -38.01 3.33
N GLY D 271 35.00 -37.29 2.22
CA GLY D 271 36.01 -36.27 2.09
C GLY D 271 35.64 -35.19 1.09
N TYR D 272 35.94 -33.95 1.45
CA TYR D 272 35.65 -32.79 0.60
C TYR D 272 36.71 -31.70 0.82
N GLY D 273 37.45 -31.40 -0.22
CA GLY D 273 38.46 -30.36 -0.12
C GLY D 273 38.06 -29.18 -0.97
N ALA D 274 38.41 -27.98 -0.52
CA ALA D 274 38.14 -26.75 -1.25
C ALA D 274 39.27 -25.80 -0.88
N THR D 275 40.16 -25.56 -1.84
CA THR D 275 41.30 -24.70 -1.61
C THR D 275 41.47 -23.68 -2.73
N SER D 276 42.45 -22.79 -2.56
CA SER D 276 42.75 -21.74 -3.51
C SER D 276 44.25 -21.70 -3.82
N ASP D 277 44.61 -21.48 -5.08
CA ASP D 277 46.03 -21.41 -5.47
C ASP D 277 46.66 -20.08 -5.05
N GLY D 278 45.92 -19.00 -5.27
CA GLY D 278 46.44 -17.67 -4.94
C GLY D 278 47.71 -17.42 -5.74
N ALA D 279 47.71 -17.85 -7.00
CA ALA D 279 48.87 -17.70 -7.86
C ALA D 279 48.54 -17.12 -9.24
N ASP D 280 48.15 -17.97 -10.18
CA ASP D 280 47.81 -17.53 -11.53
C ASP D 280 46.31 -17.59 -11.82
N MET D 281 45.84 -16.69 -12.69
CA MET D 281 44.43 -16.63 -13.05
C MET D 281 43.91 -17.76 -13.92
N VAL D 282 44.76 -18.33 -14.78
CA VAL D 282 44.32 -19.39 -15.67
C VAL D 282 45.08 -20.70 -15.56
N ALA D 283 46.37 -20.65 -15.21
CA ALA D 283 47.16 -21.86 -15.08
C ALA D 283 47.17 -22.33 -13.63
N PRO D 284 47.02 -23.65 -13.41
CA PRO D 284 47.03 -24.27 -12.09
C PRO D 284 48.42 -24.20 -11.47
N SER D 285 48.50 -23.89 -10.18
CA SER D 285 49.79 -23.78 -9.49
C SER D 285 50.32 -25.17 -9.11
N GLY D 286 49.40 -26.11 -8.93
CA GLY D 286 49.78 -27.45 -8.55
C GLY D 286 49.71 -27.61 -7.04
N GLU D 287 50.31 -26.67 -6.32
CA GLU D 287 50.32 -26.70 -4.86
C GLU D 287 48.90 -26.66 -4.29
N GLY D 288 48.03 -25.86 -4.91
CA GLY D 288 46.66 -25.78 -4.44
C GLY D 288 45.97 -27.13 -4.57
N ALA D 289 46.24 -27.82 -5.68
CA ALA D 289 45.66 -29.13 -5.93
C ALA D 289 46.13 -30.13 -4.89
N VAL D 290 47.41 -30.06 -4.54
CA VAL D 290 47.99 -30.96 -3.53
C VAL D 290 47.27 -30.73 -2.20
N ARG D 291 47.17 -29.46 -1.81
CA ARG D 291 46.51 -29.10 -0.56
C ARG D 291 45.05 -29.56 -0.55
N CYS D 292 44.39 -29.43 -1.70
CA CYS D 292 42.99 -29.81 -1.80
C CYS D 292 42.80 -31.32 -1.63
N MET D 293 43.63 -32.11 -2.30
CA MET D 293 43.51 -33.57 -2.18
C MET D 293 43.80 -34.04 -0.75
N LYS D 294 44.84 -33.49 -0.15
CA LYS D 294 45.18 -33.89 1.22
C LYS D 294 44.09 -33.48 2.21
N MET D 295 43.38 -32.39 1.90
CA MET D 295 42.29 -31.93 2.76
C MET D 295 41.13 -32.91 2.70
N ALA D 296 40.81 -33.38 1.49
CA ALA D 296 39.73 -34.33 1.30
C ALA D 296 40.07 -35.73 1.83
N MET D 297 41.35 -36.06 1.85
CA MET D 297 41.80 -37.36 2.32
C MET D 297 41.95 -37.44 3.83
N HIS D 298 41.93 -36.29 4.50
CA HIS D 298 42.08 -36.24 5.95
C HIS D 298 41.03 -37.07 6.69
N GLY D 299 41.48 -38.06 7.45
CA GLY D 299 40.56 -38.89 8.20
C GLY D 299 40.15 -40.17 7.52
N VAL D 300 40.29 -40.22 6.19
CA VAL D 300 39.94 -41.42 5.43
C VAL D 300 40.94 -42.53 5.72
N ASP D 301 40.48 -43.56 6.42
CA ASP D 301 41.36 -44.69 6.78
C ASP D 301 41.59 -45.70 5.65
N THR D 302 40.99 -45.47 4.49
CA THR D 302 41.17 -46.39 3.38
C THR D 302 41.91 -45.69 2.25
N PRO D 303 42.61 -46.47 1.41
CA PRO D 303 43.36 -45.91 0.28
C PRO D 303 42.46 -45.58 -0.90
N ILE D 304 42.87 -44.60 -1.69
CA ILE D 304 42.10 -44.21 -2.86
C ILE D 304 42.34 -45.27 -3.93
N ASP D 305 41.27 -45.98 -4.29
CA ASP D 305 41.35 -47.04 -5.30
C ASP D 305 41.35 -46.49 -6.72
N TYR D 306 40.51 -45.49 -6.95
CA TYR D 306 40.40 -44.87 -8.27
C TYR D 306 40.31 -43.35 -8.18
N LEU D 307 40.98 -42.68 -9.11
CA LEU D 307 40.98 -41.22 -9.16
C LEU D 307 40.53 -40.69 -10.51
N ASN D 308 39.45 -39.93 -10.51
CA ASN D 308 38.95 -39.31 -11.73
C ASN D 308 39.57 -37.93 -11.63
N SER D 309 40.62 -37.72 -12.42
CA SER D 309 41.36 -36.45 -12.41
C SER D 309 40.70 -35.37 -13.24
N GLN D 310 41.19 -34.14 -13.12
CA GLN D 310 40.64 -33.04 -13.90
C GLN D 310 40.87 -33.40 -15.36
N GLY D 311 42.12 -33.73 -15.69
CA GLY D 311 42.51 -34.11 -17.04
C GLY D 311 41.81 -33.36 -18.16
N THR D 312 42.13 -32.09 -18.32
CA THR D 312 41.51 -31.26 -19.35
C THR D 312 42.04 -31.51 -20.76
N SER D 313 43.20 -32.15 -20.86
CA SER D 313 43.84 -32.44 -22.12
C SER D 313 44.59 -31.21 -22.64
N THR D 314 45.04 -30.38 -21.71
CA THR D 314 45.80 -29.19 -22.07
C THR D 314 47.27 -29.49 -21.75
N PRO D 315 48.19 -28.85 -22.48
CA PRO D 315 49.63 -29.04 -22.29
C PRO D 315 50.09 -28.85 -20.85
N VAL D 316 50.03 -27.61 -20.37
CA VAL D 316 50.46 -27.29 -19.01
C VAL D 316 49.56 -27.89 -17.93
N GLY D 317 48.26 -27.81 -18.14
CA GLY D 317 47.32 -28.35 -17.17
C GLY D 317 47.56 -29.79 -16.79
N ASP D 318 47.64 -30.67 -17.78
CA ASP D 318 47.86 -32.09 -17.52
C ASP D 318 49.18 -32.33 -16.77
N VAL D 319 50.21 -31.57 -17.10
CA VAL D 319 51.51 -31.72 -16.44
C VAL D 319 51.43 -31.32 -14.96
N LYS D 320 50.81 -30.17 -14.70
CA LYS D 320 50.68 -29.70 -13.33
C LYS D 320 49.92 -30.70 -12.48
N GLU D 321 48.83 -31.24 -13.03
CA GLU D 321 48.02 -32.21 -12.31
C GLU D 321 48.77 -33.49 -11.98
N LEU D 322 49.49 -34.02 -12.96
CA LEU D 322 50.24 -35.25 -12.77
C LEU D 322 51.28 -35.09 -11.66
N ALA D 323 51.95 -33.93 -11.66
CA ALA D 323 52.95 -33.64 -10.65
C ALA D 323 52.29 -33.60 -9.27
N ALA D 324 51.09 -33.03 -9.20
CA ALA D 324 50.36 -32.92 -7.94
C ALA D 324 49.95 -34.30 -7.44
N ILE D 325 49.49 -35.14 -8.37
CA ILE D 325 49.09 -36.49 -8.02
C ILE D 325 50.31 -37.24 -7.49
N ARG D 326 51.44 -37.06 -8.16
CA ARG D 326 52.68 -37.72 -7.77
C ARG D 326 53.08 -37.29 -6.35
N GLU D 327 52.96 -36.00 -6.07
CA GLU D 327 53.30 -35.45 -4.77
C GLU D 327 52.42 -36.00 -3.66
N VAL D 328 51.12 -36.14 -3.95
CA VAL D 328 50.18 -36.64 -2.96
C VAL D 328 50.32 -38.13 -2.67
N PHE D 329 50.40 -38.97 -3.71
CA PHE D 329 50.50 -40.41 -3.52
C PHE D 329 51.89 -41.03 -3.68
N GLY D 330 52.85 -40.24 -4.17
CA GLY D 330 54.19 -40.76 -4.35
C GLY D 330 54.19 -41.96 -5.28
N ASP D 331 54.71 -43.08 -4.80
CA ASP D 331 54.78 -44.30 -5.60
C ASP D 331 53.58 -45.22 -5.41
N LYS D 332 52.56 -44.75 -4.69
CA LYS D 332 51.37 -45.56 -4.46
C LYS D 332 50.16 -44.91 -5.12
N SER D 333 50.33 -44.57 -6.39
CA SER D 333 49.29 -43.94 -7.18
C SER D 333 48.06 -44.85 -7.33
N PRO D 334 46.86 -44.27 -7.25
CA PRO D 334 45.67 -45.10 -7.42
C PRO D 334 45.47 -45.27 -8.91
N ALA D 335 44.43 -45.99 -9.31
CA ALA D 335 44.15 -46.16 -10.73
C ALA D 335 43.65 -44.78 -11.16
N ILE D 336 44.13 -44.31 -12.30
CA ILE D 336 43.74 -42.99 -12.78
C ILE D 336 43.28 -42.99 -14.25
N SER D 337 42.25 -42.19 -14.54
CA SER D 337 41.76 -42.05 -15.91
C SER D 337 41.02 -40.72 -15.99
N ALA D 338 41.14 -40.05 -17.13
CA ALA D 338 40.48 -38.77 -17.36
C ALA D 338 39.30 -39.02 -18.28
N THR D 339 38.09 -39.02 -17.73
CA THR D 339 36.91 -39.25 -18.54
C THR D 339 36.67 -38.15 -19.58
N LYS D 340 37.30 -37.00 -19.40
CA LYS D 340 37.13 -35.91 -20.35
C LYS D 340 37.65 -36.29 -21.74
N ALA D 341 38.54 -37.28 -21.79
CA ALA D 341 39.08 -37.73 -23.08
C ALA D 341 37.97 -38.21 -23.99
N MET D 342 36.88 -38.70 -23.41
CA MET D 342 35.75 -39.15 -24.22
C MET D 342 34.50 -38.26 -24.07
N THR D 343 34.41 -37.53 -22.97
CA THR D 343 33.25 -36.66 -22.74
C THR D 343 33.43 -35.18 -23.08
N GLY D 344 34.68 -34.72 -23.08
CA GLY D 344 34.92 -33.31 -23.33
C GLY D 344 34.77 -32.63 -21.99
N HIS D 345 35.01 -31.32 -21.92
CA HIS D 345 34.92 -30.55 -20.68
C HIS D 345 33.59 -29.80 -20.56
N SER D 346 32.70 -30.27 -19.68
CA SER D 346 31.39 -29.63 -19.51
C SER D 346 31.44 -28.42 -18.56
N LEU D 347 32.65 -27.95 -18.28
CA LEU D 347 32.85 -26.78 -17.44
C LEU D 347 32.13 -26.83 -16.09
N GLY D 348 31.13 -25.97 -15.92
CA GLY D 348 30.38 -25.92 -14.68
C GLY D 348 29.68 -27.21 -14.30
N ALA D 349 29.39 -28.06 -15.28
CA ALA D 349 28.71 -29.32 -15.01
C ALA D 349 29.70 -30.47 -14.85
N ALA D 350 30.97 -30.22 -15.15
CA ALA D 350 31.99 -31.26 -15.05
C ALA D 350 32.10 -31.89 -13.66
N GLY D 351 32.05 -31.07 -12.62
CA GLY D 351 32.17 -31.57 -11.27
C GLY D 351 31.18 -32.66 -10.90
N VAL D 352 29.89 -32.41 -11.14
CA VAL D 352 28.87 -33.40 -10.81
C VAL D 352 28.84 -34.59 -11.77
N GLN D 353 29.10 -34.36 -13.06
CA GLN D 353 29.10 -35.46 -14.01
C GLN D 353 30.25 -36.43 -13.72
N GLU D 354 31.43 -35.88 -13.43
CA GLU D 354 32.57 -36.72 -13.15
C GLU D 354 32.37 -37.43 -11.81
N ALA D 355 31.63 -36.82 -10.89
CA ALA D 355 31.34 -37.43 -9.61
C ALA D 355 30.43 -38.62 -9.88
N ILE D 356 29.55 -38.45 -10.87
CA ILE D 356 28.61 -39.50 -11.24
C ILE D 356 29.34 -40.64 -11.96
N TYR D 357 30.31 -40.31 -12.82
CA TYR D 357 31.04 -41.37 -13.51
C TYR D 357 31.79 -42.19 -12.45
N SER D 358 32.32 -41.48 -11.45
CA SER D 358 33.06 -42.14 -10.37
C SER D 358 32.15 -43.02 -9.51
N LEU D 359 30.93 -42.56 -9.26
CA LEU D 359 29.97 -43.33 -8.47
C LEU D 359 29.55 -44.58 -9.22
N LEU D 360 29.41 -44.47 -10.55
CA LEU D 360 29.01 -45.60 -11.37
C LEU D 360 30.13 -46.64 -11.42
N MET D 361 31.37 -46.19 -11.43
CA MET D 361 32.51 -47.10 -11.46
C MET D 361 32.57 -47.85 -10.13
N LEU D 362 32.30 -47.13 -9.04
CA LEU D 362 32.31 -47.71 -7.70
C LEU D 362 31.13 -48.64 -7.52
N GLU D 363 29.98 -48.27 -8.09
CA GLU D 363 28.78 -49.06 -7.98
C GLU D 363 28.87 -50.36 -8.78
N HIS D 364 29.38 -50.26 -10.00
CA HIS D 364 29.49 -51.42 -10.87
C HIS D 364 30.87 -52.08 -10.91
N GLY D 365 31.75 -51.66 -10.00
CA GLY D 365 33.08 -52.23 -9.93
C GLY D 365 33.90 -52.30 -11.20
N PHE D 366 34.24 -51.15 -11.76
CA PHE D 366 35.04 -51.12 -12.97
C PHE D 366 35.71 -49.76 -13.08
N ILE D 367 36.78 -49.69 -13.86
CA ILE D 367 37.52 -48.46 -14.06
C ILE D 367 37.41 -48.04 -15.52
N ALA D 368 36.89 -46.83 -15.74
CA ALA D 368 36.74 -46.30 -17.09
C ALA D 368 38.12 -46.05 -17.67
N PRO D 369 38.29 -46.30 -18.98
CA PRO D 369 39.59 -46.08 -19.63
C PRO D 369 39.91 -44.64 -19.99
N SER D 370 41.20 -44.30 -19.95
CA SER D 370 41.64 -42.97 -20.31
C SER D 370 42.05 -43.15 -21.78
N ILE D 371 41.10 -42.90 -22.68
CA ILE D 371 41.31 -43.09 -24.11
C ILE D 371 42.16 -42.04 -24.82
N ASN D 372 42.42 -42.29 -26.11
CA ASN D 372 43.19 -41.40 -26.97
C ASN D 372 44.63 -41.16 -26.57
N ILE D 373 45.23 -42.12 -25.85
CA ILE D 373 46.61 -41.97 -25.45
C ILE D 373 47.52 -42.83 -26.33
N GLU D 374 48.12 -42.22 -27.35
CA GLU D 374 49.02 -42.92 -28.26
C GLU D 374 50.44 -42.87 -27.71
N GLU D 375 50.79 -41.75 -27.10
CA GLU D 375 52.10 -41.56 -26.51
C GLU D 375 51.95 -40.89 -25.15
N LEU D 376 51.92 -41.69 -24.09
CA LEU D 376 51.75 -41.19 -22.74
C LEU D 376 52.79 -40.12 -22.42
N ASP D 377 52.35 -39.04 -21.78
CA ASP D 377 53.25 -37.95 -21.42
C ASP D 377 54.33 -38.49 -20.49
N GLU D 378 55.51 -37.89 -20.55
CA GLU D 378 56.62 -38.32 -19.70
C GLU D 378 56.34 -38.05 -18.22
N GLN D 379 55.58 -37.01 -17.93
CA GLN D 379 55.25 -36.66 -16.56
C GLN D 379 54.39 -37.72 -15.87
N ALA D 380 53.80 -38.61 -16.66
CA ALA D 380 52.96 -39.66 -16.10
C ALA D 380 53.81 -40.84 -15.63
N ALA D 381 55.13 -40.62 -15.65
CA ALA D 381 56.12 -41.60 -15.23
C ALA D 381 55.63 -42.76 -14.37
N GLY D 382 55.81 -42.65 -13.06
CA GLY D 382 55.40 -43.72 -12.17
C GLY D 382 53.98 -43.70 -11.65
N LEU D 383 53.03 -43.32 -12.50
CA LEU D 383 51.63 -43.28 -12.09
C LEU D 383 50.89 -44.41 -12.79
N ASN D 384 49.70 -44.74 -12.29
CA ASN D 384 48.94 -45.81 -12.90
C ASN D 384 47.77 -45.29 -13.71
N ILE D 385 48.05 -44.90 -14.95
CA ILE D 385 47.01 -44.40 -15.85
C ILE D 385 46.39 -45.59 -16.57
N VAL D 386 45.11 -45.84 -16.29
CA VAL D 386 44.39 -46.96 -16.91
C VAL D 386 43.85 -46.54 -18.28
N THR D 387 44.30 -47.22 -19.32
CA THR D 387 43.88 -46.91 -20.69
C THR D 387 42.90 -47.93 -21.28
N GLU D 388 42.50 -48.90 -20.47
CA GLU D 388 41.58 -49.93 -20.94
C GLU D 388 40.59 -50.28 -19.84
N THR D 389 39.32 -50.43 -20.19
CA THR D 389 38.29 -50.76 -19.20
C THR D 389 38.76 -51.95 -18.38
N THR D 390 38.72 -51.80 -17.06
CA THR D 390 39.18 -52.85 -16.16
C THR D 390 38.20 -53.13 -15.03
N ASP D 391 37.74 -54.37 -14.93
CA ASP D 391 36.82 -54.74 -13.87
C ASP D 391 37.63 -54.83 -12.58
N ARG D 392 37.20 -54.08 -11.57
CA ARG D 392 37.92 -54.06 -10.30
C ARG D 392 36.96 -53.68 -9.18
N GLU D 393 37.09 -54.34 -8.04
CA GLU D 393 36.24 -54.05 -6.90
C GLU D 393 36.77 -52.83 -6.17
N LEU D 394 36.14 -51.69 -6.44
CA LEU D 394 36.55 -50.43 -5.84
C LEU D 394 35.81 -50.21 -4.52
N THR D 395 36.45 -49.48 -3.60
CA THR D 395 35.84 -49.19 -2.31
C THR D 395 35.83 -47.69 -2.04
N THR D 396 36.93 -47.03 -2.41
CA THR D 396 37.08 -45.58 -2.20
C THR D 396 37.51 -44.90 -3.50
N VAL D 397 36.75 -43.90 -3.94
CA VAL D 397 37.07 -43.18 -5.16
C VAL D 397 37.24 -41.69 -4.91
N MET D 398 38.00 -41.03 -5.79
CA MET D 398 38.26 -39.61 -5.66
C MET D 398 38.07 -38.90 -7.01
N SER D 399 37.57 -37.67 -6.97
CA SER D 399 37.37 -36.88 -8.18
C SER D 399 37.87 -35.46 -7.92
N ASN D 400 38.77 -34.98 -8.78
CA ASN D 400 39.35 -33.65 -8.67
C ASN D 400 38.76 -32.67 -9.68
N SER D 401 38.58 -31.42 -9.26
CA SER D 401 38.06 -30.39 -10.13
C SER D 401 38.85 -29.09 -9.91
N PHE D 402 39.31 -28.48 -11.01
CA PHE D 402 40.07 -27.24 -10.96
C PHE D 402 39.44 -26.19 -11.87
N GLY D 403 39.41 -24.94 -11.42
CA GLY D 403 38.86 -23.89 -12.23
C GLY D 403 39.72 -22.65 -12.29
N PHE D 404 39.49 -21.81 -13.29
CA PHE D 404 40.24 -20.57 -13.42
C PHE D 404 40.06 -19.79 -12.13
N GLY D 405 41.05 -18.98 -11.79
CA GLY D 405 40.98 -18.23 -10.55
C GLY D 405 41.67 -19.02 -9.46
N GLY D 406 42.31 -20.12 -9.85
CA GLY D 406 43.01 -20.96 -8.91
C GLY D 406 42.11 -21.58 -7.86
N THR D 407 40.92 -22.00 -8.26
CA THR D 407 39.98 -22.61 -7.34
C THR D 407 40.03 -24.14 -7.46
N ASN D 408 40.10 -24.83 -6.33
CA ASN D 408 40.21 -26.28 -6.30
C ASN D 408 39.14 -26.97 -5.48
N ALA D 409 38.66 -28.10 -5.97
CA ALA D 409 37.66 -28.88 -5.27
C ALA D 409 37.98 -30.36 -5.43
N THR D 410 37.87 -31.11 -4.34
CA THR D 410 38.11 -32.54 -4.39
C THR D 410 37.05 -33.25 -3.57
N LEU D 411 36.53 -34.34 -4.12
CA LEU D 411 35.52 -35.13 -3.44
C LEU D 411 36.01 -36.57 -3.34
N VAL D 412 35.78 -37.20 -2.18
CA VAL D 412 36.16 -38.59 -1.96
C VAL D 412 34.90 -39.32 -1.52
N MET D 413 34.56 -40.38 -2.26
CA MET D 413 33.37 -41.16 -2.00
C MET D 413 33.75 -42.59 -1.63
N ARG D 414 33.05 -43.16 -0.67
CA ARG D 414 33.35 -44.52 -0.23
C ARG D 414 32.11 -45.34 0.07
N LYS D 415 32.12 -46.60 -0.35
CA LYS D 415 31.00 -47.49 -0.10
C LYS D 415 30.71 -47.51 1.39
N LEU D 416 29.45 -47.73 1.74
CA LEU D 416 29.03 -47.78 3.13
C LEU D 416 29.18 -49.22 3.62
N LYS D 417 29.85 -49.39 4.76
CA LYS D 417 30.06 -50.72 5.32
C LYS D 417 28.75 -51.46 5.60
N ASP D 418 27.87 -50.88 6.27
N NH4 E . -19.00 2.59 13.81
O1 DAO F . -21.30 7.80 2.99
C1 DAO F . -22.23 6.97 2.86
C2 DAO F . -22.73 6.71 1.45
C3 DAO F . -23.58 7.86 0.94
C4 DAO F . -24.84 7.99 1.77
C5 DAO F . -25.51 9.32 1.57
C6 DAO F . -26.87 9.33 2.25
C7 DAO F . -27.95 8.80 1.32
C8 DAO F . -28.27 9.83 0.23
C9 DAO F . -29.08 9.24 -0.90
C10 DAO F . -29.52 10.33 -1.87
C11 DAO F . -30.20 9.74 -3.11
C12 DAO F . -29.26 9.00 -4.04
N NH4 G . -32.87 37.65 6.14
O1 DAO H . -38.38 26.91 5.51
C1 DAO H . -38.43 27.20 4.30
C2 DAO H . -39.47 26.47 3.46
C3 DAO H . -39.13 25.01 3.29
C4 DAO H . -37.79 24.83 2.60
C5 DAO H . -37.32 23.38 2.66
C6 DAO H . -35.96 23.23 2.01
C7 DAO H . -36.02 23.26 0.49
C8 DAO H . -36.26 21.87 -0.10
C9 DAO H . -37.63 21.32 0.26
C10 DAO H . -37.78 19.85 -0.13
C11 DAO H . -37.57 19.63 -1.62
C12 DAO H . -37.67 18.19 -2.04
N NH4 I . 18.69 -5.50 3.24
O1 DAO J . 16.80 -10.78 -7.42
C1 DAO J . 17.20 -9.70 -7.92
C2 DAO J . 16.84 -9.44 -9.37
C3 DAO J . 17.52 -10.42 -10.30
C4 DAO J . 19.05 -10.26 -10.27
C5 DAO J . 19.73 -11.36 -11.09
C6 DAO J . 21.22 -11.10 -11.23
C7 DAO J . 21.51 -9.88 -12.10
C8 DAO J . 21.00 -10.08 -13.53
C9 DAO J . 21.92 -10.98 -14.35
C10 DAO J . 21.27 -11.41 -15.67
C11 DAO J . 20.93 -10.22 -16.56
C12 DAO J . 20.10 -10.58 -17.78
N NH4 K . 37.09 -35.16 -11.95
O1 DAO L . 37.79 -23.44 -15.06
C1 DAO L . 37.29 -23.82 -16.15
C2 DAO L . 37.47 -22.90 -17.33
C3 DAO L . 36.70 -21.61 -17.18
C4 DAO L . 35.21 -21.91 -17.09
C5 DAO L . 34.44 -20.72 -16.58
C6 DAO L . 32.94 -20.99 -16.60
C7 DAO L . 32.33 -20.71 -17.97
C8 DAO L . 32.39 -19.23 -18.29
C9 DAO L . 31.64 -18.89 -19.56
C10 DAO L . 31.71 -17.40 -19.89
C11 DAO L . 33.15 -16.95 -20.10
C12 DAO L . 33.88 -17.71 -21.20
#